data_8YBB
#
_entry.id   8YBB
#
_cell.length_a   86.901
_cell.length_b   146.848
_cell.length_c   145.804
_cell.angle_alpha   90.00
_cell.angle_beta   107.01
_cell.angle_gamma   90.00
#
_symmetry.space_group_name_H-M   'C 1 2 1'
#
_entity_poly.entity_id   1
_entity_poly.type   'polypeptide(L)'
_entity_poly.pdbx_seq_one_letter_code
;GGGGRSVDTMALWLGLRAVLVVAGLAVLLQLIRGWLSSKSYVFNREEIARLAKEHSGLDYEVAFSKIIVELRKKHPGHIL
QDEDLQWVFVNAGGWMGSMCLLHASLTEYVLLFGTAVDTGGHSGRYWAEISDTILSGTFRQWKEGTTKSEIFYPGDTIVH
EVGEATSVQWSSGTWMVEYGRGFIPSTLAFALADTIFSTQDFLTLFYTVKVYSKALLLEASTHLSQLGFFAAA
;
_entity_poly.pdbx_strand_id   A,B,C,D,E,F
#
# COMPACT_ATOMS: atom_id res chain seq x y z
N SER A 6 8.64 -18.09 -24.70
CA SER A 6 8.73 -19.38 -24.04
C SER A 6 9.02 -19.22 -22.55
N VAL A 7 9.98 -18.36 -22.21
CA VAL A 7 10.29 -18.10 -20.81
C VAL A 7 9.21 -17.22 -20.17
N ASP A 8 8.76 -16.20 -20.91
CA ASP A 8 7.70 -15.35 -20.39
C ASP A 8 6.41 -16.13 -20.18
N THR A 9 6.16 -17.13 -21.04
CA THR A 9 5.00 -18.00 -20.85
C THR A 9 5.11 -18.77 -19.53
N MET A 10 6.30 -19.31 -19.23
CA MET A 10 6.49 -20.03 -17.99
C MET A 10 6.32 -19.11 -16.78
N ALA A 11 6.88 -17.91 -16.85
CA ALA A 11 6.72 -16.96 -15.75
C ALA A 11 5.26 -16.59 -15.54
N LEU A 12 4.53 -16.35 -16.63
CA LEU A 12 3.11 -16.02 -16.52
C LEU A 12 2.31 -17.18 -15.94
N TRP A 13 2.63 -18.41 -16.36
CA TRP A 13 1.92 -19.58 -15.82
C TRP A 13 2.19 -19.75 -14.33
N LEU A 14 3.44 -19.52 -13.90
CA LEU A 14 3.76 -19.60 -12.48
C LEU A 14 3.02 -18.54 -11.68
N GLY A 15 2.99 -17.31 -12.20
CA GLY A 15 2.23 -16.26 -11.52
C GLY A 15 0.74 -16.59 -11.44
N LEU A 16 0.18 -17.15 -12.53
CA LEU A 16 -1.22 -17.54 -12.51
C LEU A 16 -1.48 -18.64 -11.49
N ARG A 17 -0.56 -19.60 -11.37
CA ARG A 17 -0.74 -20.66 -10.39
C ARG A 17 -0.64 -20.12 -8.97
N ALA A 18 0.25 -19.14 -8.74
CA ALA A 18 0.34 -18.51 -7.44
C ALA A 18 -0.96 -17.79 -7.09
N VAL A 19 -1.49 -16.99 -8.02
CA VAL A 19 -2.76 -16.33 -7.79
C VAL A 19 -3.86 -17.35 -7.56
N LEU A 20 -3.79 -18.49 -8.27
CA LEU A 20 -4.78 -19.55 -8.13
C LEU A 20 -4.78 -20.09 -6.71
N VAL A 21 -3.61 -20.45 -6.19
CA VAL A 21 -3.55 -21.03 -4.85
C VAL A 21 -3.89 -19.99 -3.78
N VAL A 22 -3.51 -18.72 -4.00
CA VAL A 22 -3.86 -17.68 -3.03
C VAL A 22 -5.36 -17.49 -2.96
N ALA A 23 -6.02 -17.41 -4.13
CA ALA A 23 -7.47 -17.25 -4.14
C ALA A 23 -8.17 -18.47 -3.56
N GLY A 24 -7.63 -19.67 -3.83
CA GLY A 24 -8.19 -20.86 -3.24
C GLY A 24 -8.10 -20.88 -1.73
N LEU A 25 -6.95 -20.46 -1.20
CA LEU A 25 -6.80 -20.34 0.25
C LEU A 25 -7.75 -19.31 0.84
N ALA A 26 -7.94 -18.19 0.14
CA ALA A 26 -8.89 -17.19 0.61
C ALA A 26 -10.30 -17.76 0.68
N VAL A 27 -10.72 -18.46 -0.38
CA VAL A 27 -12.06 -19.06 -0.40
C VAL A 27 -12.18 -20.12 0.69
N LEU A 28 -11.12 -20.91 0.91
CA LEU A 28 -11.15 -21.93 1.94
C LEU A 28 -11.27 -21.32 3.34
N LEU A 29 -10.56 -20.22 3.58
CA LEU A 29 -10.66 -19.55 4.87
C LEU A 29 -12.06 -18.98 5.08
N GLN A 30 -12.65 -18.40 4.02
CA GLN A 30 -14.02 -17.91 4.12
C GLN A 30 -15.00 -19.04 4.42
N LEU A 31 -14.85 -20.18 3.74
CA LEU A 31 -15.74 -21.32 3.98
C LEU A 31 -15.59 -21.86 5.39
N ILE A 32 -14.35 -21.92 5.89
CA ILE A 32 -14.12 -22.46 7.23
C ILE A 32 -14.69 -21.51 8.28
N ARG A 33 -14.53 -20.21 8.09
CA ARG A 33 -15.10 -19.25 9.03
C ARG A 33 -16.63 -19.23 8.94
N GLY A 34 -17.19 -19.56 7.77
CA GLY A 34 -18.63 -19.62 7.64
C GLY A 34 -19.25 -20.84 8.30
N TRP A 35 -18.66 -22.02 8.07
CA TRP A 35 -19.21 -23.24 8.68
C TRP A 35 -19.06 -23.25 10.20
N LEU A 36 -17.84 -23.03 10.69
CA LEU A 36 -17.60 -23.08 12.13
C LEU A 36 -18.13 -21.84 12.85
N SER A 37 -18.99 -21.07 12.17
CA SER A 37 -19.58 -19.91 12.81
C SER A 37 -20.73 -20.35 13.71
N SER A 38 -21.17 -19.43 14.57
CA SER A 38 -22.28 -19.70 15.47
C SER A 38 -23.59 -19.83 14.70
N LYS A 39 -24.49 -20.64 15.22
CA LYS A 39 -25.79 -20.90 14.60
C LYS A 39 -26.91 -20.66 15.59
N SER A 40 -26.74 -19.64 16.44
CA SER A 40 -27.80 -19.20 17.36
C SER A 40 -28.65 -18.20 16.61
N TYR A 41 -29.88 -18.61 16.27
CA TYR A 41 -30.74 -17.84 15.38
C TYR A 41 -31.92 -17.27 16.15
N VAL A 42 -32.18 -15.98 15.95
CA VAL A 42 -33.33 -15.32 16.56
C VAL A 42 -34.54 -15.37 15.64
N PHE A 43 -34.33 -15.13 14.35
CA PHE A 43 -35.38 -15.14 13.34
C PHE A 43 -35.25 -16.38 12.47
N ASN A 44 -36.18 -16.51 11.53
CA ASN A 44 -36.10 -17.49 10.46
C ASN A 44 -36.51 -16.80 9.16
N ARG A 45 -35.92 -17.24 8.06
CA ARG A 45 -36.15 -16.53 6.80
C ARG A 45 -37.60 -16.61 6.36
N GLU A 46 -38.31 -17.68 6.71
CA GLU A 46 -39.72 -17.79 6.34
C GLU A 46 -40.57 -16.77 7.10
N GLU A 47 -40.22 -16.50 8.36
CA GLU A 47 -40.96 -15.50 9.12
C GLU A 47 -40.86 -14.11 8.47
N ILE A 48 -39.64 -13.69 8.17
CA ILE A 48 -39.44 -12.38 7.54
C ILE A 48 -40.07 -12.35 6.16
N ALA A 49 -39.95 -13.45 5.41
CA ALA A 49 -40.52 -13.51 4.07
C ALA A 49 -42.04 -13.36 4.11
N ARG A 50 -42.70 -14.06 5.03
CA ARG A 50 -44.15 -13.95 5.14
C ARG A 50 -44.55 -12.56 5.64
N LEU A 51 -43.81 -12.00 6.60
CA LEU A 51 -44.14 -10.67 7.10
C LEU A 51 -44.03 -9.63 6.00
N ALA A 52 -43.05 -9.77 5.11
CA ALA A 52 -42.89 -8.80 4.03
C ALA A 52 -43.93 -9.04 2.93
N LYS A 53 -44.21 -10.30 2.59
CA LYS A 53 -45.18 -10.59 1.56
C LYS A 53 -46.59 -10.20 1.98
N GLU A 54 -46.88 -10.23 3.28
CA GLU A 54 -48.21 -9.86 3.76
C GLU A 54 -48.52 -8.39 3.51
N HIS A 55 -47.50 -7.53 3.60
CA HIS A 55 -47.68 -6.09 3.44
C HIS A 55 -47.09 -5.56 2.13
N SER A 56 -46.83 -6.44 1.17
CA SER A 56 -46.24 -6.01 -0.10
C SER A 56 -47.25 -5.29 -0.99
N GLY A 57 -48.55 -5.41 -0.71
CA GLY A 57 -49.54 -4.78 -1.55
C GLY A 57 -49.80 -3.32 -1.26
N LEU A 58 -49.44 -2.85 -0.07
CA LEU A 58 -49.63 -1.45 0.30
C LEU A 58 -48.51 -0.60 -0.28
N ASP A 59 -48.55 0.70 0.00
CA ASP A 59 -47.44 1.57 -0.33
C ASP A 59 -46.21 1.16 0.46
N TYR A 60 -45.03 1.31 -0.14
CA TYR A 60 -43.83 0.74 0.45
C TYR A 60 -43.45 1.43 1.75
N GLU A 61 -43.84 2.70 1.92
CA GLU A 61 -43.57 3.38 3.19
C GLU A 61 -44.48 2.86 4.30
N VAL A 62 -45.78 2.72 4.00
CA VAL A 62 -46.70 2.11 4.96
C VAL A 62 -46.28 0.68 5.25
N ALA A 63 -45.80 -0.03 4.23
CA ALA A 63 -45.32 -1.39 4.44
C ALA A 63 -44.12 -1.42 5.37
N PHE A 64 -43.16 -0.51 5.16
CA PHE A 64 -42.02 -0.39 6.07
C PHE A 64 -42.49 -0.17 7.51
N SER A 65 -43.42 0.79 7.69
CA SER A 65 -43.88 1.13 9.03
C SER A 65 -44.55 -0.06 9.70
N LYS A 66 -45.45 -0.74 8.98
CA LYS A 66 -46.17 -1.86 9.57
C LYS A 66 -45.23 -3.04 9.85
N ILE A 67 -44.25 -3.27 8.97
CA ILE A 67 -43.31 -4.37 9.21
C ILE A 67 -42.45 -4.07 10.43
N ILE A 68 -42.01 -2.82 10.58
CA ILE A 68 -41.23 -2.45 11.76
C ILE A 68 -42.06 -2.61 13.03
N VAL A 69 -43.33 -2.20 12.98
CA VAL A 69 -44.20 -2.33 14.15
C VAL A 69 -44.39 -3.80 14.51
N GLU A 70 -44.62 -4.65 13.51
CA GLU A 70 -44.83 -6.06 13.78
C GLU A 70 -43.56 -6.71 14.32
N LEU A 71 -42.40 -6.31 13.79
CA LEU A 71 -41.14 -6.86 14.29
C LEU A 71 -40.89 -6.45 15.74
N ARG A 72 -41.19 -5.21 16.09
CA ARG A 72 -41.05 -4.78 17.47
C ARG A 72 -42.08 -5.45 18.38
N LYS A 73 -43.25 -5.80 17.83
CA LYS A 73 -44.26 -6.48 18.64
C LYS A 73 -43.86 -7.92 18.93
N LYS A 74 -43.36 -8.63 17.91
CA LYS A 74 -43.00 -10.03 18.08
C LYS A 74 -41.57 -10.21 18.59
N HIS A 75 -40.70 -9.23 18.38
CA HIS A 75 -39.31 -9.26 18.86
C HIS A 75 -38.96 -7.87 19.35
N PRO A 76 -39.31 -7.56 20.60
CA PRO A 76 -39.11 -6.19 21.09
C PRO A 76 -37.66 -5.80 21.31
N GLY A 77 -36.91 -6.60 22.07
CA GLY A 77 -35.53 -6.29 22.37
C GLY A 77 -34.54 -6.52 21.25
N HIS A 78 -35.05 -6.86 20.06
CA HIS A 78 -34.19 -7.20 18.93
C HIS A 78 -34.31 -6.24 17.74
N ILE A 79 -35.11 -5.17 17.85
CA ILE A 79 -35.26 -4.20 16.78
C ILE A 79 -34.82 -2.84 17.28
N LEU A 80 -34.07 -2.11 16.45
CA LEU A 80 -33.57 -0.80 16.83
C LEU A 80 -34.73 0.18 17.06
N GLN A 81 -34.45 1.20 17.86
CA GLN A 81 -35.45 2.22 18.15
C GLN A 81 -35.64 3.15 16.95
N ASP A 82 -36.69 3.96 17.02
CA ASP A 82 -36.93 4.94 15.97
C ASP A 82 -35.82 5.98 15.90
N GLU A 83 -35.19 6.28 17.05
CA GLU A 83 -34.07 7.21 17.08
C GLU A 83 -32.84 6.65 16.40
N ASP A 84 -32.73 5.33 16.27
CA ASP A 84 -31.58 4.68 15.67
C ASP A 84 -31.78 4.30 14.21
N LEU A 85 -32.99 4.47 13.67
CA LEU A 85 -33.26 4.15 12.28
C LEU A 85 -32.74 5.26 11.38
N GLN A 86 -32.09 4.87 10.28
CA GLN A 86 -31.49 5.84 9.37
C GLN A 86 -31.27 5.18 8.02
N TRP A 87 -31.52 5.94 6.95
CA TRP A 87 -31.22 5.48 5.61
C TRP A 87 -29.75 5.77 5.29
N VAL A 88 -28.99 4.72 5.02
CA VAL A 88 -27.57 4.81 4.75
C VAL A 88 -27.30 4.26 3.35
N PHE A 89 -26.57 5.01 2.54
CA PHE A 89 -26.21 4.54 1.21
C PHE A 89 -25.37 3.28 1.28
N VAL A 90 -25.47 2.46 0.23
CA VAL A 90 -24.76 1.19 0.14
C VAL A 90 -24.24 1.08 -1.29
N ASN A 91 -22.94 1.24 -1.47
CA ASN A 91 -22.29 1.11 -2.76
C ASN A 91 -21.46 -0.17 -2.74
N ALA A 92 -21.78 -1.11 -3.63
CA ALA A 92 -21.11 -2.40 -3.62
C ALA A 92 -21.27 -3.06 -4.99
N GLY A 93 -20.20 -3.71 -5.44
CA GLY A 93 -20.24 -4.49 -6.67
C GLY A 93 -20.66 -3.73 -7.91
N GLY A 94 -20.56 -2.41 -7.89
CA GLY A 94 -20.98 -1.59 -9.00
C GLY A 94 -22.36 -1.00 -8.88
N TRP A 95 -23.17 -1.47 -7.95
CA TRP A 95 -24.51 -0.95 -7.75
C TRP A 95 -24.57 -0.07 -6.50
N MET A 96 -25.62 0.75 -6.45
CA MET A 96 -25.82 1.72 -5.38
C MET A 96 -27.27 1.68 -4.93
N GLY A 97 -27.48 1.45 -3.63
CA GLY A 97 -28.80 1.50 -3.05
C GLY A 97 -28.76 2.15 -1.67
N SER A 98 -29.76 1.88 -0.83
CA SER A 98 -29.77 2.39 0.52
C SER A 98 -30.43 1.38 1.42
N MET A 99 -30.02 1.37 2.69
CA MET A 99 -30.47 0.41 3.68
C MET A 99 -30.92 1.11 4.94
N CYS A 100 -31.82 0.44 5.67
CA CYS A 100 -32.20 0.82 7.02
C CYS A 100 -32.14 -0.44 7.88
N LEU A 101 -31.14 -0.50 8.75
CA LEU A 101 -30.89 -1.69 9.55
C LEU A 101 -31.84 -1.73 10.75
N LEU A 102 -32.50 -2.86 10.96
CA LEU A 102 -33.38 -3.08 12.10
C LEU A 102 -32.79 -4.02 13.13
N HIS A 103 -32.17 -5.12 12.68
CA HIS A 103 -31.52 -6.08 13.54
C HIS A 103 -30.20 -6.49 12.91
N ALA A 104 -29.19 -6.72 13.75
CA ALA A 104 -27.88 -7.17 13.27
C ALA A 104 -27.12 -7.75 14.44
N SER A 105 -26.68 -9.00 14.32
CA SER A 105 -25.88 -9.66 15.35
C SER A 105 -24.65 -10.26 14.67
N LEU A 106 -23.96 -11.15 15.39
CA LEU A 106 -22.83 -11.86 14.80
C LEU A 106 -23.27 -12.90 13.79
N THR A 107 -24.52 -13.36 13.87
CA THR A 107 -25.01 -14.43 13.02
C THR A 107 -26.23 -14.07 12.18
N GLU A 108 -26.86 -12.92 12.45
CA GLU A 108 -28.07 -12.54 11.72
C GLU A 108 -28.11 -11.04 11.53
N TYR A 109 -28.87 -10.63 10.53
CA TYR A 109 -29.16 -9.21 10.32
C TYR A 109 -30.46 -9.07 9.54
N VAL A 110 -31.17 -7.99 9.82
CA VAL A 110 -32.43 -7.66 9.15
C VAL A 110 -32.37 -6.20 8.74
N LEU A 111 -32.78 -5.89 7.51
CA LEU A 111 -32.80 -4.51 7.07
C LEU A 111 -33.82 -4.32 5.96
N LEU A 112 -34.11 -3.06 5.66
CA LEU A 112 -34.93 -2.67 4.53
C LEU A 112 -34.01 -2.06 3.48
N PHE A 113 -33.93 -2.68 2.31
CA PHE A 113 -32.98 -2.27 1.29
C PHE A 113 -33.71 -1.90 0.00
N GLY A 114 -33.18 -0.92 -0.71
CA GLY A 114 -33.76 -0.58 -1.99
C GLY A 114 -33.14 0.66 -2.60
N THR A 115 -33.54 0.93 -3.83
CA THR A 115 -33.05 2.06 -4.60
C THR A 115 -34.21 2.76 -5.29
N ALA A 116 -34.09 4.09 -5.41
CA ALA A 116 -35.07 4.89 -6.12
C ALA A 116 -34.68 5.15 -7.56
N VAL A 117 -33.54 4.62 -8.01
CA VAL A 117 -33.06 4.78 -9.38
C VAL A 117 -32.68 3.40 -9.91
N ASP A 118 -32.57 3.31 -11.23
CA ASP A 118 -32.14 2.08 -11.87
C ASP A 118 -30.67 1.81 -11.54
N THR A 119 -30.38 0.60 -11.05
CA THR A 119 -29.01 0.26 -10.70
C THR A 119 -28.82 -1.25 -10.87
N GLY A 120 -27.57 -1.67 -10.78
CA GLY A 120 -27.26 -3.07 -10.96
C GLY A 120 -25.77 -3.35 -10.93
N GLY A 121 -25.41 -4.59 -10.64
CA GLY A 121 -24.01 -4.98 -10.62
C GLY A 121 -23.85 -6.39 -10.10
N HIS A 122 -22.72 -6.61 -9.42
CA HIS A 122 -22.43 -7.90 -8.84
C HIS A 122 -23.25 -8.12 -7.58
N SER A 123 -23.83 -9.32 -7.44
CA SER A 123 -24.55 -9.65 -6.22
C SER A 123 -23.63 -9.68 -5.02
N GLY A 124 -22.34 -9.94 -5.25
CA GLY A 124 -21.39 -10.16 -4.18
C GLY A 124 -21.24 -11.64 -3.91
N ARG A 125 -20.01 -12.13 -3.88
CA ARG A 125 -19.81 -13.55 -3.63
C ARG A 125 -20.35 -13.89 -2.25
N TYR A 126 -21.51 -14.54 -2.21
CA TYR A 126 -22.15 -14.83 -0.94
C TYR A 126 -21.34 -15.87 -0.19
N TRP A 127 -21.12 -15.62 1.10
CA TRP A 127 -20.68 -16.65 2.03
C TRP A 127 -21.58 -16.68 3.26
N ALA A 128 -22.80 -16.15 3.11
CA ALA A 128 -23.87 -16.28 4.07
C ALA A 128 -25.17 -16.37 3.28
N GLU A 129 -26.23 -16.83 3.95
CA GLU A 129 -27.51 -17.05 3.29
C GLU A 129 -28.37 -15.80 3.40
N ILE A 130 -28.85 -15.30 2.27
CA ILE A 130 -29.62 -14.05 2.22
C ILE A 130 -30.99 -14.34 1.62
N SER A 131 -31.98 -13.56 2.04
CA SER A 131 -33.33 -13.66 1.49
C SER A 131 -33.90 -12.27 1.31
N ASP A 132 -34.42 -11.99 0.11
CA ASP A 132 -35.01 -10.69 -0.21
C ASP A 132 -36.43 -10.89 -0.69
N THR A 133 -37.39 -10.34 0.05
CA THR A 133 -38.80 -10.36 -0.33
C THR A 133 -39.18 -8.97 -0.85
N ILE A 134 -39.59 -8.91 -2.11
CA ILE A 134 -39.81 -7.63 -2.77
C ILE A 134 -41.11 -7.00 -2.28
N LEU A 135 -41.04 -5.73 -1.92
CA LEU A 135 -42.22 -4.93 -1.61
C LEU A 135 -42.68 -4.10 -2.80
N SER A 136 -41.75 -3.55 -3.57
CA SER A 136 -42.08 -2.79 -4.76
C SER A 136 -40.91 -2.88 -5.73
N GLY A 137 -41.22 -2.71 -7.02
CA GLY A 137 -40.19 -2.76 -8.04
C GLY A 137 -39.94 -4.16 -8.55
N THR A 138 -38.85 -4.30 -9.31
CA THR A 138 -38.48 -5.57 -9.91
C THR A 138 -37.05 -5.93 -9.53
N PHE A 139 -36.75 -7.23 -9.54
CA PHE A 139 -35.43 -7.75 -9.22
C PHE A 139 -35.05 -8.70 -10.34
N ARG A 140 -34.05 -8.32 -11.14
CA ARG A 140 -33.52 -9.19 -12.18
C ARG A 140 -32.27 -9.88 -11.67
N GLN A 141 -32.31 -11.21 -11.62
CA GLN A 141 -31.19 -12.03 -11.16
C GLN A 141 -30.65 -12.85 -12.32
N TRP A 142 -29.33 -12.80 -12.51
CA TRP A 142 -28.64 -13.54 -13.55
C TRP A 142 -27.66 -14.48 -12.86
N LYS A 143 -28.05 -15.75 -12.69
CA LYS A 143 -27.22 -16.70 -11.98
C LYS A 143 -25.92 -16.98 -12.74
N GLU A 144 -24.95 -17.54 -12.02
CA GLU A 144 -23.66 -17.85 -12.60
C GLU A 144 -23.76 -19.11 -13.45
N GLY A 145 -23.05 -19.10 -14.58
CA GLY A 145 -23.02 -20.25 -15.47
C GLY A 145 -24.13 -20.31 -16.49
N THR A 146 -25.13 -19.44 -16.39
CA THR A 146 -26.23 -19.41 -17.34
C THR A 146 -26.17 -18.13 -18.17
N THR A 147 -26.84 -18.16 -19.32
CA THR A 147 -26.86 -17.04 -20.25
C THR A 147 -28.19 -16.31 -20.27
N LYS A 148 -29.09 -16.62 -19.34
CA LYS A 148 -30.40 -15.98 -19.28
C LYS A 148 -30.68 -15.54 -17.85
N SER A 149 -31.50 -14.50 -17.71
CA SER A 149 -31.85 -13.93 -16.43
C SER A 149 -33.31 -14.22 -16.08
N GLU A 150 -33.65 -13.95 -14.82
CA GLU A 150 -35.00 -14.14 -14.32
C GLU A 150 -35.48 -12.86 -13.64
N ILE A 151 -36.77 -12.57 -13.80
CA ILE A 151 -37.39 -11.38 -13.23
C ILE A 151 -38.22 -11.80 -12.02
N PHE A 152 -38.20 -10.98 -10.98
CA PHE A 152 -38.97 -11.20 -9.77
C PHE A 152 -39.73 -9.92 -9.42
N TYR A 153 -40.96 -10.10 -8.93
CA TYR A 153 -41.90 -9.00 -8.73
C TYR A 153 -42.29 -8.91 -7.27
N PRO A 154 -43.01 -7.86 -6.85
CA PRO A 154 -43.46 -7.78 -5.45
C PRO A 154 -44.22 -9.02 -5.02
N GLY A 155 -43.88 -9.53 -3.84
CA GLY A 155 -44.40 -10.77 -3.33
C GLY A 155 -43.44 -11.94 -3.47
N ASP A 156 -42.60 -11.92 -4.50
CA ASP A 156 -41.61 -12.96 -4.68
C ASP A 156 -40.51 -12.83 -3.62
N THR A 157 -39.82 -13.95 -3.37
CA THR A 157 -38.71 -14.00 -2.42
C THR A 157 -37.53 -14.68 -3.09
N ILE A 158 -36.47 -13.91 -3.34
CA ILE A 158 -35.25 -14.43 -3.91
C ILE A 158 -34.33 -14.88 -2.79
N VAL A 159 -33.88 -16.13 -2.85
CA VAL A 159 -33.00 -16.71 -1.84
C VAL A 159 -31.61 -16.82 -2.46
N HIS A 160 -30.67 -16.07 -1.92
CA HIS A 160 -29.27 -16.14 -2.31
C HIS A 160 -28.58 -17.14 -1.38
N GLU A 161 -28.20 -18.28 -1.94
CA GLU A 161 -27.70 -19.41 -1.15
C GLU A 161 -26.25 -19.17 -0.73
N VAL A 162 -25.65 -20.19 -0.12
CA VAL A 162 -24.34 -20.02 0.50
C VAL A 162 -23.25 -19.83 -0.56
N GLY A 163 -23.27 -20.64 -1.61
CA GLY A 163 -22.24 -20.59 -2.63
C GLY A 163 -22.52 -19.74 -3.84
N GLU A 164 -23.70 -19.13 -3.92
CA GLU A 164 -24.13 -18.47 -5.15
C GLU A 164 -23.45 -17.13 -5.36
N ALA A 165 -23.16 -16.82 -6.62
CA ALA A 165 -22.81 -15.47 -7.05
C ALA A 165 -23.58 -15.18 -8.33
N THR A 166 -24.21 -14.01 -8.40
CA THR A 166 -25.10 -13.68 -9.50
C THR A 166 -24.89 -12.23 -9.89
N SER A 167 -25.63 -11.81 -10.92
CA SER A 167 -25.70 -10.41 -11.34
C SER A 167 -27.09 -9.89 -10.95
N VAL A 168 -27.11 -8.89 -10.09
CA VAL A 168 -28.36 -8.32 -9.60
C VAL A 168 -28.66 -7.03 -10.34
N GLN A 169 -29.94 -6.74 -10.51
CA GLN A 169 -30.37 -5.49 -11.11
C GLN A 169 -31.71 -5.08 -10.53
N TRP A 170 -31.83 -3.80 -10.16
CA TRP A 170 -33.05 -3.27 -9.57
C TRP A 170 -33.50 -2.03 -10.33
N SER A 171 -34.77 -2.00 -10.69
CA SER A 171 -35.36 -0.85 -11.37
C SER A 171 -35.62 0.28 -10.38
N SER A 172 -35.94 1.45 -10.93
CA SER A 172 -36.19 2.62 -10.10
C SER A 172 -37.38 2.40 -9.17
N GLY A 173 -37.21 2.75 -7.91
CA GLY A 173 -38.28 2.58 -6.94
C GLY A 173 -38.45 1.18 -6.42
N THR A 174 -37.38 0.38 -6.43
CA THR A 174 -37.44 -0.99 -5.94
C THR A 174 -37.07 -1.02 -4.46
N TRP A 175 -37.94 -1.64 -3.66
CA TRP A 175 -37.75 -1.69 -2.21
C TRP A 175 -38.15 -3.07 -1.72
N MET A 176 -37.38 -3.60 -0.76
CA MET A 176 -37.56 -4.97 -0.31
C MET A 176 -37.03 -5.08 1.13
N VAL A 177 -37.37 -6.20 1.76
CA VAL A 177 -36.92 -6.52 3.11
C VAL A 177 -35.94 -7.68 3.02
N GLU A 178 -34.76 -7.51 3.62
CA GLU A 178 -33.67 -8.48 3.50
C GLU A 178 -33.33 -9.04 4.88
N TYR A 179 -33.22 -10.36 4.97
CA TYR A 179 -32.81 -11.06 6.17
C TYR A 179 -31.65 -11.98 5.82
N GLY A 180 -30.54 -11.83 6.52
CA GLY A 180 -29.35 -12.63 6.30
C GLY A 180 -28.92 -13.37 7.54
N ARG A 181 -28.55 -14.64 7.38
CA ARG A 181 -28.08 -15.47 8.48
C ARG A 181 -26.79 -16.16 8.09
N GLY A 182 -25.82 -16.16 8.99
CA GLY A 182 -24.52 -16.75 8.73
C GLY A 182 -23.39 -15.92 9.30
N PHE A 183 -22.24 -15.90 8.63
CA PHE A 183 -21.11 -15.09 9.07
C PHE A 183 -21.30 -13.67 8.53
N ILE A 184 -21.91 -12.82 9.34
CA ILE A 184 -22.29 -11.47 8.95
C ILE A 184 -21.06 -10.58 8.70
N PRO A 185 -20.03 -10.59 9.56
CA PRO A 185 -18.87 -9.72 9.28
C PRO A 185 -18.25 -9.93 7.92
N SER A 186 -18.28 -11.15 7.39
CA SER A 186 -17.72 -11.41 6.07
C SER A 186 -18.44 -10.63 4.97
N THR A 187 -19.69 -10.22 5.20
CA THR A 187 -20.41 -9.43 4.22
C THR A 187 -19.97 -7.97 4.21
N LEU A 188 -19.49 -7.47 5.35
CA LEU A 188 -19.07 -6.08 5.47
C LEU A 188 -18.05 -5.70 4.40
N ALA A 189 -17.07 -6.59 4.17
CA ALA A 189 -16.04 -6.33 3.16
C ALA A 189 -16.67 -5.97 1.82
N PHE A 190 -17.54 -6.84 1.31
CA PHE A 190 -18.20 -6.55 0.03
C PHE A 190 -19.07 -5.30 0.13
N ALA A 191 -19.79 -5.14 1.23
CA ALA A 191 -20.70 -4.02 1.36
C ALA A 191 -19.97 -2.68 1.42
N LEU A 192 -18.67 -2.69 1.72
CA LEU A 192 -17.89 -1.47 1.83
C LEU A 192 -16.81 -1.34 0.77
N ALA A 193 -16.64 -2.35 -0.09
CA ALA A 193 -15.60 -2.30 -1.11
C ALA A 193 -15.72 -1.03 -1.97
N ASP A 194 -16.87 -0.85 -2.62
CA ASP A 194 -17.07 0.34 -3.45
C ASP A 194 -17.09 1.62 -2.63
N THR A 195 -17.47 1.52 -1.35
CA THR A 195 -17.43 2.71 -0.49
C THR A 195 -15.99 3.14 -0.25
N ILE A 196 -15.05 2.20 -0.26
CA ILE A 196 -13.65 2.50 0.00
C ILE A 196 -12.90 2.88 -1.27
N PHE A 197 -13.06 2.12 -2.34
CA PHE A 197 -12.23 2.27 -3.53
C PHE A 197 -12.93 2.97 -4.70
N SER A 198 -14.16 3.46 -4.50
CA SER A 198 -14.88 4.09 -5.60
C SER A 198 -15.49 5.42 -5.20
N THR A 199 -16.33 5.41 -4.16
CA THR A 199 -17.06 6.61 -3.77
C THR A 199 -16.26 7.53 -2.86
N GLN A 200 -15.27 7.01 -2.14
CA GLN A 200 -14.48 7.77 -1.15
C GLN A 200 -15.38 8.39 -0.08
N ASP A 201 -16.56 7.82 0.15
CA ASP A 201 -17.55 8.36 1.07
C ASP A 201 -17.24 7.85 2.47
N PHE A 202 -16.44 8.62 3.21
CA PHE A 202 -16.07 8.21 4.56
C PHE A 202 -17.23 8.36 5.53
N LEU A 203 -18.17 9.28 5.25
CA LEU A 203 -19.31 9.46 6.14
C LEU A 203 -20.31 8.32 6.03
N THR A 204 -20.47 7.74 4.83
CA THR A 204 -21.31 6.57 4.69
C THR A 204 -20.71 5.37 5.43
N LEU A 205 -19.39 5.21 5.36
CA LEU A 205 -18.72 4.19 6.16
C LEU A 205 -18.93 4.45 7.65
N PHE A 206 -18.83 5.71 8.07
CA PHE A 206 -19.13 6.07 9.46
C PHE A 206 -20.52 5.62 9.85
N TYR A 207 -21.52 5.97 9.04
CA TYR A 207 -22.91 5.62 9.35
C TYR A 207 -23.09 4.10 9.40
N THR A 208 -22.47 3.38 8.47
CA THR A 208 -22.60 1.93 8.41
C THR A 208 -22.05 1.28 9.67
N VAL A 209 -20.80 1.61 10.02
CA VAL A 209 -20.21 1.00 11.21
C VAL A 209 -20.94 1.47 12.47
N LYS A 210 -21.48 2.68 12.47
CA LYS A 210 -22.21 3.17 13.62
C LYS A 210 -23.50 2.40 13.85
N VAL A 211 -24.28 2.18 12.79
CA VAL A 211 -25.54 1.45 12.95
C VAL A 211 -25.26 -0.02 13.26
N TYR A 212 -24.19 -0.59 12.71
CA TYR A 212 -23.86 -1.98 13.05
C TYR A 212 -23.45 -2.09 14.52
N SER A 213 -22.63 -1.16 15.00
CA SER A 213 -22.23 -1.18 16.40
C SER A 213 -23.44 -0.98 17.32
N LYS A 214 -24.37 -0.11 16.92
CA LYS A 214 -25.57 0.10 17.73
C LYS A 214 -26.46 -1.13 17.75
N ALA A 215 -26.58 -1.83 16.61
CA ALA A 215 -27.35 -3.06 16.60
C ALA A 215 -26.70 -4.14 17.47
N LEU A 216 -25.38 -4.26 17.39
CA LEU A 216 -24.68 -5.20 18.26
C LEU A 216 -24.85 -4.84 19.73
N LEU A 217 -24.83 -3.54 20.03
CA LEU A 217 -25.03 -3.10 21.41
C LEU A 217 -26.44 -3.44 21.89
N LEU A 218 -27.44 -3.25 21.04
CA LEU A 218 -28.81 -3.63 21.39
C LEU A 218 -28.92 -5.13 21.64
N GLU A 219 -28.28 -5.94 20.78
CA GLU A 219 -28.32 -7.39 20.98
C GLU A 219 -27.65 -7.78 22.28
N ALA A 220 -26.49 -7.19 22.58
CA ALA A 220 -25.79 -7.51 23.82
C ALA A 220 -26.60 -7.07 25.03
N SER A 221 -27.25 -5.91 24.94
CA SER A 221 -28.07 -5.42 26.05
C SER A 221 -29.26 -6.34 26.29
N THR A 222 -29.91 -6.79 25.23
CA THR A 222 -31.03 -7.72 25.38
C THR A 222 -30.55 -9.04 25.97
N HIS A 223 -29.40 -9.53 25.50
CA HIS A 223 -28.84 -10.77 26.04
C HIS A 223 -28.56 -10.64 27.54
N LEU A 224 -27.92 -9.54 27.94
CA LEU A 224 -27.60 -9.32 29.34
C LEU A 224 -28.85 -9.16 30.19
N SER A 225 -29.87 -8.48 29.65
CA SER A 225 -31.11 -8.31 30.40
C SER A 225 -31.90 -9.61 30.46
N GLN A 226 -31.66 -10.54 29.53
CA GLN A 226 -32.34 -11.83 29.61
C GLN A 226 -31.55 -12.86 30.40
N SER B 6 -0.74 30.81 -2.23
CA SER B 6 0.22 31.23 -3.26
C SER B 6 1.34 30.19 -3.39
N VAL B 7 1.87 29.74 -2.26
CA VAL B 7 2.89 28.70 -2.24
C VAL B 7 2.27 27.33 -2.50
N ASP B 8 1.07 27.10 -1.95
CA ASP B 8 0.38 25.83 -2.15
C ASP B 8 0.12 25.54 -3.62
N THR B 9 -0.07 26.59 -4.44
CA THR B 9 -0.21 26.36 -5.87
C THR B 9 1.05 25.72 -6.46
N MET B 10 2.22 26.24 -6.08
CA MET B 10 3.48 25.67 -6.56
C MET B 10 3.68 24.25 -6.04
N ALA B 11 3.37 24.01 -4.76
CA ALA B 11 3.51 22.67 -4.21
C ALA B 11 2.59 21.68 -4.91
N LEU B 12 1.34 22.09 -5.17
CA LEU B 12 0.40 21.23 -5.87
C LEU B 12 0.87 20.95 -7.29
N TRP B 13 1.44 21.97 -7.95
CA TRP B 13 1.94 21.76 -9.31
C TRP B 13 3.10 20.77 -9.31
N LEU B 14 3.97 20.85 -8.30
CA LEU B 14 5.07 19.89 -8.21
C LEU B 14 4.56 18.47 -7.97
N GLY B 15 3.57 18.32 -7.07
CA GLY B 15 2.97 17.00 -6.88
C GLY B 15 2.31 16.47 -8.14
N LEU B 16 1.63 17.36 -8.88
CA LEU B 16 1.03 16.97 -10.14
C LEU B 16 2.09 16.55 -11.15
N ARG B 17 3.25 17.21 -11.13
CA ARG B 17 4.35 16.81 -12.00
C ARG B 17 4.88 15.43 -11.62
N ALA B 18 4.94 15.12 -10.32
CA ALA B 18 5.35 13.79 -9.90
C ALA B 18 4.37 12.73 -10.41
N VAL B 19 3.08 12.96 -10.19
CA VAL B 19 2.07 12.02 -10.69
C VAL B 19 2.13 11.93 -12.21
N LEU B 20 2.39 13.06 -12.87
CA LEU B 20 2.48 13.09 -14.33
C LEU B 20 3.62 12.22 -14.84
N VAL B 21 4.81 12.37 -14.26
CA VAL B 21 5.94 11.59 -14.75
C VAL B 21 5.75 10.11 -14.42
N VAL B 22 5.12 9.79 -13.29
CA VAL B 22 4.87 8.39 -12.97
C VAL B 22 3.90 7.77 -13.98
N ALA B 23 2.81 8.47 -14.26
CA ALA B 23 1.84 7.96 -15.23
C ALA B 23 2.44 7.89 -16.64
N GLY B 24 3.27 8.86 -17.00
CA GLY B 24 3.94 8.83 -18.29
C GLY B 24 4.88 7.65 -18.42
N LEU B 25 5.64 7.35 -17.35
CA LEU B 25 6.50 6.17 -17.37
C LEU B 25 5.67 4.90 -17.50
N ALA B 26 4.52 4.85 -16.80
CA ALA B 26 3.66 3.67 -16.90
C ALA B 26 3.17 3.48 -18.33
N VAL B 27 2.69 4.55 -18.96
CA VAL B 27 2.18 4.46 -20.33
C VAL B 27 3.29 4.09 -21.30
N LEU B 28 4.48 4.69 -21.13
CA LEU B 28 5.59 4.38 -22.02
C LEU B 28 6.05 2.93 -21.87
N LEU B 29 6.08 2.43 -20.63
CA LEU B 29 6.46 1.03 -20.41
C LEU B 29 5.41 0.09 -21.00
N GLN B 30 4.13 0.44 -20.88
CA GLN B 30 3.09 -0.38 -21.50
C GLN B 30 3.24 -0.40 -23.01
N LEU B 31 3.50 0.75 -23.62
CA LEU B 31 3.68 0.81 -25.07
C LEU B 31 4.91 0.03 -25.51
N ILE B 32 6.01 0.14 -24.78
CA ILE B 32 7.24 -0.54 -25.16
C ILE B 32 7.12 -2.05 -24.96
N ARG B 33 6.49 -2.48 -23.86
CA ARG B 33 6.30 -3.90 -23.63
C ARG B 33 5.29 -4.49 -24.61
N GLY B 34 4.35 -3.68 -25.09
CA GLY B 34 3.46 -4.15 -26.14
C GLY B 34 4.21 -4.25 -27.47
N TRP B 35 4.96 -3.20 -27.81
CA TRP B 35 5.83 -3.25 -28.96
C TRP B 35 6.97 -4.23 -28.71
N LEU B 36 7.72 -4.53 -29.76
CA LEU B 36 8.86 -5.45 -29.68
C LEU B 36 8.50 -6.78 -29.01
N SER B 37 7.20 -7.05 -28.87
CA SER B 37 6.71 -8.29 -28.29
C SER B 37 6.75 -9.42 -29.30
N SER B 38 6.49 -10.64 -28.82
CA SER B 38 6.46 -11.78 -29.72
C SER B 38 5.33 -11.63 -30.73
N LYS B 39 5.55 -12.17 -31.92
CA LYS B 39 4.61 -12.00 -33.04
C LYS B 39 4.20 -13.35 -33.60
N SER B 40 4.05 -14.35 -32.73
CA SER B 40 3.55 -15.66 -33.13
C SER B 40 2.03 -15.66 -33.02
N TYR B 41 1.36 -15.59 -34.17
CA TYR B 41 -0.09 -15.47 -34.22
C TYR B 41 -0.69 -16.73 -34.83
N VAL B 42 -1.71 -17.27 -34.18
CA VAL B 42 -2.41 -18.46 -34.69
C VAL B 42 -3.64 -18.07 -35.49
N PHE B 43 -4.42 -17.10 -35.01
CA PHE B 43 -5.64 -16.67 -35.67
C PHE B 43 -5.44 -15.30 -36.33
N ASN B 44 -6.49 -14.84 -37.01
CA ASN B 44 -6.57 -13.48 -37.53
C ASN B 44 -7.97 -12.96 -37.29
N ARG B 45 -8.08 -11.65 -37.08
CA ARG B 45 -9.37 -11.07 -36.70
C ARG B 45 -10.42 -11.23 -37.80
N GLU B 46 -10.01 -11.24 -39.06
CA GLU B 46 -10.97 -11.40 -40.14
C GLU B 46 -11.57 -12.81 -40.16
N GLU B 47 -10.76 -13.82 -39.84
CA GLU B 47 -11.27 -15.18 -39.78
C GLU B 47 -12.36 -15.31 -38.72
N ILE B 48 -12.07 -14.84 -37.50
CA ILE B 48 -13.05 -14.90 -36.42
C ILE B 48 -14.27 -14.04 -36.75
N ALA B 49 -14.05 -12.87 -37.35
CA ALA B 49 -15.15 -11.98 -37.69
C ALA B 49 -16.11 -12.64 -38.69
N ARG B 50 -15.56 -13.25 -39.73
CA ARG B 50 -16.41 -13.94 -40.71
C ARG B 50 -17.08 -15.16 -40.10
N LEU B 51 -16.34 -15.93 -39.28
CA LEU B 51 -16.94 -17.11 -38.66
C LEU B 51 -18.12 -16.74 -37.77
N ALA B 52 -18.01 -15.61 -37.07
CA ALA B 52 -19.11 -15.18 -36.21
C ALA B 52 -20.25 -14.54 -37.02
N LYS B 53 -19.91 -13.76 -38.05
CA LYS B 53 -20.93 -13.11 -38.86
C LYS B 53 -21.74 -14.12 -39.65
N GLU B 54 -21.13 -15.25 -40.03
CA GLU B 54 -21.87 -16.28 -40.75
C GLU B 54 -22.94 -16.91 -39.88
N HIS B 55 -22.70 -16.99 -38.56
CA HIS B 55 -23.63 -17.63 -37.63
C HIS B 55 -24.36 -16.62 -36.76
N SER B 56 -24.36 -15.35 -37.15
CA SER B 56 -25.03 -14.33 -36.35
C SER B 56 -26.55 -14.38 -36.50
N GLY B 57 -27.05 -15.07 -37.52
CA GLY B 57 -28.49 -15.15 -37.73
C GLY B 57 -29.19 -16.22 -36.92
N LEU B 58 -28.44 -17.22 -36.45
CA LEU B 58 -29.02 -18.30 -35.66
C LEU B 58 -29.18 -17.86 -34.20
N ASP B 59 -29.68 -18.75 -33.37
CA ASP B 59 -29.68 -18.52 -31.93
C ASP B 59 -28.24 -18.48 -31.42
N TYR B 60 -28.00 -17.64 -30.42
CA TYR B 60 -26.63 -17.37 -30.01
C TYR B 60 -25.96 -18.59 -29.39
N GLU B 61 -26.72 -19.49 -28.80
CA GLU B 61 -26.13 -20.72 -28.26
C GLU B 61 -25.72 -21.67 -29.37
N VAL B 62 -26.60 -21.86 -30.36
CA VAL B 62 -26.24 -22.66 -31.53
C VAL B 62 -25.06 -22.03 -32.25
N ALA B 63 -25.02 -20.69 -32.30
CA ALA B 63 -23.89 -20.00 -32.91
C ALA B 63 -22.60 -20.27 -32.14
N PHE B 64 -22.67 -20.21 -30.80
CA PHE B 64 -21.51 -20.56 -29.98
C PHE B 64 -21.02 -21.96 -30.30
N SER B 65 -21.93 -22.92 -30.34
CA SER B 65 -21.54 -24.31 -30.57
C SER B 65 -20.89 -24.48 -31.94
N LYS B 66 -21.51 -23.92 -32.98
CA LYS B 66 -20.98 -24.07 -34.33
C LYS B 66 -19.62 -23.36 -34.47
N ILE B 67 -19.47 -22.20 -33.84
CA ILE B 67 -18.20 -21.48 -33.91
C ILE B 67 -17.11 -22.27 -33.20
N ILE B 68 -17.43 -22.88 -32.05
CA ILE B 68 -16.44 -23.69 -31.34
C ILE B 68 -16.04 -24.89 -32.19
N VAL B 69 -17.02 -25.54 -32.83
CA VAL B 69 -16.72 -26.69 -33.67
C VAL B 69 -15.83 -26.28 -34.84
N GLU B 70 -16.14 -25.15 -35.49
CA GLU B 70 -15.33 -24.71 -36.61
C GLU B 70 -13.92 -24.31 -36.16
N LEU B 71 -13.80 -23.69 -34.98
CA LEU B 71 -12.48 -23.34 -34.48
C LEU B 71 -11.64 -24.57 -34.19
N ARG B 72 -12.26 -25.61 -33.62
CA ARG B 72 -11.52 -26.86 -33.39
C ARG B 72 -11.20 -27.55 -34.71
N LYS B 73 -12.04 -27.36 -35.73
CA LYS B 73 -11.79 -28.00 -37.03
C LYS B 73 -10.63 -27.32 -37.76
N LYS B 74 -10.58 -25.99 -37.76
CA LYS B 74 -9.56 -25.26 -38.50
C LYS B 74 -8.27 -25.06 -37.72
N HIS B 75 -8.32 -25.14 -36.40
CA HIS B 75 -7.13 -24.97 -35.56
C HIS B 75 -7.15 -26.02 -34.45
N PRO B 76 -6.74 -27.25 -34.77
CA PRO B 76 -6.77 -28.32 -33.77
C PRO B 76 -5.68 -28.12 -32.73
N GLY B 77 -5.99 -28.54 -31.50
CA GLY B 77 -5.06 -28.41 -30.39
C GLY B 77 -4.90 -27.03 -29.83
N HIS B 78 -5.67 -26.05 -30.31
CA HIS B 78 -5.58 -24.68 -29.83
C HIS B 78 -6.87 -24.21 -29.15
N ILE B 79 -7.87 -25.07 -29.04
CA ILE B 79 -9.13 -24.75 -28.38
C ILE B 79 -9.30 -25.71 -27.22
N LEU B 80 -9.75 -25.18 -26.08
CA LEU B 80 -9.92 -26.01 -24.90
C LEU B 80 -10.98 -27.08 -25.13
N GLN B 81 -10.87 -28.16 -24.37
CA GLN B 81 -11.82 -29.26 -24.47
C GLN B 81 -13.16 -28.88 -23.86
N ASP B 82 -14.17 -29.70 -24.12
CA ASP B 82 -15.49 -29.48 -23.52
C ASP B 82 -15.43 -29.54 -22.00
N GLU B 83 -14.53 -30.35 -21.45
CA GLU B 83 -14.38 -30.43 -20.00
C GLU B 83 -13.80 -29.16 -19.41
N ASP B 84 -13.13 -28.35 -20.22
CA ASP B 84 -12.48 -27.13 -19.75
C ASP B 84 -13.30 -25.87 -20.02
N LEU B 85 -14.41 -25.99 -20.73
CA LEU B 85 -15.25 -24.82 -21.00
C LEU B 85 -16.10 -24.49 -19.79
N GLN B 86 -16.19 -23.20 -19.48
CA GLN B 86 -16.92 -22.73 -18.31
C GLN B 86 -17.27 -21.27 -18.49
N TRP B 87 -18.48 -20.90 -18.06
CA TRP B 87 -18.89 -19.50 -18.05
C TRP B 87 -18.39 -18.85 -16.76
N VAL B 88 -17.54 -17.84 -16.88
CA VAL B 88 -16.95 -17.14 -15.75
C VAL B 88 -17.33 -15.68 -15.82
N PHE B 89 -17.83 -15.15 -14.70
CA PHE B 89 -18.17 -13.73 -14.65
C PHE B 89 -16.93 -12.88 -14.86
N VAL B 90 -17.14 -11.67 -15.40
CA VAL B 90 -16.08 -10.73 -15.70
C VAL B 90 -16.57 -9.35 -15.29
N ASN B 91 -16.03 -8.82 -14.20
CA ASN B 91 -16.36 -7.48 -13.73
C ASN B 91 -15.14 -6.59 -13.98
N ALA B 92 -15.33 -5.55 -14.78
CA ALA B 92 -14.21 -4.70 -15.16
C ALA B 92 -14.74 -3.34 -15.59
N GLY B 93 -14.02 -2.28 -15.21
CA GLY B 93 -14.33 -0.94 -15.64
C GLY B 93 -15.73 -0.47 -15.31
N GLY B 94 -16.39 -1.10 -14.34
CA GLY B 94 -17.75 -0.75 -13.98
C GLY B 94 -18.82 -1.60 -14.63
N TRP B 95 -18.48 -2.38 -15.64
CA TRP B 95 -19.44 -3.26 -16.29
C TRP B 95 -19.22 -4.70 -15.87
N MET B 96 -20.25 -5.52 -16.09
CA MET B 96 -20.24 -6.93 -15.69
C MET B 96 -20.80 -7.77 -16.81
N GLY B 97 -20.03 -8.76 -17.25
CA GLY B 97 -20.48 -9.72 -18.24
C GLY B 97 -20.00 -11.12 -17.88
N SER B 98 -19.93 -12.00 -18.87
CA SER B 98 -19.42 -13.35 -18.65
C SER B 98 -18.70 -13.81 -19.90
N MET B 99 -17.71 -14.67 -19.70
CA MET B 99 -16.85 -15.15 -20.77
C MET B 99 -16.75 -16.66 -20.73
N CYS B 100 -16.44 -17.23 -21.89
CA CYS B 100 -16.07 -18.63 -22.03
C CYS B 100 -14.83 -18.65 -22.90
N LEU B 101 -13.68 -18.94 -22.28
CA LEU B 101 -12.40 -18.88 -22.97
C LEU B 101 -12.19 -20.14 -23.79
N LEU B 102 -11.83 -19.98 -25.06
CA LEU B 102 -11.52 -21.10 -25.94
C LEU B 102 -10.04 -21.23 -26.23
N HIS B 103 -9.36 -20.10 -26.48
CA HIS B 103 -7.94 -20.06 -26.72
C HIS B 103 -7.35 -18.86 -26.00
N ALA B 104 -6.13 -19.01 -25.48
CA ALA B 104 -5.44 -17.92 -24.82
C ALA B 104 -3.96 -18.26 -24.72
N SER B 105 -3.10 -17.39 -25.27
CA SER B 105 -1.67 -17.57 -25.17
C SER B 105 -1.05 -16.28 -24.67
N LEU B 106 0.26 -16.16 -24.81
CA LEU B 106 0.96 -14.93 -24.46
C LEU B 106 0.67 -13.80 -25.45
N THR B 107 0.27 -14.13 -26.68
CA THR B 107 0.07 -13.14 -27.71
C THR B 107 -1.34 -13.10 -28.28
N GLU B 108 -2.18 -14.08 -27.98
CA GLU B 108 -3.54 -14.13 -28.53
C GLU B 108 -4.49 -14.73 -27.52
N TYR B 109 -5.77 -14.41 -27.68
CA TYR B 109 -6.83 -15.07 -26.93
C TYR B 109 -8.13 -15.01 -27.70
N VAL B 110 -8.95 -16.05 -27.51
CA VAL B 110 -10.26 -16.15 -28.15
C VAL B 110 -11.27 -16.55 -27.07
N LEU B 111 -12.43 -15.88 -27.05
CA LEU B 111 -13.45 -16.23 -26.09
C LEU B 111 -14.82 -15.83 -26.61
N LEU B 112 -15.84 -16.33 -25.93
CA LEU B 112 -17.23 -15.94 -26.16
C LEU B 112 -17.66 -15.05 -25.00
N PHE B 113 -18.02 -13.81 -25.29
CA PHE B 113 -18.29 -12.82 -24.26
C PHE B 113 -19.73 -12.31 -24.40
N GLY B 114 -20.33 -11.97 -23.28
CA GLY B 114 -21.65 -11.35 -23.36
C GLY B 114 -22.28 -11.17 -22.00
N THR B 115 -23.42 -10.49 -22.02
CA THR B 115 -24.17 -10.17 -20.82
C THR B 115 -25.65 -10.42 -21.06
N ALA B 116 -26.34 -10.88 -20.02
CA ALA B 116 -27.78 -11.08 -20.04
C ALA B 116 -28.53 -9.92 -19.43
N VAL B 117 -27.84 -8.88 -18.97
CA VAL B 117 -28.44 -7.70 -18.38
C VAL B 117 -27.83 -6.47 -19.02
N ASP B 118 -28.52 -5.34 -18.86
CA ASP B 118 -27.99 -4.07 -19.34
C ASP B 118 -26.76 -3.69 -18.50
N THR B 119 -25.66 -3.41 -19.19
CA THR B 119 -24.43 -3.05 -18.48
C THR B 119 -23.62 -2.09 -19.34
N GLY B 120 -22.58 -1.52 -18.74
CA GLY B 120 -21.73 -0.58 -19.44
C GLY B 120 -20.68 0.06 -18.56
N GLY B 121 -19.63 0.56 -19.19
CA GLY B 121 -18.59 1.26 -18.45
C GLY B 121 -17.39 1.58 -19.32
N HIS B 122 -16.22 1.56 -18.70
CA HIS B 122 -14.98 1.81 -19.41
C HIS B 122 -14.60 0.61 -20.26
N SER B 123 -14.20 0.87 -21.51
CA SER B 123 -13.71 -0.21 -22.36
C SER B 123 -12.42 -0.81 -21.82
N GLY B 124 -11.67 -0.04 -21.03
CA GLY B 124 -10.36 -0.43 -20.61
C GLY B 124 -9.31 0.16 -21.52
N ARG B 125 -8.30 0.82 -20.96
CA ARG B 125 -7.26 1.40 -21.81
C ARG B 125 -6.56 0.28 -22.56
N TYR B 126 -6.87 0.17 -23.85
CA TYR B 126 -6.33 -0.92 -24.64
C TYR B 126 -4.84 -0.73 -24.84
N TRP B 127 -4.07 -1.80 -24.64
CA TRP B 127 -2.70 -1.87 -25.12
C TRP B 127 -2.49 -3.17 -25.90
N ALA B 128 -3.58 -3.74 -26.40
CA ALA B 128 -3.57 -4.82 -27.38
C ALA B 128 -4.76 -4.62 -28.28
N GLU B 129 -4.74 -5.31 -29.43
CA GLU B 129 -5.78 -5.13 -30.43
C GLU B 129 -6.91 -6.14 -30.19
N ILE B 130 -8.14 -5.64 -30.08
CA ILE B 130 -9.28 -6.49 -29.77
C ILE B 130 -10.30 -6.35 -30.88
N SER B 131 -11.05 -7.43 -31.12
CA SER B 131 -12.12 -7.42 -32.11
C SER B 131 -13.31 -8.17 -31.55
N ASP B 132 -14.49 -7.55 -31.63
CA ASP B 132 -15.73 -8.15 -31.14
C ASP B 132 -16.74 -8.18 -32.28
N THR B 133 -17.15 -9.40 -32.68
CA THR B 133 -18.17 -9.57 -33.69
C THR B 133 -19.47 -9.99 -33.00
N ILE B 134 -20.50 -9.17 -33.14
CA ILE B 134 -21.74 -9.36 -32.40
C ILE B 134 -22.53 -10.52 -32.99
N LEU B 135 -23.00 -11.40 -32.12
CA LEU B 135 -23.93 -12.46 -32.51
C LEU B 135 -25.38 -12.08 -32.19
N SER B 136 -25.60 -11.41 -31.05
CA SER B 136 -26.93 -10.94 -30.70
C SER B 136 -26.80 -9.71 -29.81
N GLY B 137 -27.83 -8.88 -29.81
CA GLY B 137 -27.84 -7.68 -28.99
C GLY B 137 -27.23 -6.49 -29.71
N THR B 138 -26.97 -5.45 -28.93
CA THR B 138 -26.42 -4.21 -29.44
C THR B 138 -25.17 -3.83 -28.66
N PHE B 139 -24.28 -3.09 -29.33
CA PHE B 139 -23.02 -2.63 -28.74
C PHE B 139 -22.92 -1.12 -29.01
N ARG B 140 -23.03 -0.32 -27.95
CA ARG B 140 -22.87 1.12 -28.06
C ARG B 140 -21.45 1.49 -27.66
N GLN B 141 -20.71 2.09 -28.60
CA GLN B 141 -19.33 2.50 -28.38
C GLN B 141 -19.24 4.02 -28.44
N TRP B 142 -18.60 4.61 -27.43
CA TRP B 142 -18.41 6.06 -27.34
C TRP B 142 -16.90 6.31 -27.33
N LYS B 143 -16.35 6.63 -28.50
CA LYS B 143 -14.91 6.82 -28.62
C LYS B 143 -14.44 8.04 -27.84
N GLU B 144 -13.14 8.08 -27.58
CA GLU B 144 -12.54 9.15 -26.79
C GLU B 144 -12.43 10.44 -27.61
N GLY B 145 -12.68 11.57 -26.97
CA GLY B 145 -12.56 12.86 -27.59
C GLY B 145 -13.79 13.34 -28.34
N THR B 146 -14.79 12.48 -28.52
CA THR B 146 -16.02 12.85 -29.21
C THR B 146 -17.17 12.86 -28.23
N THR B 147 -18.25 13.55 -28.62
CA THR B 147 -19.43 13.69 -27.78
C THR B 147 -20.63 12.88 -28.27
N LYS B 148 -20.41 11.98 -29.24
CA LYS B 148 -21.48 11.14 -29.77
C LYS B 148 -21.02 9.69 -29.83
N SER B 149 -21.97 8.77 -29.73
CA SER B 149 -21.71 7.35 -29.73
C SER B 149 -22.24 6.71 -31.00
N GLU B 150 -21.85 5.45 -31.22
CA GLU B 150 -22.27 4.67 -32.36
C GLU B 150 -22.81 3.32 -31.90
N ILE B 151 -23.85 2.84 -32.57
CA ILE B 151 -24.48 1.57 -32.24
C ILE B 151 -24.05 0.54 -33.27
N PHE B 152 -23.79 -0.69 -32.82
CA PHE B 152 -23.44 -1.79 -33.70
C PHE B 152 -24.34 -2.96 -33.38
N TYR B 153 -24.72 -3.70 -34.44
CA TYR B 153 -25.75 -4.72 -34.38
C TYR B 153 -25.17 -6.08 -34.76
N PRO B 154 -25.91 -7.18 -34.63
CA PRO B 154 -25.38 -8.48 -35.03
C PRO B 154 -24.85 -8.49 -36.45
N GLY B 155 -23.67 -9.06 -36.64
CA GLY B 155 -22.96 -9.04 -37.88
C GLY B 155 -21.83 -8.03 -37.93
N ASP B 156 -21.97 -6.92 -37.21
CA ASP B 156 -20.94 -5.91 -37.14
C ASP B 156 -19.74 -6.42 -36.33
N THR B 157 -18.58 -5.81 -36.59
CA THR B 157 -17.34 -6.13 -35.89
C THR B 157 -16.70 -4.83 -35.41
N ILE B 158 -16.66 -4.64 -34.11
CA ILE B 158 -16.02 -3.47 -33.51
C ILE B 158 -14.55 -3.80 -33.27
N VAL B 159 -13.67 -2.95 -33.77
CA VAL B 159 -12.23 -3.12 -33.63
C VAL B 159 -11.74 -2.09 -32.64
N HIS B 160 -11.25 -2.57 -31.49
CA HIS B 160 -10.61 -1.72 -30.49
C HIS B 160 -9.11 -1.73 -30.76
N GLU B 161 -8.60 -0.58 -31.21
CA GLU B 161 -7.23 -0.47 -31.70
C GLU B 161 -6.25 -0.42 -30.52
N VAL B 162 -4.97 -0.19 -30.84
CA VAL B 162 -3.93 -0.30 -29.84
C VAL B 162 -4.02 0.82 -28.80
N GLY B 163 -4.23 2.05 -29.26
CA GLY B 163 -4.26 3.19 -28.36
C GLY B 163 -5.62 3.63 -27.89
N GLU B 164 -6.69 2.97 -28.33
CA GLU B 164 -8.04 3.47 -28.10
C GLU B 164 -8.51 3.21 -26.69
N ALA B 165 -9.28 4.15 -26.14
CA ALA B 165 -10.07 3.96 -24.94
C ALA B 165 -11.45 4.55 -25.20
N THR B 166 -12.49 3.79 -24.88
CA THR B 166 -13.85 4.20 -25.22
C THR B 166 -14.78 3.86 -24.05
N SER B 167 -16.06 4.20 -24.22
CA SER B 167 -17.12 3.82 -23.29
C SER B 167 -17.96 2.74 -23.97
N VAL B 168 -17.98 1.56 -23.39
CA VAL B 168 -18.73 0.44 -23.96
C VAL B 168 -20.05 0.32 -23.22
N GLN B 169 -21.08 -0.12 -23.94
CA GLN B 169 -22.37 -0.38 -23.32
C GLN B 169 -23.06 -1.50 -24.07
N TRP B 170 -23.62 -2.46 -23.33
CA TRP B 170 -24.28 -3.61 -23.92
C TRP B 170 -25.67 -3.74 -23.32
N SER B 171 -26.66 -3.91 -24.20
CA SER B 171 -28.04 -4.12 -23.78
C SER B 171 -28.22 -5.57 -23.30
N SER B 172 -29.38 -5.83 -22.71
CA SER B 172 -29.66 -7.16 -22.17
C SER B 172 -29.65 -8.19 -23.28
N GLY B 173 -28.97 -9.31 -23.04
CA GLY B 173 -28.91 -10.37 -24.02
C GLY B 173 -27.91 -10.15 -25.14
N THR B 174 -26.85 -9.37 -24.90
CA THR B 174 -25.86 -9.12 -25.92
C THR B 174 -24.75 -10.15 -25.84
N TRP B 175 -24.47 -10.81 -26.95
CA TRP B 175 -23.48 -11.88 -27.01
C TRP B 175 -22.66 -11.76 -28.28
N MET B 176 -21.36 -12.02 -28.16
CA MET B 176 -20.42 -11.79 -29.24
C MET B 176 -19.22 -12.71 -29.06
N VAL B 177 -18.42 -12.82 -30.11
CA VAL B 177 -17.17 -13.58 -30.10
C VAL B 177 -16.02 -12.58 -30.14
N GLU B 178 -15.08 -12.71 -29.21
CA GLU B 178 -14.01 -11.75 -29.04
C GLU B 178 -12.67 -12.41 -29.29
N TYR B 179 -11.85 -11.76 -30.11
CA TYR B 179 -10.49 -12.20 -30.40
C TYR B 179 -9.54 -11.04 -30.10
N GLY B 180 -8.53 -11.31 -29.28
CA GLY B 180 -7.57 -10.30 -28.89
C GLY B 180 -6.17 -10.71 -29.31
N ARG B 181 -5.43 -9.75 -29.87
CA ARG B 181 -4.08 -9.95 -30.37
C ARG B 181 -3.18 -8.85 -29.84
N GLY B 182 -2.01 -9.22 -29.34
CA GLY B 182 -1.06 -8.27 -28.78
C GLY B 182 -0.42 -8.81 -27.53
N PHE B 183 -0.11 -7.93 -26.58
CA PHE B 183 0.43 -8.36 -25.29
C PHE B 183 -0.73 -8.68 -24.37
N ILE B 184 -1.11 -9.96 -24.32
CA ILE B 184 -2.31 -10.36 -23.57
C ILE B 184 -2.18 -10.10 -22.07
N PRO B 185 -1.06 -10.42 -21.40
CA PRO B 185 -1.00 -10.17 -19.94
C PRO B 185 -1.32 -8.73 -19.54
N SER B 186 -1.00 -7.74 -20.38
CA SER B 186 -1.29 -6.36 -20.04
C SER B 186 -2.78 -6.11 -19.84
N THR B 187 -3.64 -6.93 -20.45
CA THR B 187 -5.07 -6.79 -20.26
C THR B 187 -5.53 -7.39 -18.93
N LEU B 188 -4.79 -8.39 -18.42
CA LEU B 188 -5.22 -9.12 -17.23
C LEU B 188 -5.57 -8.19 -16.08
N ALA B 189 -4.70 -7.19 -15.83
CA ALA B 189 -4.96 -6.23 -14.76
C ALA B 189 -6.37 -5.66 -14.86
N PHE B 190 -6.70 -5.09 -16.03
CA PHE B 190 -8.02 -4.49 -16.20
C PHE B 190 -9.11 -5.54 -16.01
N ALA B 191 -8.86 -6.76 -16.48
CA ALA B 191 -9.88 -7.80 -16.38
C ALA B 191 -10.17 -8.20 -14.94
N LEU B 192 -9.28 -7.89 -14.00
CA LEU B 192 -9.46 -8.32 -12.62
C LEU B 192 -9.64 -7.18 -11.63
N ALA B 193 -9.53 -5.92 -12.07
CA ALA B 193 -9.59 -4.77 -11.16
C ALA B 193 -10.85 -4.80 -10.30
N ASP B 194 -12.02 -4.81 -10.94
CA ASP B 194 -13.26 -4.84 -10.20
C ASP B 194 -13.42 -6.13 -9.41
N THR B 195 -12.77 -7.21 -9.83
CA THR B 195 -12.81 -8.44 -9.05
C THR B 195 -12.08 -8.27 -7.72
N ILE B 196 -11.07 -7.41 -7.69
CA ILE B 196 -10.27 -7.22 -6.48
C ILE B 196 -10.85 -6.14 -5.58
N PHE B 197 -11.20 -4.98 -6.15
CA PHE B 197 -11.56 -3.81 -5.37
C PHE B 197 -13.04 -3.50 -5.36
N SER B 198 -13.89 -4.35 -5.94
CA SER B 198 -15.32 -4.06 -5.99
C SER B 198 -16.17 -5.24 -5.58
N THR B 199 -16.02 -6.36 -6.28
CA THR B 199 -16.87 -7.53 -6.02
C THR B 199 -16.35 -8.42 -4.90
N GLN B 200 -15.05 -8.39 -4.63
CA GLN B 200 -14.40 -9.27 -3.65
C GLN B 200 -14.64 -10.74 -3.98
N ASP B 201 -14.91 -11.04 -5.26
CA ASP B 201 -15.27 -12.39 -5.70
C ASP B 201 -13.97 -13.14 -5.97
N PHE B 202 -13.44 -13.79 -4.94
CA PHE B 202 -12.20 -14.53 -5.08
C PHE B 202 -12.38 -15.82 -5.86
N LEU B 203 -13.59 -16.38 -5.88
CA LEU B 203 -13.81 -17.61 -6.64
C LEU B 203 -13.86 -17.33 -8.14
N THR B 204 -14.36 -16.16 -8.54
CA THR B 204 -14.29 -15.77 -9.94
C THR B 204 -12.85 -15.54 -10.38
N LEU B 205 -12.04 -14.93 -9.51
CA LEU B 205 -10.61 -14.81 -9.79
C LEU B 205 -9.97 -16.18 -9.92
N PHE B 206 -10.35 -17.11 -9.03
CA PHE B 206 -9.88 -18.49 -9.13
C PHE B 206 -10.20 -19.08 -10.49
N TYR B 207 -11.46 -18.96 -10.92
CA TYR B 207 -11.87 -19.51 -12.21
C TYR B 207 -11.10 -18.86 -13.36
N THR B 208 -10.91 -17.54 -13.29
CA THR B 208 -10.21 -16.83 -14.36
C THR B 208 -8.77 -17.30 -14.49
N VAL B 209 -8.03 -17.30 -13.39
CA VAL B 209 -6.64 -17.73 -13.47
C VAL B 209 -6.55 -19.21 -13.82
N LYS B 210 -7.53 -20.02 -13.40
CA LYS B 210 -7.50 -21.43 -13.72
C LYS B 210 -7.69 -21.67 -15.21
N VAL B 211 -8.68 -21.01 -15.83
CA VAL B 211 -8.90 -21.22 -17.25
C VAL B 211 -7.76 -20.62 -18.07
N TYR B 212 -7.15 -19.51 -17.60
CA TYR B 212 -6.00 -18.98 -18.32
C TYR B 212 -4.81 -19.93 -18.25
N SER B 213 -4.57 -20.51 -17.07
CA SER B 213 -3.48 -21.47 -16.93
C SER B 213 -3.75 -22.72 -17.79
N LYS B 214 -5.01 -23.14 -17.87
CA LYS B 214 -5.34 -24.29 -18.71
C LYS B 214 -5.11 -24.00 -20.18
N ALA B 215 -5.45 -22.79 -20.63
CA ALA B 215 -5.21 -22.42 -22.02
C ALA B 215 -3.70 -22.36 -22.31
N LEU B 216 -2.92 -21.78 -21.40
CA LEU B 216 -1.48 -21.74 -21.58
C LEU B 216 -0.88 -23.15 -21.60
N LEU B 217 -1.39 -24.03 -20.74
CA LEU B 217 -0.89 -25.41 -20.71
C LEU B 217 -1.24 -26.14 -22.00
N LEU B 218 -2.44 -25.92 -22.53
CA LEU B 218 -2.81 -26.52 -23.81
C LEU B 218 -1.91 -26.01 -24.93
N GLU B 219 -1.62 -24.72 -24.94
CA GLU B 219 -0.73 -24.17 -25.97
C GLU B 219 0.66 -24.76 -25.87
N ALA B 220 1.20 -24.86 -24.65
CA ALA B 220 2.53 -25.45 -24.48
C ALA B 220 2.55 -26.91 -24.88
N SER B 221 1.48 -27.65 -24.55
CA SER B 221 1.40 -29.06 -24.92
C SER B 221 1.35 -29.23 -26.44
N THR B 222 0.58 -28.37 -27.12
CA THR B 222 0.53 -28.43 -28.58
C THR B 222 1.89 -28.10 -29.18
N HIS B 223 2.57 -27.10 -28.63
CA HIS B 223 3.91 -26.76 -29.11
C HIS B 223 4.87 -27.94 -28.96
N LEU B 224 4.86 -28.57 -27.79
CA LEU B 224 5.75 -29.70 -27.54
C LEU B 224 5.40 -30.88 -28.44
N SER B 225 4.11 -31.13 -28.67
CA SER B 225 3.70 -32.22 -29.53
C SER B 225 4.00 -31.93 -31.00
N GLN B 226 4.15 -30.65 -31.37
CA GLN B 226 4.48 -30.34 -32.76
C GLN B 226 5.98 -30.23 -32.99
N LEU B 227 6.77 -30.10 -31.92
CA LEU B 227 8.22 -30.22 -32.06
C LEU B 227 8.76 -31.55 -31.56
N GLY B 228 7.94 -32.34 -30.87
CA GLY B 228 8.37 -33.61 -30.33
C GLY B 228 8.32 -34.73 -31.36
N SER C 6 -20.08 -14.79 22.07
CA SER C 6 -20.06 -13.72 23.07
C SER C 6 -18.76 -12.95 23.04
N VAL C 7 -17.63 -13.68 22.99
CA VAL C 7 -16.33 -13.01 22.91
C VAL C 7 -16.10 -12.46 21.52
N ASP C 8 -16.47 -13.21 20.48
CA ASP C 8 -16.35 -12.70 19.12
C ASP C 8 -17.24 -11.49 18.89
N THR C 9 -18.42 -11.46 19.53
CA THR C 9 -19.28 -10.29 19.43
C THR C 9 -18.62 -9.06 20.04
N MET C 10 -17.99 -9.21 21.21
CA MET C 10 -17.29 -8.11 21.84
C MET C 10 -16.12 -7.63 20.98
N ALA C 11 -15.35 -8.57 20.44
CA ALA C 11 -14.24 -8.19 19.56
C ALA C 11 -14.73 -7.45 18.33
N LEU C 12 -15.82 -7.92 17.73
CA LEU C 12 -16.39 -7.26 16.57
C LEU C 12 -16.88 -5.86 16.90
N TRP C 13 -17.50 -5.69 18.08
CA TRP C 13 -17.97 -4.37 18.48
C TRP C 13 -16.80 -3.42 18.69
N LEU C 14 -15.71 -3.91 19.28
CA LEU C 14 -14.53 -3.08 19.49
C LEU C 14 -13.90 -2.68 18.17
N GLY C 15 -13.78 -3.61 17.23
CA GLY C 15 -13.26 -3.27 15.92
C GLY C 15 -14.14 -2.29 15.18
N LEU C 16 -15.46 -2.45 15.28
CA LEU C 16 -16.37 -1.51 14.65
C LEU C 16 -16.26 -0.13 15.26
N ARG C 17 -16.07 -0.05 16.58
CA ARG C 17 -15.89 1.26 17.21
C ARG C 17 -14.59 1.90 16.78
N ALA C 18 -13.53 1.11 16.60
CA ALA C 18 -12.28 1.64 16.09
C ALA C 18 -12.45 2.21 14.68
N VAL C 19 -13.10 1.44 13.80
CA VAL C 19 -13.37 1.94 12.45
C VAL C 19 -14.24 3.18 12.50
N LEU C 20 -15.19 3.22 13.43
CA LEU C 20 -16.09 4.37 13.58
C LEU C 20 -15.29 5.63 13.91
N VAL C 21 -14.42 5.56 14.92
CA VAL C 21 -13.67 6.75 15.31
C VAL C 21 -12.67 7.14 14.23
N VAL C 22 -12.10 6.17 13.52
CA VAL C 22 -11.17 6.50 12.43
C VAL C 22 -11.89 7.25 11.32
N ALA C 23 -13.07 6.74 10.92
CA ALA C 23 -13.84 7.41 9.87
C ALA C 23 -14.32 8.78 10.32
N GLY C 24 -14.68 8.92 11.59
CA GLY C 24 -15.06 10.22 12.11
C GLY C 24 -13.91 11.21 12.06
N LEU C 25 -12.70 10.75 12.41
CA LEU C 25 -11.52 11.61 12.30
C LEU C 25 -11.28 12.02 10.86
N ALA C 26 -11.45 11.09 9.92
CA ALA C 26 -11.28 11.43 8.50
C ALA C 26 -12.27 12.49 8.07
N VAL C 27 -13.54 12.32 8.43
CA VAL C 27 -14.56 13.30 8.05
C VAL C 27 -14.28 14.65 8.69
N LEU C 28 -13.83 14.65 9.96
CA LEU C 28 -13.53 15.91 10.63
C LEU C 28 -12.35 16.61 9.97
N LEU C 29 -11.33 15.85 9.55
CA LEU C 29 -10.20 16.47 8.86
C LEU C 29 -10.63 17.04 7.50
N GLN C 30 -11.53 16.34 6.81
CA GLN C 30 -12.05 16.88 5.56
C GLN C 30 -12.81 18.19 5.80
N LEU C 31 -13.62 18.22 6.86
CA LEU C 31 -14.35 19.45 7.19
C LEU C 31 -13.39 20.58 7.56
N ILE C 32 -12.31 20.25 8.25
CA ILE C 32 -11.35 21.27 8.66
C ILE C 32 -10.61 21.83 7.44
N ARG C 33 -10.23 20.95 6.50
CA ARG C 33 -9.60 21.44 5.27
C ARG C 33 -10.56 22.24 4.41
N GLY C 34 -11.86 21.95 4.50
CA GLY C 34 -12.84 22.76 3.80
C GLY C 34 -13.04 24.12 4.44
N TRP C 35 -13.11 24.16 5.77
CA TRP C 35 -13.31 25.40 6.49
C TRP C 35 -12.12 26.34 6.33
N LEU C 36 -10.92 25.85 6.63
CA LEU C 36 -9.70 26.65 6.57
C LEU C 36 -9.17 26.84 5.15
N SER C 37 -9.98 26.59 4.13
CA SER C 37 -9.49 26.82 2.77
C SER C 37 -9.54 28.30 2.42
N SER C 38 -8.82 28.65 1.36
CA SER C 38 -8.80 30.02 0.88
C SER C 38 -10.14 30.40 0.27
N LYS C 39 -10.48 31.68 0.38
CA LYS C 39 -11.77 32.17 -0.13
C LYS C 39 -11.57 33.34 -1.09
N SER C 40 -10.47 33.31 -1.85
CA SER C 40 -10.22 34.29 -2.90
C SER C 40 -10.84 33.74 -4.18
N TYR C 41 -11.94 34.36 -4.61
CA TYR C 41 -12.76 33.84 -5.69
C TYR C 41 -12.69 34.75 -6.91
N VAL C 42 -12.50 34.16 -8.08
CA VAL C 42 -12.46 34.91 -9.33
C VAL C 42 -13.84 34.97 -9.98
N PHE C 43 -14.58 33.86 -9.94
CA PHE C 43 -15.92 33.78 -10.52
C PHE C 43 -16.95 33.76 -9.39
N ASN C 44 -18.22 33.72 -9.79
CA ASN C 44 -19.33 33.50 -8.88
C ASN C 44 -20.27 32.48 -9.49
N ARG C 45 -20.91 31.68 -8.63
CA ARG C 45 -21.76 30.61 -9.12
C ARG C 45 -22.96 31.14 -9.88
N GLU C 46 -23.46 32.31 -9.50
CA GLU C 46 -24.59 32.91 -10.20
C GLU C 46 -24.19 33.35 -11.60
N GLU C 47 -22.96 33.85 -11.75
CA GLU C 47 -22.45 34.26 -13.06
C GLU C 47 -22.41 33.07 -14.02
N ILE C 48 -21.79 31.97 -13.60
CA ILE C 48 -21.70 30.79 -14.46
C ILE C 48 -23.08 30.22 -14.73
N ALA C 49 -23.95 30.22 -13.72
CA ALA C 49 -25.30 29.69 -13.90
C ALA C 49 -26.06 30.49 -14.96
N ARG C 50 -25.98 31.82 -14.88
CA ARG C 50 -26.68 32.66 -15.86
C ARG C 50 -26.08 32.49 -17.25
N LEU C 51 -24.75 32.45 -17.35
CA LEU C 51 -24.10 32.30 -18.65
C LEU C 51 -24.47 30.97 -19.30
N ALA C 52 -24.59 29.90 -18.50
CA ALA C 52 -24.95 28.60 -19.07
C ALA C 52 -26.43 28.55 -19.41
N LYS C 53 -27.29 29.13 -18.57
CA LYS C 53 -28.72 29.12 -18.86
C LYS C 53 -29.05 29.94 -20.10
N GLU C 54 -28.24 30.96 -20.41
CA GLU C 54 -28.51 31.79 -21.59
C GLU C 54 -28.40 31.00 -22.89
N HIS C 55 -27.49 30.03 -22.95
CA HIS C 55 -27.25 29.27 -24.17
C HIS C 55 -27.76 27.84 -24.10
N SER C 56 -28.67 27.53 -23.16
CA SER C 56 -29.16 26.17 -23.04
C SER C 56 -30.13 25.77 -24.14
N GLY C 57 -30.68 26.75 -24.88
CA GLY C 57 -31.63 26.43 -25.93
C GLY C 57 -31.02 26.03 -27.25
N LEU C 58 -29.76 26.39 -27.49
CA LEU C 58 -29.09 26.05 -28.73
C LEU C 58 -28.55 24.63 -28.68
N ASP C 59 -27.89 24.22 -29.76
CA ASP C 59 -27.16 22.95 -29.75
C ASP C 59 -26.01 23.03 -28.75
N TYR C 60 -25.73 21.90 -28.09
CA TYR C 60 -24.79 21.91 -26.98
C TYR C 60 -23.37 22.24 -27.42
N GLU C 61 -23.00 21.92 -28.67
CA GLU C 61 -21.68 22.27 -29.16
C GLU C 61 -21.56 23.78 -29.41
N VAL C 62 -22.57 24.36 -30.07
CA VAL C 62 -22.59 25.81 -30.25
C VAL C 62 -22.63 26.50 -28.89
N ALA C 63 -23.36 25.93 -27.93
CA ALA C 63 -23.40 26.49 -26.59
C ALA C 63 -22.01 26.44 -25.94
N PHE C 64 -21.32 25.31 -26.07
CA PHE C 64 -19.95 25.21 -25.57
C PHE C 64 -19.07 26.29 -26.16
N SER C 65 -19.13 26.46 -27.49
CA SER C 65 -18.27 27.43 -28.16
C SER C 65 -18.57 28.85 -27.68
N LYS C 66 -19.85 29.21 -27.63
CA LYS C 66 -20.21 30.57 -27.22
C LYS C 66 -19.87 30.82 -25.76
N ILE C 67 -20.05 29.82 -24.90
CA ILE C 67 -19.71 29.99 -23.48
C ILE C 67 -18.20 30.15 -23.31
N ILE C 68 -17.41 29.37 -24.05
CA ILE C 68 -15.95 29.50 -23.96
C ILE C 68 -15.52 30.88 -24.44
N VAL C 69 -16.10 31.35 -25.55
CA VAL C 69 -15.74 32.67 -26.07
C VAL C 69 -16.12 33.75 -25.07
N GLU C 70 -17.31 33.64 -24.47
CA GLU C 70 -17.76 34.64 -23.51
C GLU C 70 -16.88 34.64 -22.26
N LEU C 71 -16.46 33.45 -21.80
CA LEU C 71 -15.60 33.36 -20.63
C LEU C 71 -14.22 33.96 -20.92
N ARG C 72 -13.67 33.70 -22.10
CA ARG C 72 -12.39 34.32 -22.45
C ARG C 72 -12.52 35.82 -22.63
N LYS C 73 -13.69 36.29 -23.04
CA LYS C 73 -13.90 37.73 -23.19
C LYS C 73 -14.03 38.42 -21.83
N LYS C 74 -14.74 37.79 -20.90
CA LYS C 74 -15.04 38.41 -19.61
C LYS C 74 -13.93 38.25 -18.58
N HIS C 75 -13.06 37.25 -18.74
CA HIS C 75 -11.94 37.03 -17.81
C HIS C 75 -10.69 36.71 -18.61
N PRO C 76 -10.00 37.73 -19.12
CA PRO C 76 -8.80 37.47 -19.95
C PRO C 76 -7.65 36.96 -19.09
N GLY C 77 -7.08 35.83 -19.51
CA GLY C 77 -5.97 35.22 -18.81
C GLY C 77 -6.35 34.17 -17.79
N HIS C 78 -7.63 33.83 -17.67
CA HIS C 78 -8.09 32.83 -16.72
C HIS C 78 -8.73 31.63 -17.38
N ILE C 79 -8.80 31.59 -18.71
CA ILE C 79 -9.36 30.47 -19.45
C ILE C 79 -8.27 29.91 -20.36
N LEU C 80 -8.19 28.58 -20.42
CA LEU C 80 -7.17 27.94 -21.24
C LEU C 80 -7.39 28.25 -22.71
N GLN C 81 -6.30 28.17 -23.48
CA GLN C 81 -6.33 28.41 -24.91
C GLN C 81 -6.96 27.22 -25.64
N ASP C 82 -7.25 27.42 -26.93
CA ASP C 82 -7.78 26.34 -27.75
C ASP C 82 -6.80 25.19 -27.85
N GLU C 83 -5.50 25.47 -27.78
CA GLU C 83 -4.51 24.40 -27.82
C GLU C 83 -4.52 23.53 -26.58
N ASP C 84 -5.05 24.04 -25.46
CA ASP C 84 -5.07 23.30 -24.21
C ASP C 84 -6.41 22.64 -23.92
N LEU C 85 -7.43 22.85 -24.74
CA LEU C 85 -8.72 22.21 -24.54
C LEU C 85 -8.67 20.77 -25.02
N GLN C 86 -9.25 19.88 -24.23
CA GLN C 86 -9.20 18.45 -24.54
C GLN C 86 -10.31 17.74 -23.77
N TRP C 87 -10.96 16.79 -24.44
CA TRP C 87 -11.95 15.94 -23.79
C TRP C 87 -11.25 14.78 -23.09
N VAL C 88 -11.40 14.70 -21.78
CA VAL C 88 -10.75 13.68 -20.96
C VAL C 88 -11.84 12.87 -20.26
N PHE C 89 -11.74 11.55 -20.34
CA PHE C 89 -12.69 10.68 -19.64
C PHE C 89 -12.59 10.89 -18.14
N VAL C 90 -13.71 10.66 -17.45
CA VAL C 90 -13.81 10.83 -16.00
C VAL C 90 -14.62 9.66 -15.47
N ASN C 91 -13.95 8.71 -14.81
CA ASN C 91 -14.60 7.56 -14.20
C ASN C 91 -14.56 7.72 -12.69
N ALA C 92 -15.73 7.78 -12.06
CA ALA C 92 -15.80 8.03 -10.63
C ALA C 92 -17.13 7.53 -10.09
N GLY C 93 -17.09 6.95 -8.88
CA GLY C 93 -18.29 6.54 -8.19
C GLY C 93 -19.17 5.57 -8.94
N GLY C 94 -18.62 4.86 -9.93
CA GLY C 94 -19.39 3.93 -10.73
C GLY C 94 -19.89 4.49 -12.04
N TRP C 95 -19.83 5.81 -12.23
CA TRP C 95 -20.27 6.43 -13.47
C TRP C 95 -19.07 6.86 -14.31
N MET C 96 -19.33 7.07 -15.59
CA MET C 96 -18.30 7.44 -16.56
C MET C 96 -18.83 8.56 -17.43
N GLY C 97 -18.10 9.67 -17.48
CA GLY C 97 -18.41 10.77 -18.36
C GLY C 97 -17.15 11.34 -18.98
N SER C 98 -17.21 12.60 -19.42
CA SER C 98 -16.04 13.27 -19.96
C SER C 98 -16.11 14.74 -19.62
N MET C 99 -14.93 15.36 -19.49
CA MET C 99 -14.80 16.74 -19.09
C MET C 99 -13.86 17.47 -20.05
N CYS C 100 -14.07 18.78 -20.13
CA CYS C 100 -13.16 19.70 -20.79
C CYS C 100 -12.94 20.86 -19.84
N LEU C 101 -11.74 20.93 -19.25
CA LEU C 101 -11.44 21.93 -18.25
C LEU C 101 -11.10 23.26 -18.90
N LEU C 102 -11.73 24.33 -18.44
CA LEU C 102 -11.46 25.68 -18.93
C LEU C 102 -10.68 26.51 -17.94
N HIS C 103 -11.04 26.45 -16.66
CA HIS C 103 -10.35 27.17 -15.60
C HIS C 103 -10.24 26.25 -14.40
N ALA C 104 -9.12 26.35 -13.68
CA ALA C 104 -8.92 25.54 -12.48
C ALA C 104 -7.82 26.16 -11.65
N SER C 105 -8.12 26.47 -10.40
CA SER C 105 -7.12 27.02 -9.48
C SER C 105 -7.13 26.22 -8.19
N LEU C 106 -6.51 26.75 -7.14
CA LEU C 106 -6.54 26.09 -5.85
C LEU C 106 -7.90 26.19 -5.18
N THR C 107 -8.71 27.19 -5.55
CA THR C 107 -9.99 27.43 -4.90
C THR C 107 -11.18 27.38 -5.85
N GLU C 108 -10.97 27.34 -7.17
CA GLU C 108 -12.07 27.35 -8.12
C GLU C 108 -11.72 26.49 -9.32
N TYR C 109 -12.76 26.02 -10.01
CA TYR C 109 -12.55 25.35 -11.29
C TYR C 109 -13.83 25.45 -12.13
N VAL C 110 -13.64 25.48 -13.45
CA VAL C 110 -14.74 25.54 -14.41
C VAL C 110 -14.47 24.50 -15.49
N LEU C 111 -15.49 23.73 -15.86
CA LEU C 111 -15.33 22.75 -16.92
C LEU C 111 -16.67 22.48 -17.58
N LEU C 112 -16.60 21.78 -18.72
CA LEU C 112 -17.77 21.28 -19.42
C LEU C 112 -17.81 19.77 -19.22
N PHE C 113 -18.86 19.28 -18.56
CA PHE C 113 -18.95 17.88 -18.20
C PHE C 113 -20.19 17.24 -18.80
N GLY C 114 -20.09 15.98 -19.18
CA GLY C 114 -21.25 15.27 -19.66
C GLY C 114 -20.91 13.91 -20.21
N THR C 115 -21.97 13.18 -20.55
CA THR C 115 -21.86 11.83 -21.07
C THR C 115 -22.77 11.66 -22.27
N ALA C 116 -22.32 10.85 -23.22
CA ALA C 116 -23.10 10.52 -24.40
C ALA C 116 -23.84 9.20 -24.26
N VAL C 117 -23.73 8.54 -23.10
CA VAL C 117 -24.41 7.29 -22.85
C VAL C 117 -25.12 7.38 -21.50
N ASP C 118 -26.07 6.48 -21.29
CA ASP C 118 -26.75 6.42 -20.00
C ASP C 118 -25.77 5.95 -18.94
N THR C 119 -25.67 6.72 -17.87
CA THR C 119 -24.75 6.36 -16.79
C THR C 119 -25.30 6.88 -15.47
N GLY C 120 -24.67 6.47 -14.38
CA GLY C 120 -25.11 6.89 -13.07
C GLY C 120 -24.32 6.21 -11.97
N GLY C 121 -24.35 6.84 -10.79
CA GLY C 121 -23.68 6.28 -9.63
C GLY C 121 -23.69 7.22 -8.46
N HIS C 122 -22.62 7.17 -7.67
CA HIS C 122 -22.48 8.04 -6.52
C HIS C 122 -22.11 9.45 -6.97
N SER C 123 -22.77 10.44 -6.39
CA SER C 123 -22.41 11.84 -6.67
C SER C 123 -21.02 12.16 -6.19
N GLY C 124 -20.53 11.44 -5.18
CA GLY C 124 -19.27 11.75 -4.53
C GLY C 124 -19.52 12.59 -3.30
N ARG C 125 -18.94 12.18 -2.17
CA ARG C 125 -19.13 12.95 -0.94
C ARG C 125 -18.52 14.33 -1.10
N TYR C 126 -19.37 15.34 -1.27
CA TYR C 126 -18.89 16.69 -1.53
C TYR C 126 -18.22 17.25 -0.27
N TRP C 127 -17.05 17.86 -0.45
CA TRP C 127 -16.48 18.75 0.55
C TRP C 127 -16.09 20.08 -0.07
N ALA C 128 -16.70 20.42 -1.20
CA ALA C 128 -16.63 21.74 -1.81
C ALA C 128 -17.98 21.99 -2.47
N GLU C 129 -18.24 23.26 -2.78
CA GLU C 129 -19.53 23.64 -3.35
C GLU C 129 -19.48 23.58 -4.87
N ILE C 130 -20.41 22.84 -5.46
CA ILE C 130 -20.43 22.61 -6.90
C ILE C 130 -21.75 23.11 -7.45
N SER C 131 -21.73 23.55 -8.72
CA SER C 131 -22.94 23.97 -9.39
C SER C 131 -22.93 23.44 -10.83
N ASP C 132 -24.02 22.81 -11.23
CA ASP C 132 -24.15 22.24 -12.57
C ASP C 132 -25.39 22.82 -13.23
N THR C 133 -25.20 23.56 -14.31
CA THR C 133 -26.30 24.09 -15.12
C THR C 133 -26.40 23.27 -16.39
N ILE C 134 -27.53 22.60 -16.58
CA ILE C 134 -27.70 21.65 -17.68
C ILE C 134 -27.87 22.40 -18.99
N LEU C 135 -27.14 21.98 -20.01
CA LEU C 135 -27.33 22.46 -21.37
C LEU C 135 -28.19 21.52 -22.21
N SER C 136 -28.01 20.21 -22.04
CA SER C 136 -28.83 19.23 -22.74
C SER C 136 -28.92 17.97 -21.91
N GLY C 137 -29.98 17.20 -22.12
CA GLY C 137 -30.18 15.96 -21.40
C GLY C 137 -30.94 16.16 -20.10
N THR C 138 -30.93 15.10 -19.28
CA THR C 138 -31.63 15.10 -18.01
C THR C 138 -30.67 14.72 -16.89
N PHE C 139 -30.99 15.18 -15.69
CA PHE C 139 -30.20 14.91 -14.49
C PHE C 139 -31.14 14.39 -13.42
N ARG C 140 -31.02 13.12 -13.06
CA ARG C 140 -31.80 12.53 -11.98
C ARG C 140 -30.96 12.52 -10.71
N GLN C 141 -31.42 13.22 -9.68
CA GLN C 141 -30.73 13.33 -8.40
C GLN C 141 -31.56 12.66 -7.32
N TRP C 142 -30.91 11.81 -6.53
CA TRP C 142 -31.54 11.11 -5.42
C TRP C 142 -30.82 11.51 -4.13
N LYS C 143 -31.39 12.47 -3.41
CA LYS C 143 -30.74 12.96 -2.20
C LYS C 143 -30.70 11.88 -1.12
N GLU C 144 -29.83 12.09 -0.15
CA GLU C 144 -29.65 11.14 0.94
C GLU C 144 -30.79 11.26 1.95
N GLY C 145 -31.21 10.11 2.48
CA GLY C 145 -32.26 10.07 3.48
C GLY C 145 -33.66 10.06 2.95
N THR C 146 -33.86 10.26 1.65
CA THR C 146 -35.18 10.23 1.03
C THR C 146 -35.29 9.03 0.10
N THR C 147 -36.53 8.66 -0.21
CA THR C 147 -36.82 7.51 -1.05
C THR C 147 -37.33 7.90 -2.43
N LYS C 148 -37.23 9.17 -2.81
CA LYS C 148 -37.69 9.65 -4.10
C LYS C 148 -36.62 10.51 -4.75
N SER C 149 -36.63 10.55 -6.08
CA SER C 149 -35.65 11.29 -6.85
C SER C 149 -36.31 12.48 -7.54
N GLU C 150 -35.49 13.38 -8.06
CA GLU C 150 -35.95 14.56 -8.76
C GLU C 150 -35.24 14.67 -10.11
N ILE C 151 -35.97 15.14 -11.12
CA ILE C 151 -35.43 15.31 -12.47
C ILE C 151 -35.18 16.78 -12.74
N PHE C 152 -34.08 17.06 -13.44
CA PHE C 152 -33.72 18.41 -13.83
C PHE C 152 -33.41 18.41 -15.33
N TYR C 153 -33.81 19.49 -15.99
CA TYR C 153 -33.81 19.60 -17.45
C TYR C 153 -32.91 20.75 -17.88
N PRO C 154 -32.63 20.92 -19.18
CA PRO C 154 -31.81 22.06 -19.61
C PRO C 154 -32.38 23.39 -19.12
N GLY C 155 -31.48 24.23 -18.60
CA GLY C 155 -31.83 25.49 -17.99
C GLY C 155 -31.79 25.46 -16.47
N ASP C 156 -32.07 24.30 -15.87
CA ASP C 156 -32.00 24.19 -14.43
C ASP C 156 -30.54 24.22 -13.96
N THR C 157 -30.36 24.59 -12.69
CA THR C 157 -29.03 24.63 -12.07
C THR C 157 -29.11 23.91 -10.73
N ILE C 158 -28.46 22.76 -10.64
CA ILE C 158 -28.38 22.00 -9.39
C ILE C 158 -27.15 22.44 -8.62
N VAL C 159 -27.35 22.84 -7.37
CA VAL C 159 -26.26 23.28 -6.50
C VAL C 159 -26.01 22.17 -5.48
N HIS C 160 -24.82 21.57 -5.55
CA HIS C 160 -24.39 20.55 -4.61
C HIS C 160 -23.63 21.26 -3.49
N GLU C 161 -24.23 21.27 -2.30
CA GLU C 161 -23.74 22.02 -1.15
C GLU C 161 -22.56 21.29 -0.51
N VAL C 162 -22.11 21.80 0.64
CA VAL C 162 -20.89 21.30 1.25
C VAL C 162 -21.08 19.90 1.81
N GLY C 163 -22.19 19.63 2.48
CA GLY C 163 -22.38 18.34 3.11
C GLY C 163 -23.15 17.30 2.33
N GLU C 164 -23.62 17.63 1.13
CA GLU C 164 -24.55 16.75 0.43
C GLU C 164 -23.83 15.55 -0.20
N ALA C 165 -24.51 14.41 -0.15
CA ALA C 165 -24.15 13.23 -0.96
C ALA C 165 -25.43 12.66 -1.54
N THR C 166 -25.42 12.38 -2.85
CA THR C 166 -26.63 11.96 -3.54
C THR C 166 -26.28 10.85 -4.53
N SER C 167 -27.31 10.37 -5.22
CA SER C 167 -27.17 9.43 -6.33
C SER C 167 -27.45 10.18 -7.62
N VAL C 168 -26.46 10.26 -8.50
CA VAL C 168 -26.59 10.99 -9.75
C VAL C 168 -26.86 10.01 -10.88
N GLN C 169 -27.63 10.46 -11.86
CA GLN C 169 -27.88 9.66 -13.05
C GLN C 169 -28.07 10.60 -14.24
N TRP C 170 -27.42 10.28 -15.35
CA TRP C 170 -27.47 11.11 -16.56
C TRP C 170 -27.87 10.23 -17.74
N SER C 171 -28.83 10.71 -18.51
CA SER C 171 -29.26 10.02 -19.72
C SER C 171 -28.27 10.27 -20.85
N SER C 172 -28.43 9.52 -21.94
CA SER C 172 -27.53 9.64 -23.08
C SER C 172 -27.61 11.03 -23.69
N GLY C 173 -26.45 11.61 -23.96
CA GLY C 173 -26.39 12.93 -24.55
C GLY C 173 -26.59 14.07 -23.57
N THR C 174 -26.28 13.86 -22.30
CA THR C 174 -26.43 14.90 -21.29
C THR C 174 -25.13 15.68 -21.16
N TRP C 175 -25.23 17.00 -21.28
CA TRP C 175 -24.06 17.89 -21.24
C TRP C 175 -24.41 19.14 -20.46
N MET C 176 -23.45 19.62 -19.66
CA MET C 176 -23.68 20.72 -18.75
C MET C 176 -22.36 21.43 -18.47
N VAL C 177 -22.46 22.61 -17.88
CA VAL C 177 -21.29 23.40 -17.47
C VAL C 177 -21.23 23.36 -15.95
N GLU C 178 -20.06 23.00 -15.42
CA GLU C 178 -19.87 22.80 -13.99
C GLU C 178 -18.86 23.80 -13.46
N TYR C 179 -19.21 24.44 -12.34
CA TYR C 179 -18.34 25.37 -11.63
C TYR C 179 -18.22 24.91 -10.19
N GLY C 180 -16.99 24.74 -9.72
CA GLY C 180 -16.74 24.27 -8.37
C GLY C 180 -15.94 25.29 -7.59
N ARG C 181 -16.33 25.50 -6.33
CA ARG C 181 -15.71 26.46 -5.44
C ARG C 181 -15.44 25.79 -4.11
N GLY C 182 -14.23 25.98 -3.58
CA GLY C 182 -13.85 25.36 -2.33
C GLY C 182 -12.43 24.81 -2.37
N PHE C 183 -12.19 23.71 -1.66
CA PHE C 183 -10.89 23.05 -1.69
C PHE C 183 -10.89 22.10 -2.88
N ILE C 184 -10.40 22.59 -4.02
CA ILE C 184 -10.45 21.89 -5.29
C ILE C 184 -9.59 20.63 -5.30
N PRO C 185 -8.34 20.64 -4.81
CA PRO C 185 -7.54 19.41 -4.87
C PRO C 185 -8.21 18.21 -4.22
N SER C 186 -8.99 18.43 -3.16
CA SER C 186 -9.66 17.33 -2.48
C SER C 186 -10.62 16.58 -3.39
N THR C 187 -11.09 17.22 -4.47
CA THR C 187 -11.97 16.51 -5.40
C THR C 187 -11.20 15.56 -6.31
N LEU C 188 -9.93 15.86 -6.58
CA LEU C 188 -9.15 15.06 -7.52
C LEU C 188 -9.23 13.59 -7.17
N ALA C 189 -9.03 13.26 -5.89
CA ALA C 189 -9.08 11.87 -5.44
C ALA C 189 -10.34 11.19 -5.95
N PHE C 190 -11.51 11.77 -5.65
CA PHE C 190 -12.74 11.14 -6.10
C PHE C 190 -12.77 11.04 -7.62
N ALA C 191 -12.36 12.12 -8.30
CA ALA C 191 -12.43 12.15 -9.75
C ALA C 191 -11.53 11.09 -10.38
N LEU C 192 -10.60 10.54 -9.61
CA LEU C 192 -9.66 9.55 -10.11
C LEU C 192 -9.83 8.19 -9.44
N ALA C 193 -10.76 8.07 -8.49
CA ALA C 193 -10.92 6.82 -7.74
C ALA C 193 -11.07 5.63 -8.68
N ASP C 194 -12.12 5.65 -9.51
CA ASP C 194 -12.34 4.56 -10.46
C ASP C 194 -11.23 4.48 -11.49
N THR C 195 -10.54 5.58 -11.76
CA THR C 195 -9.40 5.53 -12.68
C THR C 195 -8.25 4.71 -12.09
N ILE C 196 -8.15 4.66 -10.77
CA ILE C 196 -7.05 3.94 -10.13
C ILE C 196 -7.39 2.47 -9.90
N PHE C 197 -8.57 2.19 -9.33
CA PHE C 197 -8.91 0.85 -8.88
C PHE C 197 -9.91 0.13 -9.78
N SER C 198 -10.30 0.71 -10.92
CA SER C 198 -11.31 0.07 -11.76
C SER C 198 -10.90 0.02 -13.23
N THR C 199 -10.64 1.18 -13.82
CA THR C 199 -10.35 1.26 -15.24
C THR C 199 -8.89 1.01 -15.57
N GLN C 200 -7.98 1.25 -14.62
CA GLN C 200 -6.53 1.12 -14.84
C GLN C 200 -6.06 2.01 -16.00
N ASP C 201 -6.79 3.08 -16.27
CA ASP C 201 -6.50 3.96 -17.40
C ASP C 201 -5.47 4.99 -16.96
N PHE C 202 -4.19 4.64 -17.15
CA PHE C 202 -3.11 5.54 -16.74
C PHE C 202 -3.00 6.74 -17.66
N LEU C 203 -3.41 6.61 -18.91
CA LEU C 203 -3.33 7.75 -19.83
C LEU C 203 -4.37 8.80 -19.52
N THR C 204 -5.55 8.39 -19.05
CA THR C 204 -6.55 9.36 -18.61
C THR C 204 -6.08 10.09 -17.35
N LEU C 205 -5.44 9.37 -16.43
CA LEU C 205 -4.82 10.03 -15.27
C LEU C 205 -3.75 11.03 -15.71
N PHE C 206 -2.94 10.63 -16.69
CA PHE C 206 -1.95 11.54 -17.27
C PHE C 206 -2.61 12.81 -17.79
N TYR C 207 -3.66 12.65 -18.60
CA TYR C 207 -4.35 13.80 -19.17
C TYR C 207 -4.95 14.70 -18.08
N THR C 208 -5.54 14.08 -17.05
CA THR C 208 -6.16 14.85 -15.98
C THR C 208 -5.14 15.68 -15.23
N VAL C 209 -4.06 15.04 -14.77
CA VAL C 209 -3.05 15.80 -14.04
C VAL C 209 -2.38 16.82 -14.94
N LYS C 210 -2.27 16.52 -16.24
CA LYS C 210 -1.66 17.46 -17.17
C LYS C 210 -2.50 18.72 -17.33
N VAL C 211 -3.82 18.55 -17.53
CA VAL C 211 -4.66 19.73 -17.71
C VAL C 211 -4.78 20.51 -16.40
N TYR C 212 -4.78 19.82 -15.25
CA TYR C 212 -4.81 20.55 -13.99
C TYR C 212 -3.52 21.35 -13.79
N SER C 213 -2.37 20.75 -14.09
CA SER C 213 -1.10 21.47 -13.96
C SER C 213 -1.04 22.65 -14.93
N LYS C 214 -1.59 22.48 -16.13
CA LYS C 214 -1.60 23.59 -17.09
C LYS C 214 -2.51 24.72 -16.62
N ALA C 215 -3.65 24.39 -16.02
CA ALA C 215 -4.51 25.43 -15.47
C ALA C 215 -3.84 26.16 -14.32
N LEU C 216 -3.16 25.42 -13.45
CA LEU C 216 -2.43 26.06 -12.35
C LEU C 216 -1.33 26.97 -12.88
N LEU C 217 -0.62 26.52 -13.93
CA LEU C 217 0.42 27.34 -14.52
C LEU C 217 -0.14 28.60 -15.15
N LEU C 218 -1.30 28.48 -15.82
CA LEU C 218 -1.95 29.67 -16.38
C LEU C 218 -2.34 30.64 -15.28
N GLU C 219 -2.89 30.14 -14.18
CA GLU C 219 -3.26 31.02 -13.07
C GLU C 219 -2.05 31.72 -12.48
N ALA C 220 -0.95 30.99 -12.28
CA ALA C 220 0.25 31.61 -11.72
C ALA C 220 0.84 32.64 -12.69
N SER C 221 0.80 32.35 -14.00
CA SER C 221 1.30 33.30 -14.98
C SER C 221 0.47 34.56 -15.02
N THR C 222 -0.86 34.41 -14.95
CA THR C 222 -1.74 35.58 -14.91
C THR C 222 -1.51 36.40 -13.65
N HIS C 223 -1.31 35.73 -12.51
CA HIS C 223 -1.02 36.43 -11.26
C HIS C 223 0.25 37.25 -11.39
N LEU C 224 1.31 36.63 -11.92
CA LEU C 224 2.58 37.34 -12.06
C LEU C 224 2.46 38.50 -13.06
N SER C 225 1.73 38.30 -14.15
CA SER C 225 1.55 39.36 -15.14
C SER C 225 0.64 40.47 -14.62
N GLN C 226 -0.21 40.19 -13.62
CA GLN C 226 -1.04 41.24 -13.07
C GLN C 226 -0.41 41.94 -11.88
N LEU C 227 0.65 41.36 -11.31
CA LEU C 227 1.44 42.09 -10.32
C LEU C 227 2.77 42.58 -10.88
N GLY C 228 3.15 42.12 -12.08
CA GLY C 228 4.42 42.52 -12.68
C GLY C 228 4.34 43.84 -13.42
N SER D 6 19.14 -5.56 -24.58
CA SER D 6 19.03 -4.24 -25.21
C SER D 6 17.69 -3.58 -24.86
N VAL D 7 16.61 -4.33 -24.95
CA VAL D 7 15.29 -3.80 -24.61
C VAL D 7 15.13 -3.72 -23.10
N ASP D 8 15.59 -4.74 -22.36
CA ASP D 8 15.52 -4.69 -20.91
C ASP D 8 16.39 -3.56 -20.37
N THR D 9 17.51 -3.27 -21.04
CA THR D 9 18.34 -2.14 -20.66
C THR D 9 17.58 -0.83 -20.83
N MET D 10 16.84 -0.68 -21.94
CA MET D 10 16.05 0.52 -22.16
C MET D 10 14.96 0.67 -21.10
N ALA D 11 14.27 -0.43 -20.77
CA ALA D 11 13.25 -0.36 -19.73
C ALA D 11 13.85 0.03 -18.39
N LEU D 12 15.02 -0.55 -18.05
CA LEU D 12 15.68 -0.21 -16.80
C LEU D 12 16.10 1.25 -16.77
N TRP D 13 16.61 1.76 -17.89
CA TRP D 13 17.02 3.16 -17.95
C TRP D 13 15.83 4.09 -17.81
N LEU D 14 14.69 3.74 -18.42
CA LEU D 14 13.50 4.57 -18.27
C LEU D 14 13.00 4.56 -16.83
N GLY D 15 12.98 3.39 -16.19
CA GLY D 15 12.60 3.33 -14.79
C GLY D 15 13.53 4.13 -13.90
N LEU D 16 14.84 4.05 -14.16
CA LEU D 16 15.81 4.83 -13.39
C LEU D 16 15.61 6.32 -13.59
N ARG D 17 15.30 6.75 -14.82
CA ARG D 17 15.08 8.17 -15.07
C ARG D 17 13.80 8.65 -14.38
N ALA D 18 12.77 7.79 -14.35
CA ALA D 18 11.54 8.13 -13.64
C ALA D 18 11.80 8.30 -12.15
N VAL D 19 12.53 7.35 -11.55
CA VAL D 19 12.89 7.48 -10.14
C VAL D 19 13.73 8.74 -9.93
N LEU D 20 14.60 9.06 -10.90
CA LEU D 20 15.44 10.24 -10.80
C LEU D 20 14.59 11.51 -10.74
N VAL D 21 13.64 11.66 -11.66
CA VAL D 21 12.84 12.87 -11.68
C VAL D 21 11.91 12.93 -10.47
N VAL D 22 11.40 11.79 -10.00
CA VAL D 22 10.54 11.79 -8.82
C VAL D 22 11.34 12.23 -7.59
N ALA D 23 12.53 11.69 -7.41
CA ALA D 23 13.36 12.07 -6.27
C ALA D 23 13.78 13.53 -6.37
N GLY D 24 14.06 14.01 -7.58
CA GLY D 24 14.39 15.41 -7.76
C GLY D 24 13.24 16.33 -7.39
N LEU D 25 12.01 15.95 -7.79
CA LEU D 25 10.84 16.73 -7.40
C LEU D 25 10.65 16.71 -5.88
N ALA D 26 10.89 15.56 -5.25
CA ALA D 26 10.78 15.48 -3.79
C ALA D 26 11.77 16.42 -3.12
N VAL D 27 13.02 16.40 -3.58
CA VAL D 27 14.05 17.27 -2.99
C VAL D 27 13.71 18.73 -3.23
N LEU D 28 13.20 19.06 -4.42
CA LEU D 28 12.82 20.43 -4.72
C LEU D 28 11.67 20.90 -3.85
N LEU D 29 10.69 20.02 -3.62
CA LEU D 29 9.57 20.39 -2.74
C LEU D 29 10.03 20.59 -1.32
N GLN D 30 10.95 19.74 -0.83
CA GLN D 30 11.51 19.93 0.50
C GLN D 30 12.27 21.24 0.61
N LEU D 31 13.08 21.57 -0.40
CA LEU D 31 13.83 22.82 -0.38
C LEU D 31 12.90 24.02 -0.40
N ILE D 32 11.83 23.95 -1.19
CA ILE D 32 10.90 25.07 -1.28
C ILE D 32 10.14 25.25 0.02
N ARG D 33 9.73 24.15 0.65
CA ARG D 33 9.04 24.24 1.92
C ARG D 33 9.98 24.70 3.04
N GLY D 34 11.28 24.42 2.91
CA GLY D 34 12.24 24.90 3.89
C GLY D 34 12.53 26.38 3.76
N TRP D 35 12.76 26.85 2.53
CA TRP D 35 13.05 28.27 2.33
C TRP D 35 11.86 29.16 2.65
N LEU D 36 10.69 28.85 2.09
CA LEU D 36 9.51 29.66 2.30
C LEU D 36 8.85 29.43 3.66
N SER D 37 9.54 28.80 4.60
CA SER D 37 8.98 28.61 5.93
C SER D 37 9.13 29.88 6.76
N SER D 38 8.40 29.93 7.88
CA SER D 38 8.48 31.09 8.76
C SER D 38 9.84 31.17 9.44
N LYS D 39 10.27 32.39 9.72
CA LYS D 39 11.56 32.67 10.34
C LYS D 39 11.41 33.52 11.59
N SER D 40 10.33 33.29 12.34
CA SER D 40 10.12 33.94 13.62
C SER D 40 10.82 33.10 14.69
N TYR D 41 11.92 33.62 15.21
CA TYR D 41 12.81 32.86 16.08
C TYR D 41 12.75 33.40 17.51
N VAL D 42 12.60 32.49 18.47
CA VAL D 42 12.62 32.85 19.87
C VAL D 42 14.02 32.72 20.46
N PHE D 43 14.72 31.65 20.11
CA PHE D 43 16.07 31.38 20.58
C PHE D 43 17.08 31.64 19.46
N ASN D 44 18.35 31.45 19.79
CA ASN D 44 19.43 31.43 18.82
C ASN D 44 20.36 30.28 19.17
N ARG D 45 20.97 29.68 18.15
CA ARG D 45 21.78 28.49 18.38
C ARG D 45 22.99 28.79 19.26
N GLU D 46 23.52 30.01 19.19
CA GLU D 46 24.66 30.36 20.03
C GLU D 46 24.27 30.41 21.50
N GLU D 47 23.06 30.88 21.81
CA GLU D 47 22.59 30.91 23.19
C GLU D 47 22.55 29.50 23.78
N ILE D 48 21.90 28.58 23.08
CA ILE D 48 21.79 27.20 23.56
C ILE D 48 23.16 26.56 23.63
N ALA D 49 24.01 26.82 22.63
CA ALA D 49 25.35 26.25 22.61
C ALA D 49 26.17 26.70 23.82
N ARG D 50 26.12 28.00 24.12
CA ARG D 50 26.86 28.52 25.27
C ARG D 50 26.28 27.98 26.58
N LEU D 51 24.95 27.91 26.68
CA LEU D 51 24.34 27.40 27.90
C LEU D 51 24.73 25.94 28.14
N ALA D 52 24.82 25.15 27.07
CA ALA D 52 25.18 23.74 27.22
C ALA D 52 26.67 23.57 27.49
N LYS D 53 27.52 24.36 26.81
CA LYS D 53 28.96 24.26 27.04
C LYS D 53 29.33 24.74 28.43
N GLU D 54 28.56 25.67 29.00
CA GLU D 54 28.84 26.17 30.34
C GLU D 54 28.65 25.06 31.38
N HIS D 55 27.69 24.16 31.17
CA HIS D 55 27.39 23.09 32.11
C HIS D 55 27.86 21.73 31.59
N SER D 56 28.73 21.71 30.58
CA SER D 56 29.19 20.44 30.03
C SER D 56 30.19 19.73 30.93
N GLY D 57 30.77 20.44 31.90
CA GLY D 57 31.75 19.82 32.78
C GLY D 57 31.16 19.04 33.94
N LEU D 58 29.92 19.31 34.30
CA LEU D 58 29.27 18.60 35.39
C LEU D 58 28.76 17.24 34.92
N ASP D 59 28.14 16.50 35.83
CA ASP D 59 27.43 15.28 35.45
C ASP D 59 26.24 15.64 34.57
N TYR D 60 25.93 14.74 33.62
CA TYR D 60 24.97 15.09 32.59
C TYR D 60 23.57 15.27 33.15
N GLU D 61 23.23 14.63 34.27
CA GLU D 61 21.92 14.84 34.87
C GLU D 61 21.84 16.21 35.54
N VAL D 62 22.87 16.58 36.30
CA VAL D 62 22.93 17.92 36.88
C VAL D 62 22.95 18.96 35.78
N ALA D 63 23.65 18.67 34.68
CA ALA D 63 23.67 19.59 33.54
C ALA D 63 22.28 19.74 32.94
N PHE D 64 21.56 18.63 32.76
CA PHE D 64 20.19 18.70 32.28
C PHE D 64 19.34 19.60 33.17
N SER D 65 19.41 19.38 34.49
CA SER D 65 18.59 20.15 35.42
C SER D 65 18.92 21.63 35.37
N LYS D 66 20.22 21.96 35.40
CA LYS D 66 20.62 23.38 35.40
C LYS D 66 20.27 24.06 34.08
N ILE D 67 20.42 23.34 32.96
CA ILE D 67 20.06 23.93 31.67
C ILE D 67 18.56 24.17 31.58
N ILE D 68 17.76 23.23 32.09
CA ILE D 68 16.31 23.43 32.09
C ILE D 68 15.93 24.62 32.97
N VAL D 69 16.56 24.73 34.13
CA VAL D 69 16.27 25.86 35.02
C VAL D 69 16.63 27.18 34.37
N GLU D 70 17.79 27.24 33.72
CA GLU D 70 18.21 28.49 33.07
C GLU D 70 17.30 28.83 31.89
N LEU D 71 16.87 27.81 31.14
CA LEU D 71 15.96 28.07 30.02
C LEU D 71 14.61 28.58 30.52
N ARG D 72 14.10 28.02 31.62
CA ARG D 72 12.87 28.52 32.20
C ARG D 72 13.05 29.92 32.79
N LYS D 73 14.26 30.24 33.25
CA LYS D 73 14.50 31.57 33.80
C LYS D 73 14.56 32.62 32.70
N LYS D 74 15.24 32.31 31.59
CA LYS D 74 15.38 33.28 30.50
C LYS D 74 14.22 33.22 29.51
N HIS D 75 13.53 32.09 29.42
CA HIS D 75 12.38 31.92 28.53
C HIS D 75 11.33 31.12 29.29
N PRO D 76 10.54 31.78 30.13
CA PRO D 76 9.59 31.04 30.99
C PRO D 76 8.43 30.39 30.26
N GLY D 77 7.69 31.16 29.48
CA GLY D 77 6.53 30.64 28.77
C GLY D 77 6.83 29.75 27.57
N HIS D 78 8.09 29.43 27.35
CA HIS D 78 8.50 28.66 26.18
C HIS D 78 9.10 27.30 26.50
N ILE D 79 9.15 26.89 27.77
CA ILE D 79 9.69 25.60 28.16
C ILE D 79 8.59 24.81 28.85
N LEU D 80 8.50 23.52 28.51
CA LEU D 80 7.48 22.66 29.08
C LEU D 80 7.67 22.51 30.59
N GLN D 81 6.57 22.19 31.26
CA GLN D 81 6.60 22.00 32.71
C GLN D 81 7.25 20.66 33.06
N ASP D 82 7.55 20.48 34.34
CA ASP D 82 8.11 19.21 34.79
C ASP D 82 7.14 18.07 34.58
N GLU D 83 5.84 18.33 34.64
CA GLU D 83 4.84 17.30 34.42
C GLU D 83 4.81 16.84 32.96
N ASP D 84 5.30 17.64 32.03
CA ASP D 84 5.27 17.33 30.62
C ASP D 84 6.59 16.78 30.10
N LEU D 85 7.64 16.74 30.93
CA LEU D 85 8.92 16.20 30.51
C LEU D 85 8.89 14.68 30.55
N GLN D 86 9.46 14.06 29.52
CA GLN D 86 9.44 12.60 29.41
C GLN D 86 10.54 12.15 28.46
N TRP D 87 11.20 11.05 28.81
CA TRP D 87 12.19 10.44 27.93
C TRP D 87 11.48 9.52 26.94
N VAL D 88 11.60 9.83 25.65
CA VAL D 88 10.94 9.08 24.59
C VAL D 88 12.01 8.52 23.65
N PHE D 89 11.92 7.23 23.35
CA PHE D 89 12.85 6.61 22.42
C PHE D 89 12.74 7.26 21.04
N VAL D 90 13.85 7.24 20.30
CA VAL D 90 13.93 7.81 18.96
C VAL D 90 14.74 6.85 18.11
N ASN D 91 14.08 6.13 17.21
CA ASN D 91 14.71 5.22 16.28
C ASN D 91 14.63 5.83 14.88
N ALA D 92 15.77 6.07 14.27
CA ALA D 92 15.79 6.72 12.97
C ALA D 92 17.11 6.41 12.26
N GLY D 93 17.03 6.20 10.95
CA GLY D 93 18.21 6.02 10.12
C GLY D 93 19.12 4.89 10.55
N GLY D 94 18.62 3.93 11.31
CA GLY D 94 19.41 2.82 11.80
C GLY D 94 19.96 2.99 13.19
N TRP D 95 19.91 4.20 13.75
CA TRP D 95 20.37 4.45 15.11
C TRP D 95 19.19 4.59 16.06
N MET D 96 19.48 4.42 17.35
CA MET D 96 18.47 4.47 18.40
C MET D 96 19.01 5.29 19.56
N GLY D 97 18.26 6.33 19.95
CA GLY D 97 18.57 7.11 21.13
C GLY D 97 17.32 7.46 21.89
N SER D 98 17.37 8.52 22.70
CA SER D 98 16.20 8.99 23.43
C SER D 98 16.27 10.50 23.55
N MET D 99 15.10 11.12 23.62
CA MET D 99 14.97 12.56 23.66
C MET D 99 14.05 12.99 24.80
N CYS D 100 14.26 14.22 25.25
CA CYS D 100 13.37 14.90 26.18
C CYS D 100 13.13 16.30 25.61
N LEU D 101 11.92 16.53 25.10
CA LEU D 101 11.60 17.79 24.44
C LEU D 101 11.27 18.87 25.46
N LEU D 102 11.91 20.03 25.32
CA LEU D 102 11.66 21.19 26.19
C LEU D 102 10.87 22.28 25.49
N HIS D 103 11.21 22.58 24.24
CA HIS D 103 10.52 23.58 23.44
C HIS D 103 10.35 23.04 22.03
N ALA D 104 9.22 23.36 21.41
CA ALA D 104 8.96 22.94 20.03
C ALA D 104 7.84 23.80 19.46
N SER D 105 8.12 24.47 18.35
CA SER D 105 7.11 25.26 17.66
C SER D 105 7.11 24.85 16.19
N LEU D 106 6.50 25.68 15.35
CA LEU D 106 6.52 25.42 13.91
C LEU D 106 7.89 25.70 13.30
N THR D 107 8.71 26.53 13.95
CA THR D 107 9.99 26.94 13.40
C THR D 107 11.18 26.59 14.27
N GLU D 108 10.98 26.17 15.52
CA GLU D 108 12.08 25.89 16.42
C GLU D 108 11.74 24.71 17.32
N TYR D 109 12.78 24.06 17.81
CA TYR D 109 12.62 23.02 18.83
C TYR D 109 13.92 22.89 19.61
N VAL D 110 13.78 22.53 20.89
CA VAL D 110 14.90 22.30 21.79
C VAL D 110 14.65 21.01 22.54
N LEU D 111 15.69 20.18 22.64
CA LEU D 111 15.53 18.93 23.38
C LEU D 111 16.88 18.47 23.91
N LEU D 112 16.82 17.48 24.80
CA LEU D 112 18.00 16.80 25.32
C LEU D 112 18.02 15.41 24.70
N PHE D 113 19.05 15.12 23.92
CA PHE D 113 19.11 13.88 23.16
C PHE D 113 20.36 13.09 23.55
N GLY D 114 20.24 11.77 23.54
CA GLY D 114 21.41 10.95 23.80
C GLY D 114 21.06 9.48 23.91
N THR D 115 22.11 8.69 24.02
CA THR D 115 22.00 7.23 24.10
C THR D 115 22.91 6.71 25.19
N ALA D 116 22.46 5.66 25.87
CA ALA D 116 23.26 4.98 26.89
C ALA D 116 23.98 3.77 26.35
N VAL D 117 23.85 3.49 25.05
CA VAL D 117 24.51 2.37 24.40
C VAL D 117 25.18 2.89 23.13
N ASP D 118 26.12 2.10 22.61
CA ASP D 118 26.77 2.44 21.35
C ASP D 118 25.77 2.32 20.20
N THR D 119 25.67 3.37 19.39
CA THR D 119 24.73 3.37 18.27
C THR D 119 25.29 4.24 17.16
N GLY D 120 24.64 4.15 16.00
CA GLY D 120 25.07 4.92 14.86
C GLY D 120 24.28 4.60 13.61
N GLY D 121 24.29 5.52 12.66
CA GLY D 121 23.61 5.30 11.39
C GLY D 121 23.60 6.56 10.55
N HIS D 122 22.52 6.72 9.79
CA HIS D 122 22.36 7.90 8.96
C HIS D 122 21.98 9.10 9.81
N SER D 123 22.62 10.24 9.54
CA SER D 123 22.26 11.47 10.23
C SER D 123 20.84 11.89 9.91
N GLY D 124 20.33 11.50 8.75
CA GLY D 124 19.06 11.98 8.26
C GLY D 124 19.30 13.13 7.33
N ARG D 125 18.71 13.08 6.12
CA ARG D 125 18.92 14.18 5.18
C ARG D 125 18.35 15.46 5.77
N TYR D 126 19.24 16.34 6.22
CA TYR D 126 18.79 17.57 6.87
C TYR D 126 18.12 18.47 5.85
N TRP D 127 16.97 19.01 6.22
CA TRP D 127 16.38 20.16 5.53
C TRP D 127 16.02 21.25 6.52
N ALA D 128 16.65 21.24 7.69
CA ALA D 128 16.61 22.31 8.66
C ALA D 128 17.98 22.36 9.33
N GLU D 129 18.26 23.47 10.01
CA GLU D 129 19.56 23.67 10.61
C GLU D 129 19.55 23.17 12.05
N ILE D 130 20.49 22.28 12.37
CA ILE D 130 20.55 21.65 13.68
C ILE D 130 21.90 21.96 14.31
N SER D 131 21.92 22.03 15.65
CA SER D 131 23.15 22.23 16.40
C SER D 131 23.13 21.34 17.63
N ASP D 132 24.21 20.59 17.83
CA ASP D 132 24.33 19.68 18.96
C ASP D 132 25.58 20.03 19.77
N THR D 133 25.38 20.44 21.02
CA THR D 133 26.49 20.70 21.94
C THR D 133 26.60 19.53 22.90
N ILE D 134 27.73 18.83 22.87
CA ILE D 134 27.90 17.60 23.62
C ILE D 134 28.09 17.92 25.10
N LEU D 135 27.36 17.21 25.95
CA LEU D 135 27.55 17.27 27.39
C LEU D 135 28.40 16.12 27.90
N SER D 136 28.23 14.92 27.33
CA SER D 136 29.04 13.77 27.69
C SER D 136 29.11 12.82 26.49
N GLY D 137 30.16 12.02 26.46
CA GLY D 137 30.35 11.07 25.39
C GLY D 137 31.08 11.64 24.19
N THR D 138 31.04 10.88 23.09
CA THR D 138 31.73 11.27 21.87
C THR D 138 30.74 11.24 20.70
N PHE D 139 31.04 12.05 19.69
CA PHE D 139 30.23 12.15 18.48
C PHE D 139 31.17 11.98 17.29
N ARG D 140 31.04 10.86 16.57
CA ARG D 140 31.80 10.62 15.36
C ARG D 140 30.94 10.99 14.16
N GLN D 141 31.39 11.97 13.37
CA GLN D 141 30.68 12.44 12.19
C GLN D 141 31.49 12.11 10.95
N TRP D 142 30.83 11.52 9.96
CA TRP D 142 31.43 11.16 8.68
C TRP D 142 30.67 11.90 7.59
N LYS D 143 31.22 13.03 7.14
CA LYS D 143 30.55 13.86 6.15
C LYS D 143 30.42 13.13 4.82
N GLU D 144 29.51 13.63 3.98
CA GLU D 144 29.26 13.04 2.69
C GLU D 144 30.37 13.40 1.71
N GLY D 145 30.76 12.43 0.88
CA GLY D 145 31.78 12.64 -0.12
C GLY D 145 33.20 12.45 0.35
N THR D 146 33.43 12.27 1.65
CA THR D 146 34.75 12.05 2.19
C THR D 146 34.88 10.63 2.73
N THR D 147 36.13 10.19 2.87
CA THR D 147 36.43 8.83 3.34
C THR D 147 36.98 8.80 4.76
N LYS D 148 36.93 9.91 5.49
CA LYS D 148 37.44 9.98 6.85
C LYS D 148 36.41 10.65 7.75
N SER D 149 36.46 10.31 9.04
CA SER D 149 35.52 10.81 10.04
C SER D 149 36.23 11.76 10.99
N GLU D 150 35.43 12.47 11.78
CA GLU D 150 35.91 13.41 12.78
C GLU D 150 35.26 13.11 14.12
N ILE D 151 36.02 13.28 15.20
CA ILE D 151 35.54 13.02 16.55
C ILE D 151 35.26 14.35 17.24
N PHE D 152 34.20 14.39 18.02
CA PHE D 152 33.83 15.56 18.80
C PHE D 152 33.58 15.14 20.24
N TYR D 153 33.99 15.99 21.18
CA TYR D 153 34.04 15.64 22.60
C TYR D 153 33.15 16.59 23.39
N PRO D 154 32.92 16.35 24.68
CA PRO D 154 32.11 17.29 25.47
C PRO D 154 32.65 18.71 25.38
N GLY D 155 31.74 19.67 25.17
CA GLY D 155 32.08 21.05 24.93
C GLY D 155 32.02 21.46 23.47
N ASP D 156 32.29 20.52 22.56
CA ASP D 156 32.20 20.82 21.14
C ASP D 156 30.74 20.99 20.72
N THR D 157 30.55 21.69 19.59
CA THR D 157 29.23 21.92 19.03
C THR D 157 29.29 21.59 17.54
N ILE D 158 28.59 20.52 17.16
CA ILE D 158 28.48 20.11 15.77
C ILE D 158 27.29 20.80 15.14
N VAL D 159 27.51 21.48 14.01
CA VAL D 159 26.46 22.20 13.30
C VAL D 159 26.12 21.41 12.05
N HIS D 160 24.90 20.89 11.99
CA HIS D 160 24.38 20.21 10.82
C HIS D 160 23.64 21.24 9.97
N GLU D 161 24.21 21.55 8.81
CA GLU D 161 23.73 22.64 7.97
C GLU D 161 22.48 22.21 7.20
N VAL D 162 22.03 23.07 6.29
CA VAL D 162 20.75 22.86 5.63
C VAL D 162 20.81 21.67 4.67
N GLY D 163 21.87 21.57 3.88
CA GLY D 163 21.98 20.52 2.88
C GLY D 163 22.75 19.29 3.28
N GLU D 164 23.29 19.23 4.49
CA GLU D 164 24.22 18.18 4.86
C GLU D 164 23.51 16.86 5.14
N ALA D 165 24.17 15.76 4.74
CA ALA D 165 23.84 14.42 5.18
C ALA D 165 25.14 13.70 5.51
N THR D 166 25.18 13.05 6.68
CA THR D 166 26.41 12.46 7.18
C THR D 166 26.09 11.12 7.82
N SER D 167 27.14 10.45 8.30
CA SER D 167 27.03 9.23 9.10
C SER D 167 27.37 9.60 10.54
N VAL D 168 26.41 9.44 11.44
CA VAL D 168 26.59 9.79 12.84
C VAL D 168 26.86 8.53 13.64
N GLN D 169 27.63 8.68 14.71
CA GLN D 169 27.89 7.57 15.62
C GLN D 169 28.09 8.13 17.02
N TRP D 170 27.45 7.49 18.01
CA TRP D 170 27.53 7.93 19.39
C TRP D 170 27.91 6.74 20.27
N SER D 171 28.90 6.96 21.15
CA SER D 171 29.33 5.95 22.09
C SER D 171 28.34 5.84 23.25
N SER D 172 28.51 4.79 24.05
CA SER D 172 27.63 4.56 25.18
C SER D 172 27.73 5.70 26.19
N GLY D 173 26.58 6.17 26.64
CA GLY D 173 26.54 7.26 27.61
C GLY D 173 26.77 8.63 27.02
N THR D 174 26.44 8.82 25.75
CA THR D 174 26.59 10.12 25.09
C THR D 174 25.31 10.92 25.22
N TRP D 175 25.41 12.14 25.71
CA TRP D 175 24.26 13.00 25.95
C TRP D 175 24.61 14.43 25.56
N MET D 176 23.65 15.12 24.95
CA MET D 176 23.88 16.44 24.39
C MET D 176 22.56 17.20 24.34
N VAL D 177 22.67 18.51 24.12
CA VAL D 177 21.52 19.39 23.98
C VAL D 177 21.42 19.82 22.52
N GLU D 178 20.24 19.65 21.93
CA GLU D 178 20.02 19.88 20.51
C GLU D 178 18.99 20.99 20.32
N TYR D 179 19.32 21.94 19.43
CA TYR D 179 18.43 23.02 19.05
C TYR D 179 18.30 23.05 17.53
N GLY D 180 17.08 22.99 17.04
CA GLY D 180 16.81 23.00 15.61
C GLY D 180 15.92 24.16 15.22
N ARG D 181 16.26 24.82 14.11
CA ARG D 181 15.50 25.94 13.59
C ARG D 181 15.27 25.73 12.11
N GLY D 182 14.04 25.96 11.65
CA GLY D 182 13.69 25.76 10.26
C GLY D 182 12.32 25.13 10.10
N PHE D 183 12.16 24.28 9.09
CA PHE D 183 10.90 23.56 8.88
C PHE D 183 10.93 22.31 9.73
N ILE D 184 10.38 22.43 10.94
CA ILE D 184 10.41 21.37 11.95
C ILE D 184 9.59 20.15 11.56
N PRO D 185 8.36 20.29 11.05
CA PRO D 185 7.58 19.09 10.69
C PRO D 185 8.29 18.15 9.73
N SER D 186 9.11 18.68 8.82
CA SER D 186 9.82 17.84 7.88
C SER D 186 10.77 16.86 8.55
N THR D 187 11.21 17.17 9.78
CA THR D 187 12.10 16.26 10.51
C THR D 187 11.34 15.07 11.09
N LEU D 188 10.05 15.24 11.41
CA LEU D 188 9.26 14.17 12.00
C LEU D 188 9.30 12.91 11.16
N ALA D 189 9.18 13.05 9.84
CA ALA D 189 9.23 11.90 8.94
C ALA D 189 10.46 11.04 9.21
N PHE D 190 11.64 11.64 9.16
CA PHE D 190 12.87 10.88 9.41
C PHE D 190 12.90 10.36 10.84
N ALA D 191 12.48 11.18 11.81
CA ALA D 191 12.55 10.77 13.21
C ALA D 191 11.61 9.61 13.52
N LEU D 192 10.63 9.36 12.67
CA LEU D 192 9.64 8.31 12.90
C LEU D 192 9.73 7.19 11.87
N ALA D 193 10.62 7.31 10.88
CA ALA D 193 10.75 6.27 9.86
C ALA D 193 10.98 4.90 10.47
N ASP D 194 12.05 4.76 11.26
CA ASP D 194 12.34 3.47 11.90
C ASP D 194 11.27 3.11 12.93
N THR D 195 10.59 4.11 13.51
CA THR D 195 9.51 3.80 14.45
C THR D 195 8.34 3.15 13.72
N ILE D 196 8.14 3.48 12.45
CA ILE D 196 7.02 2.93 11.68
C ILE D 196 7.40 1.62 10.98
N PHE D 197 8.55 1.59 10.30
CA PHE D 197 8.90 0.49 9.43
C PHE D 197 9.95 -0.46 10.01
N SER D 198 10.37 -0.26 11.26
CA SER D 198 11.41 -1.09 11.83
C SER D 198 11.03 -1.59 13.22
N THR D 199 10.75 -0.67 14.14
CA THR D 199 10.47 -1.03 15.52
C THR D 199 9.01 -1.40 15.76
N GLN D 200 8.09 -0.92 14.92
CA GLN D 200 6.64 -1.12 15.11
C GLN D 200 6.16 -0.60 16.45
N ASP D 201 6.89 0.36 17.03
CA ASP D 201 6.61 0.88 18.37
C ASP D 201 5.58 1.99 18.23
N PHE D 202 4.30 1.62 18.30
CA PHE D 202 3.24 2.61 18.16
C PHE D 202 3.14 3.49 19.40
N LEU D 203 3.57 3.00 20.56
CA LEU D 203 3.51 3.82 21.77
C LEU D 203 4.58 4.90 21.76
N THR D 204 5.74 4.63 21.16
CA THR D 204 6.74 5.69 21.00
C THR D 204 6.24 6.78 20.05
N LEU D 205 5.56 6.39 18.97
CA LEU D 205 4.92 7.37 18.10
C LEU D 205 3.87 8.17 18.87
N PHE D 206 3.08 7.48 19.69
CA PHE D 206 2.11 8.16 20.56
C PHE D 206 2.79 9.22 21.43
N TYR D 207 3.87 8.82 22.12
CA TYR D 207 4.57 9.75 23.00
C TYR D 207 5.15 10.92 22.22
N THR D 208 5.72 10.65 21.04
CA THR D 208 6.34 11.71 20.25
C THR D 208 5.29 12.74 19.81
N VAL D 209 4.21 12.27 19.19
CA VAL D 209 3.20 13.22 18.73
C VAL D 209 2.52 13.91 19.91
N LYS D 210 2.41 13.22 21.06
CA LYS D 210 1.79 13.84 22.24
C LYS D 210 2.64 14.97 22.78
N VAL D 211 3.95 14.74 22.93
CA VAL D 211 4.80 15.80 23.46
C VAL D 211 4.93 16.94 22.46
N TYR D 212 4.91 16.63 21.15
CA TYR D 212 4.95 17.71 20.17
C TYR D 212 3.66 18.54 20.22
N SER D 213 2.51 17.88 20.34
CA SER D 213 1.26 18.62 20.45
C SER D 213 1.21 19.44 21.72
N LYS D 214 1.74 18.92 22.82
CA LYS D 214 1.77 19.68 24.07
C LYS D 214 2.69 20.89 23.97
N ALA D 215 3.84 20.74 23.30
CA ALA D 215 4.73 21.88 23.11
C ALA D 215 4.08 22.94 22.23
N LEU D 216 3.40 22.51 21.16
CA LEU D 216 2.69 23.46 20.32
C LEU D 216 1.58 24.16 21.09
N LEU D 217 0.87 23.43 21.94
CA LEU D 217 -0.19 24.02 22.75
C LEU D 217 0.37 25.04 23.73
N LEU D 218 1.51 24.73 24.36
CA LEU D 218 2.15 25.69 25.25
C LEU D 218 2.59 26.94 24.49
N GLU D 219 3.16 26.77 23.30
CA GLU D 219 3.57 27.92 22.50
C GLU D 219 2.38 28.78 22.11
N ALA D 220 1.29 28.15 21.68
CA ALA D 220 0.09 28.90 21.31
C ALA D 220 -0.51 29.61 22.52
N SER D 221 -0.48 28.97 23.69
CA SER D 221 -0.99 29.60 24.90
C SER D 221 -0.16 30.81 25.28
N THR D 222 1.17 30.69 25.19
CA THR D 222 2.03 31.83 25.48
C THR D 222 1.80 32.97 24.49
N HIS D 223 1.66 32.64 23.20
CA HIS D 223 1.38 33.66 22.19
C HIS D 223 0.07 34.38 22.50
N LEU D 224 -0.98 33.62 22.81
CA LEU D 224 -2.28 34.22 23.11
C LEU D 224 -2.21 35.08 24.36
N SER D 225 -1.47 34.62 25.38
CA SER D 225 -1.33 35.41 26.60
C SER D 225 -0.47 36.65 26.39
N GLN D 226 0.40 36.64 25.36
CA GLN D 226 1.20 37.83 25.09
C GLN D 226 0.53 38.77 24.10
N LEU D 227 -0.55 38.33 23.44
CA LEU D 227 -1.36 39.23 22.64
C LEU D 227 -2.67 39.61 23.32
N GLY D 228 -3.03 38.92 24.40
CA GLY D 228 -4.27 39.19 25.09
C GLY D 228 -4.17 40.34 26.08
N SER E 6 -8.73 -23.08 18.83
CA SER E 6 -8.66 -24.32 18.09
C SER E 6 -8.87 -24.08 16.60
N VAL E 7 -9.88 -23.29 16.28
CA VAL E 7 -10.15 -22.91 14.88
C VAL E 7 -9.14 -21.87 14.40
N ASP E 8 -8.78 -20.95 15.29
CA ASP E 8 -7.80 -19.92 14.95
C ASP E 8 -6.46 -20.53 14.55
N THR E 9 -6.11 -21.69 15.10
CA THR E 9 -4.89 -22.36 14.68
C THR E 9 -4.96 -22.74 13.20
N MET E 10 -6.10 -23.30 12.78
CA MET E 10 -6.28 -23.65 11.37
C MET E 10 -6.26 -22.41 10.48
N ALA E 11 -6.96 -21.35 10.91
CA ALA E 11 -6.97 -20.12 10.11
C ALA E 11 -5.57 -19.52 9.98
N LEU E 12 -4.81 -19.51 11.08
CA LEU E 12 -3.46 -18.98 11.04
C LEU E 12 -2.56 -19.83 10.16
N TRP E 13 -2.73 -21.17 10.20
CA TRP E 13 -1.94 -22.02 9.34
C TRP E 13 -2.25 -21.77 7.87
N LEU E 14 -3.53 -21.53 7.54
CA LEU E 14 -3.89 -21.22 6.17
C LEU E 14 -3.29 -19.88 5.73
N GLY E 15 -3.32 -18.87 6.59
CA GLY E 15 -2.66 -17.62 6.28
C GLY E 15 -1.16 -17.78 6.07
N LEU E 16 -0.54 -18.60 6.91
CA LEU E 16 0.88 -18.88 6.76
C LEU E 16 1.16 -19.58 5.44
N ARG E 17 0.25 -20.47 5.01
CA ARG E 17 0.41 -21.12 3.72
C ARG E 17 0.28 -20.13 2.58
N ALA E 18 -0.61 -19.15 2.71
CA ALA E 18 -0.72 -18.11 1.69
C ALA E 18 0.58 -17.30 1.59
N VAL E 19 1.10 -16.85 2.73
CA VAL E 19 2.36 -16.12 2.72
C VAL E 19 3.49 -17.01 2.19
N LEU E 20 3.44 -18.31 2.52
CA LEU E 20 4.45 -19.25 2.07
C LEU E 20 4.47 -19.37 0.56
N VAL E 21 3.30 -19.55 -0.06
CA VAL E 21 3.27 -19.70 -1.51
C VAL E 21 3.63 -18.40 -2.20
N VAL E 22 3.26 -17.25 -1.62
CA VAL E 22 3.64 -15.97 -2.22
C VAL E 22 5.16 -15.80 -2.19
N ALA E 23 5.79 -16.08 -1.04
CA ALA E 23 7.24 -15.97 -0.93
C ALA E 23 7.95 -16.98 -1.83
N GLY E 24 7.39 -18.19 -1.94
CA GLY E 24 7.98 -19.18 -2.83
C GLY E 24 7.91 -18.75 -4.28
N LEU E 25 6.79 -18.17 -4.70
CA LEU E 25 6.71 -17.64 -6.05
C LEU E 25 7.71 -16.52 -6.26
N ALA E 26 7.89 -15.65 -5.26
CA ALA E 26 8.85 -14.56 -5.38
C ALA E 26 10.27 -15.12 -5.56
N VAL E 27 10.66 -16.09 -4.73
CA VAL E 27 11.99 -16.66 -4.82
C VAL E 27 12.19 -17.38 -6.15
N LEU E 28 11.17 -18.11 -6.61
CA LEU E 28 11.28 -18.82 -7.88
C LEU E 28 11.39 -17.86 -9.04
N LEU E 29 10.63 -16.76 -9.02
CA LEU E 29 10.71 -15.77 -10.08
C LEU E 29 12.07 -15.08 -10.07
N GLN E 30 12.62 -14.79 -8.88
CA GLN E 30 13.95 -14.22 -8.82
C GLN E 30 14.99 -15.17 -9.38
N LEU E 31 14.90 -16.46 -9.05
CA LEU E 31 15.85 -17.44 -9.57
C LEU E 31 15.73 -17.57 -11.09
N ILE E 32 14.50 -17.55 -11.61
CA ILE E 32 14.30 -17.69 -13.05
C ILE E 32 14.78 -16.44 -13.78
N ARG E 33 14.50 -15.26 -13.23
CA ARG E 33 14.96 -14.02 -13.85
C ARG E 33 16.47 -13.87 -13.77
N GLY E 34 17.10 -14.44 -12.74
CA GLY E 34 18.55 -14.45 -12.70
C GLY E 34 19.12 -15.44 -13.69
N TRP E 35 18.56 -16.65 -13.71
CA TRP E 35 18.92 -17.64 -14.70
C TRP E 35 18.41 -17.20 -16.07
N LEU E 36 18.89 -17.87 -17.12
CA LEU E 36 18.49 -17.57 -18.50
C LEU E 36 18.68 -16.09 -18.86
N SER E 37 19.42 -15.36 -18.05
CA SER E 37 19.71 -13.94 -18.28
C SER E 37 20.82 -13.79 -19.31
N SER E 38 21.03 -12.54 -19.73
CA SER E 38 22.08 -12.27 -20.70
C SER E 38 23.44 -12.59 -20.10
N LYS E 39 24.36 -13.02 -20.95
CA LYS E 39 25.68 -13.49 -20.51
C LYS E 39 26.81 -12.75 -21.21
N SER E 40 26.61 -11.47 -21.49
CA SER E 40 27.66 -10.63 -22.07
C SER E 40 28.47 -10.02 -20.92
N TYR E 41 29.67 -10.54 -20.71
CA TYR E 41 30.52 -10.14 -19.59
C TYR E 41 31.76 -9.42 -20.11
N VAL E 42 32.07 -8.28 -19.51
CA VAL E 42 33.26 -7.53 -19.87
C VAL E 42 34.43 -7.88 -18.95
N PHE E 43 34.19 -8.00 -17.66
CA PHE E 43 35.22 -8.31 -16.68
C PHE E 43 35.07 -9.75 -16.20
N ASN E 44 36.01 -10.16 -15.35
CA ASN E 44 35.93 -11.41 -14.61
C ASN E 44 36.37 -11.15 -13.17
N ARG E 45 35.81 -11.92 -12.23
CA ARG E 45 36.07 -11.66 -10.83
C ARG E 45 37.55 -11.85 -10.49
N GLU E 46 38.23 -12.75 -11.20
CA GLU E 46 39.64 -12.98 -10.94
C GLU E 46 40.47 -11.76 -11.35
N GLU E 47 40.09 -11.10 -12.45
CA GLU E 47 40.80 -9.90 -12.88
C GLU E 47 40.72 -8.80 -11.83
N ILE E 48 39.50 -8.50 -11.37
CA ILE E 48 39.33 -7.46 -10.36
C ILE E 48 40.00 -7.86 -9.06
N ALA E 49 39.90 -9.15 -8.70
CA ALA E 49 40.50 -9.62 -7.45
C ALA E 49 42.02 -9.43 -7.46
N ARG E 50 42.68 -9.82 -8.55
CA ARG E 50 44.12 -9.63 -8.64
C ARG E 50 44.50 -8.16 -8.73
N LEU E 51 43.74 -7.37 -9.49
CA LEU E 51 44.05 -5.94 -9.60
C LEU E 51 43.95 -5.25 -8.24
N ALA E 52 42.98 -5.67 -7.41
CA ALA E 52 42.85 -5.07 -6.09
C ALA E 52 43.89 -5.62 -5.11
N LYS E 53 44.19 -6.91 -5.18
CA LYS E 53 45.17 -7.51 -4.28
C LYS E 53 46.57 -6.98 -4.57
N GLU E 54 46.85 -6.60 -5.82
CA GLU E 54 48.16 -6.07 -6.16
C GLU E 54 48.41 -4.72 -5.48
N HIS E 55 47.37 -3.92 -5.29
CA HIS E 55 47.48 -2.59 -4.71
C HIS E 55 46.93 -2.52 -3.28
N SER E 56 46.75 -3.67 -2.62
CA SER E 56 46.21 -3.66 -1.27
C SER E 56 47.23 -3.19 -0.23
N GLY E 57 48.52 -3.16 -0.60
CA GLY E 57 49.54 -2.75 0.34
C GLY E 57 49.74 -1.25 0.44
N LEU E 58 49.31 -0.49 -0.56
CA LEU E 58 49.45 0.96 -0.56
C LEU E 58 48.33 1.59 0.27
N ASP E 59 48.35 2.92 0.33
CA ASP E 59 47.23 3.65 0.90
C ASP E 59 45.99 3.45 0.03
N TYR E 60 44.83 3.39 0.67
CA TYR E 60 43.63 2.98 -0.07
C TYR E 60 43.22 4.00 -1.13
N GLU E 61 43.58 5.28 -0.94
CA GLU E 61 43.28 6.29 -1.96
C GLU E 61 44.18 6.12 -3.17
N VAL E 62 45.49 5.94 -2.94
CA VAL E 62 46.40 5.65 -4.05
C VAL E 62 46.02 4.36 -4.74
N ALA E 63 45.56 3.37 -3.96
CA ALA E 63 45.10 2.12 -4.54
C ALA E 63 43.89 2.34 -5.43
N PHE E 64 42.92 3.13 -4.94
CA PHE E 64 41.76 3.48 -5.76
C PHE E 64 42.19 4.12 -7.07
N SER E 65 43.09 5.11 -6.99
CA SER E 65 43.50 5.83 -8.20
C SER E 65 44.19 4.89 -9.19
N LYS E 66 45.13 4.07 -8.71
CA LYS E 66 45.86 3.17 -9.60
C LYS E 66 44.94 2.11 -10.19
N ILE E 67 43.99 1.60 -9.41
CA ILE E 67 43.05 0.61 -9.92
C ILE E 67 42.16 1.22 -10.99
N ILE E 68 41.70 2.46 -10.78
CA ILE E 68 40.89 3.14 -11.78
C ILE E 68 41.69 3.34 -13.07
N VAL E 69 42.96 3.74 -12.94
CA VAL E 69 43.80 3.94 -14.12
C VAL E 69 43.97 2.63 -14.88
N GLU E 70 44.24 1.53 -14.16
CA GLU E 70 44.43 0.25 -14.83
C GLU E 70 43.13 -0.23 -15.48
N LEU E 71 42.00 0.00 -14.83
CA LEU E 71 40.72 -0.39 -15.42
C LEU E 71 40.43 0.39 -16.68
N ARG E 72 40.73 1.70 -16.69
CA ARG E 72 40.56 2.48 -17.90
C ARG E 72 41.55 2.07 -18.98
N LYS E 73 42.73 1.59 -18.60
CA LYS E 73 43.71 1.18 -19.58
C LYS E 73 43.34 -0.15 -20.24
N LYS E 74 42.86 -1.12 -19.45
CA LYS E 74 42.57 -2.44 -19.97
C LYS E 74 41.17 -2.57 -20.57
N HIS E 75 40.23 -1.71 -20.20
CA HIS E 75 38.87 -1.75 -20.74
C HIS E 75 38.42 -0.32 -21.05
N PRO E 76 38.83 0.21 -22.19
CA PRO E 76 38.47 1.60 -22.52
C PRO E 76 37.00 1.73 -22.87
N GLY E 77 36.43 2.87 -22.49
CA GLY E 77 35.03 3.14 -22.74
C GLY E 77 34.06 2.46 -21.80
N HIS E 78 34.56 1.74 -20.79
CA HIS E 78 33.71 1.03 -19.84
C HIS E 78 33.83 1.55 -18.42
N ILE E 79 34.63 2.59 -18.20
CA ILE E 79 34.80 3.20 -16.90
C ILE E 79 34.36 4.66 -17.00
N LEU E 80 33.61 5.12 -16.00
CA LEU E 80 33.11 6.48 -16.02
C LEU E 80 34.26 7.48 -15.97
N GLN E 81 33.98 8.69 -16.48
CA GLN E 81 34.98 9.74 -16.47
C GLN E 81 35.16 10.30 -15.05
N ASP E 82 36.23 11.06 -14.87
CA ASP E 82 36.48 11.69 -13.57
C ASP E 82 35.37 12.67 -13.20
N GLU E 83 34.74 13.30 -14.20
CA GLU E 83 33.65 14.22 -13.92
C GLU E 83 32.40 13.51 -13.41
N ASP E 84 32.27 12.21 -13.68
CA ASP E 84 31.09 11.44 -13.26
C ASP E 84 31.31 10.64 -12.00
N LEU E 85 32.53 10.60 -11.46
CA LEU E 85 32.81 9.87 -10.23
C LEU E 85 32.34 10.68 -9.02
N GLN E 86 31.72 9.98 -8.07
CA GLN E 86 31.16 10.62 -6.90
C GLN E 86 30.98 9.59 -5.79
N TRP E 87 31.27 10.00 -4.55
CA TRP E 87 31.01 9.16 -3.40
C TRP E 87 29.56 9.32 -2.98
N VAL E 88 28.81 8.22 -3.02
CA VAL E 88 27.39 8.21 -2.69
C VAL E 88 27.16 7.28 -1.52
N PHE E 89 26.43 7.77 -0.50
CA PHE E 89 26.10 6.94 0.64
C PHE E 89 25.25 5.75 0.20
N VAL E 90 25.36 4.66 0.95
CA VAL E 90 24.66 3.42 0.66
C VAL E 90 24.14 2.86 1.99
N ASN E 91 22.83 2.96 2.20
CA ASN E 91 22.19 2.42 3.38
C ASN E 91 21.36 1.20 2.96
N ALA E 92 21.70 0.04 3.51
CA ALA E 92 21.03 -1.19 3.09
C ALA E 92 21.17 -2.23 4.19
N GLY E 93 20.11 -3.00 4.42
CA GLY E 93 20.14 -4.10 5.35
C GLY E 93 20.54 -3.75 6.76
N GLY E 94 20.44 -2.47 7.13
CA GLY E 94 20.83 -2.01 8.45
C GLY E 94 22.22 -1.43 8.54
N TRP E 95 23.05 -1.61 7.51
CA TRP E 95 24.40 -1.05 7.49
C TRP E 95 24.47 0.16 6.57
N MET E 96 25.52 0.96 6.77
CA MET E 96 25.71 2.20 6.02
C MET E 96 27.17 2.30 5.60
N GLY E 97 27.39 2.46 4.30
CA GLY E 97 28.70 2.69 3.75
C GLY E 97 28.65 3.72 2.64
N SER E 98 29.63 3.71 1.75
CA SER E 98 29.64 4.61 0.61
C SER E 98 30.27 3.89 -0.58
N MET E 99 29.85 4.30 -1.77
CA MET E 99 30.28 3.67 -3.01
C MET E 99 30.73 4.72 -4.00
N CYS E 100 31.59 4.30 -4.91
CA CYS E 100 31.99 5.07 -6.09
C CYS E 100 31.90 4.11 -7.28
N LEU E 101 30.90 4.32 -8.11
CA LEU E 101 30.63 3.42 -9.24
C LEU E 101 31.55 3.74 -10.40
N LEU E 102 32.21 2.71 -10.94
CA LEU E 102 33.08 2.86 -12.10
C LEU E 102 32.46 2.29 -13.37
N HIS E 103 31.85 1.12 -13.28
CA HIS E 103 31.19 0.47 -14.40
C HIS E 103 29.87 -0.13 -13.90
N ALA E 104 28.84 -0.10 -14.74
CA ALA E 104 27.56 -0.69 -14.38
C ALA E 104 26.74 -0.90 -15.64
N SER E 105 26.33 -2.15 -15.88
CA SER E 105 25.48 -2.48 -17.02
C SER E 105 24.29 -3.30 -16.54
N LEU E 106 23.58 -3.94 -17.47
CA LEU E 106 22.48 -4.80 -17.10
C LEU E 106 22.96 -6.11 -16.47
N THR E 107 24.20 -6.52 -16.75
CA THR E 107 24.72 -7.80 -16.27
C THR E 107 25.95 -7.69 -15.41
N GLU E 108 26.59 -6.52 -15.31
CA GLU E 108 27.82 -6.37 -14.54
C GLU E 108 27.85 -5.00 -13.88
N TYR E 109 28.63 -4.91 -12.81
CA TYR E 109 28.92 -3.62 -12.20
C TYR E 109 30.25 -3.70 -11.45
N VAL E 110 30.94 -2.57 -11.39
CA VAL E 110 32.21 -2.43 -10.67
C VAL E 110 32.15 -1.15 -9.85
N LEU E 111 32.56 -1.23 -8.59
CA LEU E 111 32.57 -0.04 -7.75
C LEU E 111 33.62 -0.18 -6.65
N LEU E 112 33.88 0.95 -6.00
CA LEU E 112 34.73 1.00 -4.81
C LEU E 112 33.82 1.24 -3.61
N PHE E 113 33.80 0.30 -2.67
CA PHE E 113 32.87 0.34 -1.55
C PHE E 113 33.62 0.39 -0.24
N GLY E 114 33.05 1.06 0.75
CA GLY E 114 33.66 1.03 2.06
C GLY E 114 33.00 1.96 3.04
N THR E 115 33.45 1.87 4.28
CA THR E 115 32.91 2.65 5.38
C THR E 115 34.05 3.20 6.23
N ALA E 116 33.83 4.41 6.75
CA ALA E 116 34.77 5.05 7.65
C ALA E 116 34.38 4.88 9.11
N VAL E 117 33.28 4.16 9.39
CA VAL E 117 32.82 3.89 10.74
C VAL E 117 32.51 2.42 10.86
N ASP E 118 32.43 1.95 12.11
CA ASP E 118 32.03 0.57 12.36
C ASP E 118 30.58 0.38 11.97
N THR E 119 30.32 -0.63 11.14
CA THR E 119 28.96 -0.90 10.70
C THR E 119 28.80 -2.39 10.44
N GLY E 120 27.56 -2.81 10.21
CA GLY E 120 27.26 -4.20 9.96
C GLY E 120 25.77 -4.45 9.84
N GLY E 121 25.44 -5.56 9.19
CA GLY E 121 24.03 -5.94 9.06
C GLY E 121 23.85 -7.10 8.12
N HIS E 122 22.73 -7.09 7.41
CA HIS E 122 22.41 -8.13 6.45
C HIS E 122 23.24 -7.95 5.18
N SER E 123 23.79 -9.06 4.68
CA SER E 123 24.50 -9.01 3.40
C SER E 123 23.57 -8.68 2.25
N GLY E 124 22.28 -8.99 2.39
CA GLY E 124 21.33 -8.89 1.31
C GLY E 124 21.18 -10.23 0.63
N ARG E 125 19.95 -10.70 0.46
CA ARG E 125 19.75 -11.98 -0.18
C ARG E 125 20.27 -11.91 -1.61
N TYR E 126 21.43 -12.51 -1.85
CA TYR E 126 22.07 -12.43 -3.15
C TYR E 126 21.27 -13.22 -4.18
N TRP E 127 21.04 -12.60 -5.33
CA TRP E 127 20.62 -13.32 -6.53
C TRP E 127 21.52 -12.96 -7.71
N ALA E 128 22.73 -12.49 -7.42
CA ALA E 128 23.80 -12.33 -8.39
C ALA E 128 25.10 -12.64 -7.66
N GLU E 129 26.15 -12.89 -8.43
CA GLU E 129 27.43 -13.28 -7.85
C GLU E 129 28.29 -12.04 -7.59
N ILE E 130 28.76 -11.90 -6.35
CA ILE E 130 29.52 -10.73 -5.95
C ILE E 130 30.88 -11.18 -5.45
N SER E 131 31.88 -10.32 -5.64
CA SER E 131 33.23 -10.59 -5.14
C SER E 131 33.79 -9.31 -4.56
N ASP E 132 34.32 -9.40 -3.34
CA ASP E 132 34.89 -8.26 -2.64
C ASP E 132 36.33 -8.58 -2.25
N THR E 133 37.27 -7.82 -2.81
CA THR E 133 38.69 -7.94 -2.46
C THR E 133 39.04 -6.77 -1.56
N ILE E 134 39.46 -7.07 -0.33
CA ILE E 134 39.68 -6.06 0.69
C ILE E 134 40.97 -5.31 0.39
N LEU E 135 40.90 -3.98 0.43
CA LEU E 135 42.09 -3.14 0.37
C LEU E 135 42.56 -2.68 1.74
N SER E 136 41.62 -2.38 2.64
CA SER E 136 41.97 -2.01 4.01
C SER E 136 40.81 -2.37 4.93
N GLY E 137 41.12 -2.57 6.20
CA GLY E 137 40.11 -2.92 7.17
C GLY E 137 39.88 -4.42 7.26
N THR E 138 38.79 -4.77 7.94
CA THR E 138 38.44 -6.16 8.15
C THR E 138 37.00 -6.41 7.68
N PHE E 139 36.73 -7.65 7.29
CA PHE E 139 35.42 -8.08 6.82
C PHE E 139 35.04 -9.32 7.62
N ARG E 140 34.04 -9.21 8.49
CA ARG E 140 33.54 -10.35 9.24
C ARG E 140 32.29 -10.87 8.54
N GLN E 141 32.35 -12.12 8.10
CA GLN E 141 31.24 -12.77 7.40
C GLN E 141 30.70 -13.91 8.27
N TRP E 142 29.39 -13.93 8.45
CA TRP E 142 28.71 -14.97 9.22
C TRP E 142 27.73 -15.66 8.27
N LYS E 143 28.14 -16.80 7.71
CA LYS E 143 27.32 -17.49 6.74
C LYS E 143 26.04 -18.03 7.37
N GLU E 144 25.08 -18.34 6.51
CA GLU E 144 23.79 -18.84 6.95
C GLU E 144 23.90 -20.30 7.37
N GLY E 145 23.19 -20.66 8.43
CA GLY E 145 23.15 -22.02 8.92
C GLY E 145 24.27 -22.39 9.88
N THR E 146 25.26 -21.52 10.06
CA THR E 146 26.35 -21.76 11.00
C THR E 146 26.28 -20.77 12.15
N THR E 147 26.94 -21.13 13.25
CA THR E 147 26.94 -20.32 14.46
C THR E 147 28.27 -19.63 14.72
N LYS E 148 29.18 -19.65 13.74
CA LYS E 148 30.48 -19.03 13.87
C LYS E 148 30.76 -18.19 12.63
N SER E 149 31.58 -17.15 12.82
CA SER E 149 31.92 -16.21 11.75
C SER E 149 33.38 -16.37 11.36
N GLU E 150 33.74 -15.75 10.24
CA GLU E 150 35.09 -15.76 9.72
C GLU E 150 35.54 -14.34 9.44
N ILE E 151 36.82 -14.06 9.69
CA ILE E 151 37.39 -12.75 9.47
C ILE E 151 38.23 -12.80 8.20
N PHE E 152 38.18 -11.72 7.41
CA PHE E 152 38.97 -11.58 6.20
C PHE E 152 39.68 -10.24 6.24
N TYR E 153 40.91 -10.23 5.75
CA TYR E 153 41.84 -9.12 5.90
C TYR E 153 42.22 -8.58 4.53
N PRO E 154 42.94 -7.46 4.44
CA PRO E 154 43.36 -6.96 3.12
C PRO E 154 44.11 -8.03 2.33
N GLY E 155 43.75 -8.16 1.05
CA GLY E 155 44.26 -9.19 0.18
C GLY E 155 43.31 -10.35 -0.02
N ASP E 156 42.48 -10.66 0.98
CA ASP E 156 41.50 -11.71 0.85
C ASP E 156 40.39 -11.29 -0.11
N THR E 157 39.69 -12.29 -0.66
CA THR E 157 38.59 -12.08 -1.58
C THR E 157 37.41 -12.91 -1.11
N ILE E 158 36.36 -12.25 -0.64
CA ILE E 158 35.14 -12.91 -0.23
C ILE E 158 34.21 -13.03 -1.43
N VAL E 159 33.77 -14.24 -1.72
CA VAL E 159 32.88 -14.51 -2.84
C VAL E 159 31.49 -14.78 -2.29
N HIS E 160 30.55 -13.90 -2.60
CA HIS E 160 29.15 -14.08 -2.25
C HIS E 160 28.47 -14.76 -3.45
N GLU E 161 28.10 -16.02 -3.26
CA GLU E 161 27.61 -16.85 -4.35
C GLU E 161 26.16 -16.50 -4.69
N VAL E 162 25.54 -17.29 -5.57
CA VAL E 162 24.23 -16.95 -6.10
C VAL E 162 23.16 -17.07 -5.03
N GLY E 163 23.19 -18.15 -4.25
CA GLY E 163 22.16 -18.40 -3.26
C GLY E 163 22.47 -17.94 -1.85
N GLU E 164 23.65 -17.38 -1.60
CA GLU E 164 24.11 -17.12 -0.24
C GLU E 164 23.43 -15.90 0.36
N ALA E 165 23.16 -15.97 1.66
CA ALA E 165 22.81 -14.82 2.48
C ALA E 165 23.60 -14.94 3.78
N THR E 166 24.24 -13.85 4.20
CA THR E 166 25.13 -13.88 5.35
C THR E 166 24.93 -12.62 6.19
N SER E 167 25.68 -12.54 7.28
CA SER E 167 25.75 -11.35 8.12
C SER E 167 27.11 -10.71 7.90
N VAL E 168 27.12 -9.48 7.38
CA VAL E 168 28.37 -8.78 7.08
C VAL E 168 28.66 -7.78 8.19
N GLN E 169 29.94 -7.55 8.44
CA GLN E 169 30.35 -6.52 9.40
C GLN E 169 31.68 -5.95 8.96
N TRP E 170 31.79 -4.62 8.99
CA TRP E 170 33.01 -3.93 8.58
C TRP E 170 33.44 -2.97 9.66
N SER E 171 34.72 -3.01 10.00
CA SER E 171 35.30 -2.12 10.99
C SER E 171 35.52 -0.74 10.37
N SER E 172 35.84 0.23 11.24
CA SER E 172 36.04 1.60 10.79
C SER E 172 37.20 1.68 9.81
N GLY E 173 36.99 2.37 8.70
CA GLY E 173 38.04 2.53 7.71
C GLY E 173 38.22 1.33 6.80
N THR E 174 37.18 0.53 6.58
CA THR E 174 37.27 -0.64 5.73
C THR E 174 36.89 -0.27 4.30
N TRP E 175 37.78 -0.58 3.35
CA TRP E 175 37.59 -0.20 1.96
C TRP E 175 38.02 -1.36 1.06
N MET E 176 37.25 -1.57 0.00
CA MET E 176 37.44 -2.71 -0.88
C MET E 176 36.89 -2.37 -2.27
N VAL E 177 37.24 -3.21 -3.24
CA VAL E 177 36.77 -3.10 -4.61
C VAL E 177 35.78 -4.24 -4.85
N GLU E 178 34.59 -3.91 -5.34
CA GLU E 178 33.51 -4.87 -5.49
C GLU E 178 33.13 -4.99 -6.95
N TYR E 179 33.02 -6.23 -7.42
CA TYR E 179 32.59 -6.54 -8.77
C TYR E 179 31.42 -7.50 -8.69
N GLY E 180 30.32 -7.15 -9.33
CA GLY E 180 29.11 -7.97 -9.32
C GLY E 180 28.73 -8.41 -10.72
N ARG E 181 28.36 -9.68 -10.84
CA ARG E 181 27.99 -10.30 -12.11
C ARG E 181 26.69 -11.06 -11.92
N GLY E 182 25.76 -10.88 -12.86
CA GLY E 182 24.47 -11.53 -12.80
C GLY E 182 23.35 -10.57 -13.18
N PHE E 183 22.17 -10.74 -12.59
CA PHE E 183 21.07 -9.82 -12.82
C PHE E 183 21.21 -8.65 -11.85
N ILE E 184 21.85 -7.58 -12.33
CA ILE E 184 22.19 -6.42 -11.51
C ILE E 184 20.96 -5.68 -11.01
N PRO E 185 19.92 -5.43 -11.84
CA PRO E 185 18.76 -4.69 -11.33
C PRO E 185 18.12 -5.30 -10.09
N SER E 186 18.15 -6.64 -9.95
CA SER E 186 17.56 -7.27 -8.78
C SER E 186 18.23 -6.83 -7.48
N THR E 187 19.48 -6.36 -7.55
CA THR E 187 20.14 -5.86 -6.36
C THR E 187 19.68 -4.45 -5.99
N LEU E 188 19.24 -3.67 -6.99
CA LEU E 188 18.89 -2.27 -6.76
C LEU E 188 17.92 -2.12 -5.60
N ALA E 189 16.87 -2.96 -5.57
CA ALA E 189 15.90 -2.90 -4.49
C ALA E 189 16.59 -2.94 -3.14
N PHE E 190 17.42 -3.97 -2.90
CA PHE E 190 18.11 -4.07 -1.63
C PHE E 190 19.00 -2.85 -1.39
N ALA E 191 19.64 -2.35 -2.43
CA ALA E 191 20.53 -1.21 -2.27
C ALA E 191 19.80 0.06 -1.87
N LEU E 192 18.47 0.11 -2.07
CA LEU E 192 17.71 1.32 -1.79
C LEU E 192 16.67 1.17 -0.69
N ALA E 193 16.49 -0.03 -0.14
CA ALA E 193 15.45 -0.27 0.86
C ALA E 193 15.56 0.71 2.02
N ASP E 194 16.71 0.72 2.69
CA ASP E 194 16.89 1.62 3.83
C ASP E 194 16.84 3.08 3.40
N THR E 195 17.14 3.37 2.14
CA THR E 195 17.01 4.74 1.66
C THR E 195 15.54 5.18 1.62
N ILE E 196 14.63 4.24 1.40
CA ILE E 196 13.21 4.56 1.28
C ILE E 196 12.51 4.55 2.63
N PHE E 197 12.70 3.50 3.42
CA PHE E 197 11.93 3.27 4.63
C PHE E 197 12.69 3.57 5.92
N SER E 198 13.91 4.10 5.84
CA SER E 198 14.67 4.35 7.06
C SER E 198 15.30 5.74 7.07
N THR E 199 16.14 6.03 6.08
CA THR E 199 16.87 7.29 6.06
C THR E 199 16.08 8.44 5.44
N GLN E 200 15.12 8.13 4.56
CA GLN E 200 14.36 9.14 3.82
C GLN E 200 15.26 10.06 3.01
N ASP E 201 16.45 9.58 2.65
CA ASP E 201 17.45 10.40 1.95
C ASP E 201 17.14 10.33 0.47
N PHE E 202 16.30 11.25 0.01
CA PHE E 202 15.91 11.27 -1.39
C PHE E 202 17.03 11.75 -2.29
N LEU E 203 17.96 12.57 -1.76
CA LEU E 203 19.06 13.04 -2.58
C LEU E 203 20.09 11.93 -2.83
N THR E 204 20.27 11.03 -1.87
CA THR E 204 21.13 9.87 -2.11
C THR E 204 20.51 8.94 -3.15
N LEU E 205 19.19 8.75 -3.09
CA LEU E 205 18.51 7.97 -4.13
C LEU E 205 18.67 8.64 -5.49
N PHE E 206 18.54 9.97 -5.53
CA PHE E 206 18.78 10.74 -6.74
C PHE E 206 20.17 10.46 -7.29
N TYR E 207 21.20 10.57 -6.44
CA TYR E 207 22.57 10.34 -6.88
C TYR E 207 22.77 8.92 -7.38
N THR E 208 22.19 7.94 -6.68
CA THR E 208 22.35 6.54 -7.06
C THR E 208 21.75 6.26 -8.44
N VAL E 209 20.49 6.65 -8.63
CA VAL E 209 19.86 6.39 -9.93
C VAL E 209 20.54 7.22 -11.03
N LYS E 210 21.07 8.39 -10.68
CA LYS E 210 21.74 9.22 -11.68
C LYS E 210 23.04 8.57 -12.15
N VAL E 211 23.86 8.08 -11.21
CA VAL E 211 25.11 7.46 -11.61
C VAL E 211 24.86 6.14 -12.34
N TYR E 212 23.81 5.41 -11.95
CA TYR E 212 23.49 4.18 -12.68
C TYR E 212 23.04 4.48 -14.11
N SER E 213 22.20 5.51 -14.28
CA SER E 213 21.79 5.89 -15.62
C SER E 213 22.97 6.37 -16.46
N LYS E 214 23.92 7.08 -15.82
CA LYS E 214 25.09 7.54 -16.55
C LYS E 214 25.97 6.37 -16.98
N ALA E 215 26.12 5.36 -16.12
CA ALA E 215 26.88 4.17 -16.50
C ALA E 215 26.22 3.42 -17.64
N LEU E 216 24.89 3.27 -17.58
CA LEU E 216 24.17 2.60 -18.67
C LEU E 216 24.30 3.38 -19.97
N LEU E 217 24.25 4.71 -19.90
CA LEU E 217 24.38 5.54 -21.09
C LEU E 217 25.78 5.42 -21.69
N LEU E 218 26.82 5.40 -20.84
CA LEU E 218 28.18 5.21 -21.33
C LEU E 218 28.32 3.85 -22.01
N GLU E 219 27.75 2.81 -21.41
CA GLU E 219 27.84 1.48 -22.02
C GLU E 219 27.16 1.47 -23.39
N ALA E 220 25.98 2.10 -23.48
CA ALA E 220 25.27 2.15 -24.76
C ALA E 220 26.06 2.94 -25.81
N SER E 221 26.71 4.03 -25.39
CA SER E 221 27.48 4.83 -26.34
C SER E 221 28.66 4.04 -26.90
N THR E 222 29.39 3.33 -26.04
CA THR E 222 30.50 2.51 -26.51
C THR E 222 29.99 1.39 -27.41
N HIS E 223 28.85 0.80 -27.04
CA HIS E 223 28.25 -0.25 -27.85
C HIS E 223 27.93 0.27 -29.25
N LEU E 224 27.37 1.49 -29.34
CA LEU E 224 27.08 2.09 -30.63
C LEU E 224 28.37 2.37 -31.41
N SER E 225 29.41 2.82 -30.73
CA SER E 225 30.66 3.12 -31.43
C SER E 225 31.40 1.87 -31.91
N GLN E 226 31.14 0.70 -31.30
CA GLN E 226 31.85 -0.53 -31.67
C GLN E 226 31.09 -1.35 -32.73
N LEU E 227 31.20 -0.91 -33.99
CA LEU E 227 30.70 -1.65 -35.13
C LEU E 227 31.78 -2.30 -36.00
N GLY E 228 33.05 -2.01 -35.77
CA GLY E 228 34.06 -2.49 -36.70
C GLY E 228 34.42 -3.95 -36.56
N SER F 6 0.59 31.11 12.42
CA SER F 6 -0.54 30.96 13.33
C SER F 6 -1.53 29.93 12.81
N VAL F 7 -1.86 30.02 11.52
CA VAL F 7 -2.78 29.04 10.93
C VAL F 7 -2.07 27.71 10.69
N ASP F 8 -0.83 27.75 10.21
CA ASP F 8 -0.07 26.52 10.02
C ASP F 8 0.18 25.81 11.34
N THR F 9 0.36 26.57 12.43
CA THR F 9 0.51 25.97 13.75
C THR F 9 -0.76 25.21 14.14
N MET F 10 -1.93 25.81 13.91
CA MET F 10 -3.19 25.16 14.22
C MET F 10 -3.38 23.89 13.37
N ALA F 11 -3.06 23.97 12.08
CA ALA F 11 -3.17 22.79 11.23
C ALA F 11 -2.25 21.67 11.68
N LEU F 12 -1.01 22.02 12.05
CA LEU F 12 -0.07 21.02 12.53
C LEU F 12 -0.54 20.40 13.84
N TRP F 13 -1.09 21.21 14.74
CA TRP F 13 -1.60 20.69 16.00
C TRP F 13 -2.77 19.74 15.77
N LEU F 14 -3.66 20.08 14.84
CA LEU F 14 -4.79 19.21 14.54
C LEU F 14 -4.32 17.89 13.93
N GLY F 15 -3.38 17.95 13.00
CA GLY F 15 -2.83 16.73 12.44
C GLY F 15 -2.14 15.87 13.47
N LEU F 16 -1.39 16.50 14.39
CA LEU F 16 -0.73 15.76 15.45
C LEU F 16 -1.75 15.11 16.38
N ARG F 17 -2.86 15.80 16.66
CA ARG F 17 -3.89 15.20 17.50
C ARG F 17 -4.56 14.01 16.80
N ALA F 18 -4.75 14.11 15.48
CA ALA F 18 -5.29 12.98 14.73
C ALA F 18 -4.35 11.79 14.80
N VAL F 19 -3.06 12.01 14.55
CA VAL F 19 -2.08 10.92 14.65
C VAL F 19 -2.04 10.37 16.07
N LEU F 20 -2.19 11.25 17.07
CA LEU F 20 -2.16 10.82 18.46
C LEU F 20 -3.32 9.88 18.76
N VAL F 21 -4.53 10.25 18.37
CA VAL F 21 -5.67 9.39 18.68
C VAL F 21 -5.61 8.10 17.87
N VAL F 22 -5.09 8.15 16.63
CA VAL F 22 -4.96 6.91 15.85
C VAL F 22 -3.98 5.96 16.52
N ALA F 23 -2.82 6.48 16.95
CA ALA F 23 -1.83 5.62 17.61
C ALA F 23 -2.36 5.10 18.93
N GLY F 24 -3.11 5.92 19.66
CA GLY F 24 -3.72 5.46 20.90
C GLY F 24 -4.71 4.33 20.66
N LEU F 25 -5.52 4.44 19.60
CA LEU F 25 -6.43 3.37 19.24
C LEU F 25 -5.66 2.10 18.88
N ALA F 26 -4.55 2.24 18.16
CA ALA F 26 -3.73 1.07 17.83
C ALA F 26 -3.20 0.38 19.08
N VAL F 27 -2.67 1.17 20.02
CA VAL F 27 -2.13 0.61 21.26
C VAL F 27 -3.24 -0.05 22.06
N LEU F 28 -4.43 0.58 22.09
CA LEU F 28 -5.56 0.00 22.82
C LEU F 28 -5.99 -1.31 22.20
N LEU F 29 -6.00 -1.40 20.87
CA LEU F 29 -6.35 -2.67 20.23
C LEU F 29 -5.31 -3.74 20.53
N GLN F 30 -4.03 -3.36 20.57
CA GLN F 30 -3.00 -4.33 20.95
C GLN F 30 -3.23 -4.83 22.37
N LEU F 31 -3.54 -3.92 23.30
CA LEU F 31 -3.82 -4.31 24.67
C LEU F 31 -5.04 -5.21 24.76
N ILE F 32 -6.06 -4.93 23.95
CA ILE F 32 -7.28 -5.73 23.99
C ILE F 32 -7.03 -7.13 23.45
N ARG F 33 -6.24 -7.25 22.37
CA ARG F 33 -5.90 -8.57 21.87
C ARG F 33 -4.99 -9.32 22.84
N GLY F 34 -4.21 -8.59 23.64
CA GLY F 34 -3.42 -9.25 24.68
C GLY F 34 -4.29 -9.74 25.82
N TRP F 35 -5.25 -8.93 26.26
CA TRP F 35 -6.14 -9.30 27.35
C TRP F 35 -7.03 -10.48 26.97
N LEU F 36 -7.78 -10.33 25.88
CA LEU F 36 -8.73 -11.34 25.42
C LEU F 36 -8.08 -12.53 24.73
N SER F 37 -6.77 -12.72 24.87
CA SER F 37 -6.14 -13.88 24.25
C SER F 37 -6.38 -15.12 25.09
N SER F 38 -6.13 -16.28 24.46
CA SER F 38 -6.28 -17.55 25.15
C SER F 38 -5.18 -17.72 26.20
N LYS F 39 -5.51 -18.44 27.27
CA LYS F 39 -4.57 -18.65 28.37
C LYS F 39 -4.39 -20.13 28.67
N SER F 40 -4.43 -20.98 27.63
CA SER F 40 -4.13 -22.40 27.75
C SER F 40 -2.64 -22.57 27.52
N TYR F 41 -1.90 -22.88 28.59
CA TYR F 41 -0.45 -22.91 28.57
C TYR F 41 0.07 -24.33 28.73
N VAL F 42 1.05 -24.69 27.89
CA VAL F 42 1.68 -26.00 27.96
C VAL F 42 2.92 -25.98 28.84
N PHE F 43 3.73 -24.93 28.72
CA PHE F 43 4.96 -24.77 29.50
C PHE F 43 4.75 -23.72 30.58
N ASN F 44 5.81 -23.51 31.36
CA ASN F 44 5.88 -22.40 32.31
C ASN F 44 7.25 -21.75 32.19
N ARG F 45 7.28 -20.43 32.41
CA ARG F 45 8.52 -19.69 32.22
C ARG F 45 9.59 -20.11 33.22
N GLU F 46 9.19 -20.52 34.43
CA GLU F 46 10.16 -20.98 35.41
C GLU F 46 10.81 -22.28 34.98
N GLU F 47 10.03 -23.17 34.35
CA GLU F 47 10.57 -24.44 33.86
C GLU F 47 11.66 -24.20 32.82
N ILE F 48 11.37 -23.39 31.81
CA ILE F 48 12.35 -23.10 30.76
C ILE F 48 13.56 -22.38 31.35
N ALA F 49 13.31 -21.45 32.27
CA ALA F 49 14.41 -20.71 32.88
C ALA F 49 15.34 -21.64 33.64
N ARG F 50 14.77 -22.57 34.42
CA ARG F 50 15.61 -23.50 35.18
C ARG F 50 16.36 -24.45 34.26
N LEU F 51 15.67 -24.97 33.23
CA LEU F 51 16.32 -25.88 32.30
C LEU F 51 17.48 -25.21 31.56
N ALA F 52 17.32 -23.93 31.22
CA ALA F 52 18.38 -23.23 30.52
C ALA F 52 19.53 -22.85 31.46
N LYS F 53 19.20 -22.43 32.69
CA LYS F 53 20.24 -22.08 33.65
C LYS F 53 21.05 -23.29 34.07
N GLU F 54 20.45 -24.49 34.03
CA GLU F 54 21.18 -25.69 34.42
C GLU F 54 22.34 -25.98 33.48
N HIS F 55 22.18 -25.68 32.19
CA HIS F 55 23.20 -25.98 31.18
C HIS F 55 23.95 -24.75 30.69
N SER F 56 23.90 -23.64 31.43
CA SER F 56 24.56 -22.42 30.99
C SER F 56 26.07 -22.50 31.14
N GLY F 57 26.60 -23.44 31.92
CA GLY F 57 28.03 -23.53 32.12
C GLY F 57 28.78 -24.29 31.04
N LEU F 58 28.08 -25.12 30.27
CA LEU F 58 28.71 -25.90 29.22
C LEU F 58 28.90 -25.04 27.97
N ASP F 59 29.46 -25.65 26.92
CA ASP F 59 29.48 -25.01 25.61
C ASP F 59 28.04 -24.85 25.11
N TYR F 60 27.81 -23.75 24.38
CA TYR F 60 26.43 -23.40 24.03
C TYR F 60 25.81 -24.41 23.07
N GLU F 61 26.63 -25.10 22.26
CA GLU F 61 26.09 -26.12 21.37
C GLU F 61 25.67 -27.37 22.15
N VAL F 62 26.53 -27.83 23.07
CA VAL F 62 26.17 -28.94 23.94
C VAL F 62 24.97 -28.57 24.79
N ALA F 63 24.89 -27.31 25.24
CA ALA F 63 23.74 -26.85 26.01
C ALA F 63 22.47 -26.91 25.17
N PHE F 64 22.54 -26.44 23.93
CA PHE F 64 21.40 -26.55 23.02
C PHE F 64 20.95 -28.00 22.89
N SER F 65 21.90 -28.91 22.64
CA SER F 65 21.55 -30.30 22.43
C SER F 65 20.88 -30.90 23.67
N LYS F 66 21.46 -30.67 24.85
CA LYS F 66 20.90 -31.25 26.07
C LYS F 66 19.54 -30.64 26.40
N ILE F 67 19.36 -29.34 26.17
CA ILE F 67 18.08 -28.71 26.44
C ILE F 67 17.01 -29.25 25.49
N ILE F 68 17.35 -29.43 24.21
CA ILE F 68 16.40 -29.99 23.26
C ILE F 68 16.02 -31.40 23.65
N VAL F 69 17.01 -32.21 24.06
CA VAL F 69 16.72 -33.59 24.47
C VAL F 69 15.80 -33.60 25.68
N GLU F 70 16.08 -32.75 26.67
CA GLU F 70 15.23 -32.72 27.87
C GLU F 70 13.82 -32.23 27.54
N LEU F 71 13.70 -31.26 26.64
CA LEU F 71 12.38 -30.77 26.25
C LEU F 71 11.58 -31.84 25.53
N ARG F 72 12.23 -32.60 24.65
CA ARG F 72 11.53 -33.71 23.99
C ARG F 72 11.19 -34.82 24.97
N LYS F 73 11.99 -34.99 26.02
CA LYS F 73 11.71 -36.02 27.01
C LYS F 73 10.52 -35.64 27.90
N LYS F 74 10.46 -34.38 28.32
CA LYS F 74 9.44 -33.95 29.27
C LYS F 74 8.12 -33.54 28.62
N HIS F 75 8.11 -33.21 27.33
CA HIS F 75 6.89 -32.83 26.62
C HIS F 75 6.87 -33.51 25.25
N PRO F 76 6.48 -34.78 25.20
CA PRO F 76 6.48 -35.50 23.92
C PRO F 76 5.35 -35.00 23.02
N GLY F 77 5.71 -34.71 21.77
CA GLY F 77 4.75 -34.22 20.79
C GLY F 77 4.62 -32.71 20.71
N HIS F 78 5.41 -31.97 21.46
CA HIS F 78 5.36 -30.51 21.44
C HIS F 78 6.65 -29.87 20.96
N ILE F 79 7.66 -30.66 20.60
CA ILE F 79 8.93 -30.16 20.10
C ILE F 79 9.15 -30.73 18.70
N LEU F 80 9.63 -29.87 17.79
CA LEU F 80 9.85 -30.28 16.42
C LEU F 80 10.94 -31.35 16.35
N GLN F 81 10.89 -32.13 15.28
CA GLN F 81 11.88 -33.17 15.03
C GLN F 81 13.19 -32.57 14.56
N ASP F 82 14.24 -33.40 14.52
CA ASP F 82 15.54 -32.94 14.04
C ASP F 82 15.47 -32.50 12.59
N GLU F 83 14.57 -33.10 11.79
CA GLU F 83 14.41 -32.73 10.40
C GLU F 83 13.81 -31.35 10.23
N ASP F 84 13.10 -30.83 11.23
CA ASP F 84 12.43 -29.54 11.14
C ASP F 84 13.22 -28.42 11.81
N LEU F 85 14.32 -28.72 12.47
CA LEU F 85 15.13 -27.70 13.11
C LEU F 85 15.99 -26.99 12.08
N GLN F 86 16.06 -25.66 12.18
CA GLN F 86 16.80 -24.87 11.21
C GLN F 86 17.13 -23.51 11.81
N TRP F 87 18.33 -23.03 11.53
CA TRP F 87 18.74 -21.69 11.93
C TRP F 87 18.25 -20.69 10.89
N VAL F 88 17.40 -19.75 11.31
CA VAL F 88 16.82 -18.76 10.42
C VAL F 88 17.20 -17.37 10.93
N PHE F 89 17.72 -16.54 10.03
CA PHE F 89 18.07 -15.17 10.39
C PHE F 89 16.83 -14.40 10.84
N VAL F 90 17.05 -13.42 11.71
CA VAL F 90 15.99 -12.59 12.27
C VAL F 90 16.50 -11.15 12.29
N ASN F 91 15.98 -10.33 11.40
CA ASN F 91 16.32 -8.91 11.33
C ASN F 91 15.12 -8.11 11.82
N ALA F 92 15.31 -7.34 12.89
CA ALA F 92 14.19 -6.60 13.47
C ALA F 92 14.73 -5.46 14.30
N GLY F 93 14.02 -4.32 14.23
CA GLY F 93 14.35 -3.17 15.06
C GLY F 93 15.77 -2.65 14.93
N GLY F 94 16.44 -2.97 13.83
CA GLY F 94 17.81 -2.57 13.62
C GLY F 94 18.85 -3.60 14.00
N TRP F 95 18.47 -4.65 14.72
CA TRP F 95 19.41 -5.71 15.09
C TRP F 95 19.19 -6.95 14.24
N MET F 96 20.21 -7.81 14.21
CA MET F 96 20.19 -9.03 13.41
C MET F 96 20.72 -10.17 14.25
N GLY F 97 19.93 -11.23 14.37
CA GLY F 97 20.37 -12.45 15.03
C GLY F 97 19.89 -13.68 14.27
N SER F 98 19.79 -14.82 14.95
CA SER F 98 19.26 -16.02 14.34
C SER F 98 18.52 -16.82 15.40
N MET F 99 17.53 -17.57 14.93
CA MET F 99 16.64 -18.33 15.81
C MET F 99 16.55 -19.77 15.31
N CYS F 100 16.24 -20.66 16.26
CA CYS F 100 15.90 -22.05 15.98
C CYS F 100 14.65 -22.36 16.78
N LEU F 101 13.51 -22.49 16.09
CA LEU F 101 12.23 -22.69 16.76
C LEU F 101 12.05 -24.15 17.15
N LEU F 102 11.68 -24.40 18.41
CA LEU F 102 11.40 -25.74 18.89
C LEU F 102 9.92 -26.00 19.11
N HIS F 103 9.22 -25.03 19.69
CA HIS F 103 7.78 -25.11 19.92
C HIS F 103 7.16 -23.77 19.60
N ALA F 104 5.96 -23.78 19.04
CA ALA F 104 5.24 -22.54 18.73
C ALA F 104 3.78 -22.87 18.51
N SER F 105 2.90 -22.22 19.27
CA SER F 105 1.46 -22.39 19.13
C SER F 105 0.84 -21.00 19.04
N LEU F 106 -0.48 -20.93 19.21
CA LEU F 106 -1.17 -19.65 19.21
C LEU F 106 -0.89 -18.85 20.47
N THR F 107 -0.51 -19.51 21.58
CA THR F 107 -0.34 -18.84 22.85
C THR F 107 1.07 -18.97 23.44
N GLU F 108 1.93 -19.83 22.89
CA GLU F 108 3.26 -20.04 23.43
C GLU F 108 4.24 -20.30 22.30
N TYR F 109 5.51 -20.04 22.57
CA TYR F 109 6.57 -20.43 21.64
C TYR F 109 7.88 -20.57 22.41
N VAL F 110 8.73 -21.47 21.92
CA VAL F 110 10.05 -21.71 22.49
C VAL F 110 11.06 -21.74 21.35
N LEU F 111 12.20 -21.06 21.55
CA LEU F 111 13.23 -21.07 20.52
C LEU F 111 14.59 -20.81 21.16
N LEU F 112 15.63 -21.05 20.37
CA LEU F 112 17.01 -20.72 20.72
C LEU F 112 17.43 -19.53 19.88
N PHE F 113 17.75 -18.41 20.52
CA PHE F 113 18.05 -17.18 19.82
C PHE F 113 19.45 -16.69 20.17
N GLY F 114 20.12 -16.09 19.18
CA GLY F 114 21.41 -15.50 19.46
C GLY F 114 22.09 -15.01 18.20
N THR F 115 23.22 -14.35 18.41
CA THR F 115 24.00 -13.77 17.34
C THR F 115 25.48 -14.06 17.56
N ALA F 116 26.20 -14.25 16.46
CA ALA F 116 27.64 -14.47 16.49
C ALA F 116 28.43 -13.20 16.26
N VAL F 117 27.76 -12.06 16.11
CA VAL F 117 28.41 -10.77 15.92
C VAL F 117 27.76 -9.77 16.88
N ASP F 118 28.46 -8.66 17.11
CA ASP F 118 27.92 -7.60 17.93
C ASP F 118 26.75 -6.94 17.22
N THR F 119 25.61 -6.85 17.91
CA THR F 119 24.42 -6.25 17.33
C THR F 119 23.60 -5.61 18.43
N GLY F 120 22.58 -4.86 18.03
CA GLY F 120 21.73 -4.19 18.99
C GLY F 120 20.71 -3.30 18.31
N GLY F 121 19.65 -3.01 19.05
CA GLY F 121 18.62 -2.12 18.54
C GLY F 121 17.42 -2.07 19.47
N HIS F 122 16.24 -1.92 18.87
CA HIS F 122 15.01 -1.89 19.62
C HIS F 122 14.63 -3.28 20.09
N SER F 123 14.22 -3.39 21.36
CA SER F 123 13.72 -4.66 21.87
C SER F 123 12.45 -5.09 21.16
N GLY F 124 11.70 -4.13 20.64
CA GLY F 124 10.38 -4.38 20.09
C GLY F 124 9.33 -4.10 21.13
N ARG F 125 8.32 -3.31 20.79
CA ARG F 125 7.27 -3.00 21.75
C ARG F 125 6.54 -4.28 22.13
N TYR F 126 6.81 -4.78 23.33
CA TYR F 126 6.24 -6.04 23.75
C TYR F 126 4.75 -5.88 23.97
N TRP F 127 3.97 -6.84 23.46
CA TRP F 127 2.58 -7.02 23.87
C TRP F 127 2.34 -8.49 24.23
N ALA F 128 3.40 -9.22 24.55
CA ALA F 128 3.34 -10.55 25.14
C ALA F 128 4.53 -10.67 26.09
N GLU F 129 4.47 -11.67 26.96
CA GLU F 129 5.50 -11.83 27.98
C GLU F 129 6.60 -12.75 27.46
N ILE F 130 7.85 -12.28 27.52
CA ILE F 130 8.98 -13.01 26.98
C ILE F 130 9.99 -13.23 28.10
N SER F 131 10.74 -14.32 28.00
CA SER F 131 11.80 -14.62 28.95
C SER F 131 13.02 -15.14 28.21
N ASP F 132 14.19 -14.57 28.50
CA ASP F 132 15.44 -14.95 27.86
C ASP F 132 16.44 -15.35 28.94
N THR F 133 16.86 -16.62 28.93
CA THR F 133 17.89 -17.11 29.83
C THR F 133 19.18 -17.27 29.05
N ILE F 134 20.22 -16.52 29.44
CA ILE F 134 21.45 -16.46 28.67
C ILE F 134 22.25 -17.73 28.88
N LEU F 135 22.72 -18.33 27.79
CA LEU F 135 23.66 -19.44 27.83
C LEU F 135 25.10 -18.99 27.62
N SER F 136 25.33 -18.03 26.75
CA SER F 136 26.66 -17.49 26.53
C SER F 136 26.55 -16.05 26.06
N GLY F 137 27.61 -15.29 26.30
CA GLY F 137 27.64 -13.89 25.90
C GLY F 137 27.07 -12.97 26.95
N THR F 138 26.85 -11.72 26.54
CA THR F 138 26.33 -10.70 27.43
C THR F 138 25.08 -10.07 26.81
N PHE F 139 24.22 -9.54 27.68
CA PHE F 139 22.98 -8.89 27.27
C PHE F 139 22.94 -7.53 27.95
N ARG F 140 23.05 -6.45 27.17
CA ARG F 140 22.92 -5.10 27.69
C ARG F 140 21.50 -4.62 27.42
N GLN F 141 20.78 -4.32 28.49
CA GLN F 141 19.40 -3.85 28.42
C GLN F 141 19.33 -2.42 28.92
N TRP F 142 18.67 -1.56 28.14
CA TRP F 142 18.48 -0.16 28.48
C TRP F 142 16.97 0.09 28.55
N LYS F 143 16.42 0.06 29.76
CA LYS F 143 14.99 0.21 29.93
C LYS F 143 14.54 1.61 29.52
N GLU F 144 13.23 1.74 29.28
CA GLU F 144 12.67 3.01 28.86
C GLU F 144 12.56 3.96 30.03
N GLY F 145 12.84 5.24 29.78
CA GLY F 145 12.74 6.27 30.78
C GLY F 145 13.96 6.45 31.66
N THR F 146 14.95 5.58 31.56
CA THR F 146 16.18 5.69 32.34
C THR F 146 17.35 5.99 31.42
N THR F 147 18.43 6.52 32.02
CA THR F 147 19.62 6.91 31.29
C THR F 147 20.80 5.97 31.54
N LYS F 148 20.56 4.81 32.16
CA LYS F 148 21.60 3.84 32.45
C LYS F 148 21.14 2.46 32.02
N SER F 149 22.11 1.61 31.70
CA SER F 149 21.87 0.26 31.22
C SER F 149 22.28 -0.76 32.27
N GLU F 150 21.86 -2.01 32.04
CA GLU F 150 22.20 -3.12 32.91
C GLU F 150 22.77 -4.26 32.08
N ILE F 151 23.75 -4.97 32.64
CA ILE F 151 24.40 -6.09 31.98
C ILE F 151 23.90 -7.38 32.60
N PHE F 152 23.69 -8.39 31.75
CA PHE F 152 23.29 -9.71 32.19
C PHE F 152 24.20 -10.75 31.54
N TYR F 153 24.53 -11.78 32.31
CA TYR F 153 25.56 -12.75 31.96
C TYR F 153 24.95 -14.15 31.87
N PRO F 154 25.68 -15.16 31.41
CA PRO F 154 25.12 -16.52 31.38
C PRO F 154 24.60 -16.95 32.75
N GLY F 155 23.40 -17.53 32.75
CA GLY F 155 22.71 -17.89 33.96
C GLY F 155 21.61 -16.92 34.34
N ASP F 156 21.77 -15.64 34.00
CA ASP F 156 20.72 -14.67 34.28
C ASP F 156 19.53 -14.90 33.35
N THR F 157 18.36 -14.41 33.80
CA THR F 157 17.13 -14.53 33.03
C THR F 157 16.45 -13.16 33.00
N ILE F 158 16.41 -12.55 31.82
CA ILE F 158 15.73 -11.27 31.64
C ILE F 158 14.28 -11.55 31.26
N VAL F 159 13.36 -10.95 32.01
CA VAL F 159 11.93 -11.11 31.78
C VAL F 159 11.42 -9.82 31.17
N HIS F 160 10.98 -9.89 29.92
CA HIS F 160 10.38 -8.75 29.22
C HIS F 160 8.87 -8.82 29.45
N GLU F 161 8.36 -7.87 30.22
CA GLU F 161 6.97 -7.88 30.69
C GLU F 161 6.05 -7.43 29.55
N VAL F 162 4.76 -7.26 29.88
CA VAL F 162 3.75 -7.01 28.86
C VAL F 162 3.92 -5.63 28.24
N GLY F 163 4.16 -4.61 29.05
CA GLY F 163 4.24 -3.25 28.56
C GLY F 163 5.62 -2.72 28.26
N GLU F 164 6.68 -3.50 28.49
CA GLU F 164 8.04 -2.98 28.44
C GLU F 164 8.51 -2.77 27.01
N ALA F 165 9.28 -1.70 26.80
CA ALA F 165 10.08 -1.50 25.60
C ALA F 165 11.45 -1.01 26.04
N THR F 166 12.50 -1.62 25.49
CA THR F 166 13.86 -1.33 25.93
C THR F 166 14.77 -1.28 24.72
N SER F 167 16.05 -1.00 24.97
CA SER F 167 17.10 -1.08 23.97
C SER F 167 17.95 -2.31 24.29
N VAL F 168 17.98 -3.26 23.36
CA VAL F 168 18.72 -4.50 23.57
C VAL F 168 20.04 -4.42 22.83
N GLN F 169 21.06 -5.09 23.39
CA GLN F 169 22.35 -5.18 22.73
C GLN F 169 22.99 -6.50 23.11
N TRP F 170 23.53 -7.20 22.11
CA TRP F 170 24.15 -8.50 22.31
C TRP F 170 25.56 -8.48 21.73
N SER F 171 26.52 -8.94 22.52
CA SER F 171 27.90 -9.03 22.07
C SER F 171 28.07 -10.26 21.17
N SER F 172 29.24 -10.33 20.53
CA SER F 172 29.52 -11.43 19.61
C SER F 172 29.51 -12.76 20.35
N GLY F 173 28.83 -13.74 19.77
CA GLY F 173 28.75 -15.05 20.37
C GLY F 173 27.75 -15.17 21.50
N THR F 174 26.70 -14.35 21.51
CA THR F 174 25.69 -14.40 22.55
C THR F 174 24.57 -15.34 22.13
N TRP F 175 24.25 -16.30 22.99
CA TRP F 175 23.23 -17.29 22.70
C TRP F 175 22.42 -17.56 23.95
N MET F 176 21.10 -17.74 23.77
CA MET F 176 20.18 -17.84 24.89
C MET F 176 18.96 -18.65 24.44
N VAL F 177 18.16 -19.07 25.42
CA VAL F 177 16.92 -19.78 25.19
C VAL F 177 15.77 -18.85 25.54
N GLU F 178 14.82 -18.70 24.61
CA GLU F 178 13.73 -17.75 24.74
C GLU F 178 12.41 -18.49 24.77
N TYR F 179 11.56 -18.12 25.73
CA TYR F 179 10.21 -18.65 25.86
C TYR F 179 9.24 -17.47 25.91
N GLY F 180 8.25 -17.50 25.02
CA GLY F 180 7.28 -16.43 24.92
C GLY F 180 5.87 -16.95 25.17
N ARG F 181 5.11 -16.18 25.94
CA ARG F 181 3.75 -16.52 26.32
C ARG F 181 2.85 -15.31 26.10
N GLY F 182 1.70 -15.54 25.48
CA GLY F 182 0.77 -14.46 25.18
C GLY F 182 0.17 -14.58 23.80
N PHE F 183 -0.11 -13.46 23.15
CA PHE F 183 -0.61 -13.46 21.78
C PHE F 183 0.60 -13.52 20.85
N ILE F 184 0.97 -14.74 20.47
CA ILE F 184 2.19 -15.00 19.71
C ILE F 184 2.14 -14.41 18.30
N PRO F 185 1.05 -14.55 17.53
CA PRO F 185 1.06 -13.98 16.17
C PRO F 185 1.39 -12.49 16.14
N SER F 186 0.98 -11.73 17.16
CA SER F 186 1.25 -10.30 17.19
C SER F 186 2.74 -9.99 17.17
N THR F 187 3.59 -10.93 17.60
CA THR F 187 5.03 -10.69 17.55
C THR F 187 5.59 -10.87 16.14
N LEU F 188 4.95 -11.72 15.33
CA LEU F 188 5.49 -12.03 14.00
C LEU F 188 5.79 -10.76 13.21
N ALA F 189 4.86 -9.81 13.24
CA ALA F 189 5.04 -8.56 12.51
C ALA F 189 6.40 -7.94 12.84
N PHE F 190 6.67 -7.73 14.13
CA PHE F 190 7.95 -7.12 14.50
C PHE F 190 9.11 -7.98 14.05
N ALA F 191 8.99 -9.30 14.21
CA ALA F 191 10.09 -10.19 13.86
C ALA F 191 10.41 -10.14 12.38
N LEU F 192 9.51 -9.60 11.57
CA LEU F 192 9.71 -9.53 10.13
C LEU F 192 9.84 -8.11 9.63
N ALA F 193 9.74 -7.11 10.51
CA ALA F 193 9.75 -5.71 10.06
C ALA F 193 10.97 -5.41 9.18
N ASP F 194 12.18 -5.57 9.74
CA ASP F 194 13.38 -5.31 8.95
C ASP F 194 13.52 -6.29 7.79
N THR F 195 12.92 -7.48 7.90
CA THR F 195 12.94 -8.40 6.77
C THR F 195 12.13 -7.86 5.59
N ILE F 196 11.11 -7.05 5.87
CA ILE F 196 10.24 -6.52 4.82
C ILE F 196 10.80 -5.23 4.24
N PHE F 197 11.18 -4.29 5.10
CA PHE F 197 11.52 -2.94 4.68
C PHE F 197 13.01 -2.63 4.69
N SER F 198 13.87 -3.61 4.97
CA SER F 198 15.30 -3.35 5.05
C SER F 198 16.13 -4.37 4.28
N THR F 199 15.99 -5.65 4.64
CA THR F 199 16.83 -6.69 4.04
C THR F 199 16.27 -7.23 2.72
N GLN F 200 14.96 -7.13 2.50
CA GLN F 200 14.32 -7.68 1.30
C GLN F 200 14.56 -9.18 1.17
N ASP F 201 14.83 -9.85 2.28
CA ASP F 201 15.17 -11.28 2.28
C ASP F 201 13.88 -12.09 2.29
N PHE F 202 13.37 -12.39 1.10
CA PHE F 202 12.12 -13.13 1.01
C PHE F 202 12.29 -14.60 1.38
N LEU F 203 13.51 -15.14 1.23
CA LEU F 203 13.72 -16.55 1.59
C LEU F 203 13.75 -16.73 3.10
N THR F 204 14.25 -15.74 3.84
CA THR F 204 14.17 -15.79 5.30
C THR F 204 12.72 -15.71 5.77
N LEU F 205 11.91 -14.88 5.11
CA LEU F 205 10.48 -14.85 5.40
C LEU F 205 9.84 -16.20 5.11
N PHE F 206 10.21 -16.82 3.98
CA PHE F 206 9.75 -18.16 3.66
C PHE F 206 10.09 -19.14 4.78
N TYR F 207 11.35 -19.15 5.22
CA TYR F 207 11.77 -20.07 6.27
C TYR F 207 11.01 -19.81 7.57
N THR F 208 10.81 -18.54 7.92
CA THR F 208 10.11 -18.21 9.16
C THR F 208 8.67 -18.70 9.12
N VAL F 209 7.94 -18.36 8.06
CA VAL F 209 6.55 -18.79 8.00
C VAL F 209 6.47 -20.31 7.88
N LYS F 210 7.46 -20.94 7.25
CA LYS F 210 7.45 -22.39 7.12
C LYS F 210 7.63 -23.07 8.47
N VAL F 211 8.60 -22.61 9.27
CA VAL F 211 8.81 -23.24 10.57
C VAL F 211 7.65 -22.94 11.50
N TYR F 212 7.04 -21.75 11.41
CA TYR F 212 5.88 -21.48 12.24
C TYR F 212 4.69 -22.36 11.85
N SER F 213 4.46 -22.54 10.54
CA SER F 213 3.38 -23.41 10.09
C SER F 213 3.63 -24.85 10.50
N LYS F 214 4.89 -25.29 10.46
CA LYS F 214 5.20 -26.65 10.88
C LYS F 214 4.99 -26.83 12.38
N ALA F 215 5.33 -25.83 13.18
CA ALA F 215 5.07 -25.90 14.61
C ALA F 215 3.58 -25.94 14.90
N LEU F 216 2.80 -25.12 14.19
CA LEU F 216 1.35 -25.14 14.36
C LEU F 216 0.77 -26.48 13.94
N LEU F 217 1.28 -27.08 12.86
CA LEU F 217 0.81 -28.38 12.43
C LEU F 217 1.13 -29.45 13.46
N LEU F 218 2.34 -29.40 14.03
CA LEU F 218 2.70 -30.34 15.09
C LEU F 218 1.80 -30.19 16.30
N GLU F 219 1.49 -28.95 16.70
CA GLU F 219 0.61 -28.73 17.84
C GLU F 219 -0.80 -29.25 17.56
N ALA F 220 -1.32 -29.00 16.36
CA ALA F 220 -2.65 -29.50 16.02
C ALA F 220 -2.67 -31.03 15.99
N SER F 221 -1.60 -31.64 15.47
CA SER F 221 -1.52 -33.09 15.43
C SER F 221 -1.46 -33.66 16.84
N THR F 222 -0.70 -33.04 17.74
CA THR F 222 -0.65 -33.50 19.12
C THR F 222 -2.00 -33.36 19.80
N HIS F 223 -2.70 -32.24 19.55
CA HIS F 223 -4.02 -32.05 20.12
C HIS F 223 -4.99 -33.14 19.66
N LEU F 224 -4.99 -33.42 18.35
CA LEU F 224 -5.88 -34.44 17.81
C LEU F 224 -5.51 -35.83 18.33
N SER F 225 -4.22 -36.12 18.45
CA SER F 225 -3.79 -37.41 18.97
C SER F 225 -4.05 -37.55 20.46
N GLN F 226 -4.20 -36.43 21.18
CA GLN F 226 -4.51 -36.51 22.60
C GLN F 226 -6.00 -36.51 22.87
N LEU F 227 -6.82 -36.09 21.90
CA LEU F 227 -8.26 -36.26 22.00
C LEU F 227 -8.78 -37.39 21.14
N GLY F 228 -7.97 -37.93 20.24
CA GLY F 228 -8.39 -38.98 19.35
C GLY F 228 -8.30 -40.37 19.97
#